data_4LTT
# 
_entry.id   4LTT 
# 
_audit_conform.dict_name       mmcif_pdbx.dic 
_audit_conform.dict_version    5.381 
_audit_conform.dict_location   http://mmcif.pdb.org/dictionaries/ascii/mmcif_pdbx.dic 
# 
loop_
_database_2.database_id 
_database_2.database_code 
_database_2.pdbx_database_accession 
_database_2.pdbx_DOI 
PDB   4LTT         pdb_00004ltt 10.2210/pdb4ltt/pdb 
RCSB  RCSB081077   ?            ?                   
WWPDB D_1000081077 ?            ?                   
# 
loop_
_pdbx_database_related.db_name 
_pdbx_database_related.db_id 
_pdbx_database_related.details 
_pdbx_database_related.content_type 
PDB 4LS4 'Crystal structure of L66S mutant toxin from Helicobacter pylori'              unspecified 
PDB 4LSY 'Crystal structure of copper-bound L66S mutant toxin from Helicobacter pylori' unspecified 
# 
_pdbx_database_status.status_code                     REL 
_pdbx_database_status.entry_id                        4LTT 
_pdbx_database_status.recvd_initial_deposition_date   2013-07-23 
_pdbx_database_status.deposit_site                    RCSB 
_pdbx_database_status.process_site                    PDBJ 
_pdbx_database_status.methods_development_category    ? 
_pdbx_database_status.status_code_sf                  REL 
_pdbx_database_status.status_code_mr                  ? 
_pdbx_database_status.SG_entry                        ? 
_pdbx_database_status.status_code_cs                  ? 
_pdbx_database_status.pdb_format_compatible           Y 
_pdbx_database_status.status_code_nmr_data            ? 
# 
loop_
_audit_author.name 
_audit_author.pdbx_ordinal 
'Lee, B.J.'    1 
'Im, H.'       2 
'Pathak, C.C.' 3 
'Yoon, H.J.'   4 
# 
_citation.id                        primary 
_citation.title                     
'Crystal structure of apo and copper bound HP0894 toxin from Helicobacter pylori 26695 and insight into mRNase activity' 
_citation.journal_abbrev            Biochim.Biophys.Acta 
_citation.journal_volume            1834 
_citation.page_first                2579 
_citation.page_last                 2590 
_citation.year                      2013 
_citation.journal_id_ASTM           BBACAQ 
_citation.country                   NE 
_citation.journal_id_ISSN           0006-3002 
_citation.journal_id_CSD            0113 
_citation.book_publisher            ? 
_citation.pdbx_database_id_PubMed   24060809 
_citation.pdbx_database_id_DOI      10.1016/j.bbapap.2013.09.006 
# 
loop_
_citation_author.citation_id 
_citation_author.name 
_citation_author.ordinal 
_citation_author.identifier_ORCID 
primary 'Pathak, C.' 1 ? 
primary 'Im, H.'     2 ? 
primary 'Yang, Y.J.' 3 ? 
primary 'Yoon, H.J.' 4 ? 
primary 'Kim, H.M.'  5 ? 
primary 'Kwon, A.R.' 6 ? 
primary 'Lee, B.J.'  7 ? 
# 
_cell.entry_id           4LTT 
_cell.length_a           26.656 
_cell.length_b           36.589 
_cell.length_c           87.024 
_cell.angle_alpha        90.00 
_cell.angle_beta         90.00 
_cell.angle_gamma        90.00 
_cell.Z_PDB              4 
_cell.pdbx_unique_axis   ? 
_cell.length_a_esd       ? 
_cell.length_b_esd       ? 
_cell.length_c_esd       ? 
_cell.angle_alpha_esd    ? 
_cell.angle_beta_esd     ? 
_cell.angle_gamma_esd    ? 
# 
_symmetry.entry_id                         4LTT 
_symmetry.space_group_name_H-M             'P 21 21 21' 
_symmetry.pdbx_full_space_group_name_H-M   ? 
_symmetry.cell_setting                     ? 
_symmetry.Int_Tables_number                19 
_symmetry.space_group_name_Hall            ? 
# 
loop_
_entity.id 
_entity.type 
_entity.src_method 
_entity.pdbx_description 
_entity.formula_weight 
_entity.pdbx_number_of_molecules 
_entity.pdbx_ec 
_entity.pdbx_mutation 
_entity.pdbx_fragment 
_entity.details 
1 polymer man 'Uncharacterized protein, toxin' 10867.724 1   ? ? ? ? 
2 water   nat water                            18.015    190 ? ? ? ? 
# 
_entity_poly.entity_id                      1 
_entity_poly.type                           'polypeptide(L)' 
_entity_poly.nstd_linkage                   no 
_entity_poly.nstd_monomer                   no 
_entity_poly.pdbx_seq_one_letter_code       
;MLKLNLKKSFQKDFDKLLLNGFDDSVLNEVILTLRKKEPLDPQFQDHALKGKWKPFRECHIKPDVLLVYLVKDDELILLR
LGSHSELFLEGSS
;
_entity_poly.pdbx_seq_one_letter_code_can   
;MLKLNLKKSFQKDFDKLLLNGFDDSVLNEVILTLRKKEPLDPQFQDHALKGKWKPFRECHIKPDVLLVYLVKDDELILLR
LGSHSELFLEGSS
;
_entity_poly.pdbx_strand_id                 A 
_entity_poly.pdbx_target_identifier         ? 
# 
loop_
_entity_poly_seq.entity_id 
_entity_poly_seq.num 
_entity_poly_seq.mon_id 
_entity_poly_seq.hetero 
1 1  MET n 
1 2  LEU n 
1 3  LYS n 
1 4  LEU n 
1 5  ASN n 
1 6  LEU n 
1 7  LYS n 
1 8  LYS n 
1 9  SER n 
1 10 PHE n 
1 11 GLN n 
1 12 LYS n 
1 13 ASP n 
1 14 PHE n 
1 15 ASP n 
1 16 LYS n 
1 17 LEU n 
1 18 LEU n 
1 19 LEU n 
1 20 ASN n 
1 21 GLY n 
1 22 PHE n 
1 23 ASP n 
1 24 ASP n 
1 25 SER n 
1 26 VAL n 
1 27 LEU n 
1 28 ASN n 
1 29 GLU n 
1 30 VAL n 
1 31 ILE n 
1 32 LEU n 
1 33 THR n 
1 34 LEU n 
1 35 ARG n 
1 36 LYS n 
1 37 LYS n 
1 38 GLU n 
1 39 PRO n 
1 40 LEU n 
1 41 ASP n 
1 42 PRO n 
1 43 GLN n 
1 44 PHE n 
1 45 GLN n 
1 46 ASP n 
1 47 HIS n 
1 48 ALA n 
1 49 LEU n 
1 50 LYS n 
1 51 GLY n 
1 52 LYS n 
1 53 TRP n 
1 54 LYS n 
1 55 PRO n 
1 56 PHE n 
1 57 ARG n 
1 58 GLU n 
1 59 CYS n 
1 60 HIS n 
1 61 ILE n 
1 62 LYS n 
1 63 PRO n 
1 64 ASP n 
1 65 VAL n 
1 66 LEU n 
1 67 LEU n 
1 68 VAL n 
1 69 TYR n 
1 70 LEU n 
1 71 VAL n 
1 72 LYS n 
1 73 ASP n 
1 74 ASP n 
1 75 GLU n 
1 76 LEU n 
1 77 ILE n 
1 78 LEU n 
1 79 LEU n 
1 80 ARG n 
1 81 LEU n 
1 82 GLY n 
1 83 SER n 
1 84 HIS n 
1 85 SER n 
1 86 GLU n 
1 87 LEU n 
1 88 PHE n 
1 89 LEU n 
1 90 GLU n 
1 91 GLY n 
1 92 SER n 
1 93 SER n 
# 
_entity_src_gen.entity_id                          1 
_entity_src_gen.pdbx_src_id                        1 
_entity_src_gen.pdbx_alt_source_flag               sample 
_entity_src_gen.pdbx_seq_type                      ? 
_entity_src_gen.pdbx_beg_seq_num                   ? 
_entity_src_gen.pdbx_end_seq_num                   ? 
_entity_src_gen.gene_src_common_name               ? 
_entity_src_gen.gene_src_genus                     ? 
_entity_src_gen.pdbx_gene_src_gene                 'C694_04590, HP_0894' 
_entity_src_gen.gene_src_species                   ? 
_entity_src_gen.gene_src_strain                    26695 
_entity_src_gen.gene_src_tissue                    ? 
_entity_src_gen.gene_src_tissue_fraction           ? 
_entity_src_gen.gene_src_details                   ? 
_entity_src_gen.pdbx_gene_src_fragment             ? 
_entity_src_gen.pdbx_gene_src_scientific_name      'Helicobacter pylori' 
_entity_src_gen.pdbx_gene_src_ncbi_taxonomy_id     85962 
_entity_src_gen.pdbx_gene_src_variant              ? 
_entity_src_gen.pdbx_gene_src_cell_line            ? 
_entity_src_gen.pdbx_gene_src_atcc                 ? 
_entity_src_gen.pdbx_gene_src_organ                ? 
_entity_src_gen.pdbx_gene_src_organelle            ? 
_entity_src_gen.pdbx_gene_src_cell                 ? 
_entity_src_gen.pdbx_gene_src_cellular_location    ? 
_entity_src_gen.host_org_common_name               ? 
_entity_src_gen.pdbx_host_org_scientific_name      'Escherichia coli' 
_entity_src_gen.pdbx_host_org_ncbi_taxonomy_id     562 
_entity_src_gen.host_org_genus                     ? 
_entity_src_gen.pdbx_host_org_gene                 ? 
_entity_src_gen.pdbx_host_org_organ                ? 
_entity_src_gen.host_org_species                   ? 
_entity_src_gen.pdbx_host_org_tissue               ? 
_entity_src_gen.pdbx_host_org_tissue_fraction      ? 
_entity_src_gen.pdbx_host_org_strain               ? 
_entity_src_gen.pdbx_host_org_variant              ? 
_entity_src_gen.pdbx_host_org_cell_line            ? 
_entity_src_gen.pdbx_host_org_atcc                 ? 
_entity_src_gen.pdbx_host_org_culture_collection   ? 
_entity_src_gen.pdbx_host_org_cell                 ? 
_entity_src_gen.pdbx_host_org_organelle            ? 
_entity_src_gen.pdbx_host_org_cellular_location    ? 
_entity_src_gen.pdbx_host_org_vector_type          Plasmid 
_entity_src_gen.pdbx_host_org_vector               ? 
_entity_src_gen.host_org_details                   ? 
_entity_src_gen.expression_system_id               ? 
_entity_src_gen.plasmid_name                       ? 
_entity_src_gen.plasmid_details                    ? 
_entity_src_gen.pdbx_description                   ? 
# 
_struct_ref.id                         1 
_struct_ref.db_name                    UNP 
_struct_ref.db_code                    O25554_HELPY 
_struct_ref.pdbx_db_accession          O25554 
_struct_ref.entity_id                  1 
_struct_ref.pdbx_seq_one_letter_code   
;MLKLNLKKSFQKDFDKLLLNGFDDSVLNEVILTLRKKEPLDPQFQDHALKGKWKPFRECHIKPDVLLVYLVKDDELILLR
LGSHSELF
;
_struct_ref.pdbx_align_begin           1 
_struct_ref.pdbx_db_isoform            ? 
# 
_struct_ref_seq.align_id                      1 
_struct_ref_seq.ref_id                        1 
_struct_ref_seq.pdbx_PDB_id_code              4LTT 
_struct_ref_seq.pdbx_strand_id                A 
_struct_ref_seq.seq_align_beg                 1 
_struct_ref_seq.pdbx_seq_align_beg_ins_code   ? 
_struct_ref_seq.seq_align_end                 88 
_struct_ref_seq.pdbx_seq_align_end_ins_code   ? 
_struct_ref_seq.pdbx_db_accession             O25554 
_struct_ref_seq.db_align_beg                  1 
_struct_ref_seq.pdbx_db_align_beg_ins_code    ? 
_struct_ref_seq.db_align_end                  88 
_struct_ref_seq.pdbx_db_align_end_ins_code    ? 
_struct_ref_seq.pdbx_auth_seq_align_beg       1 
_struct_ref_seq.pdbx_auth_seq_align_end       88 
# 
loop_
_struct_ref_seq_dif.align_id 
_struct_ref_seq_dif.pdbx_pdb_id_code 
_struct_ref_seq_dif.mon_id 
_struct_ref_seq_dif.pdbx_pdb_strand_id 
_struct_ref_seq_dif.seq_num 
_struct_ref_seq_dif.pdbx_pdb_ins_code 
_struct_ref_seq_dif.pdbx_seq_db_name 
_struct_ref_seq_dif.pdbx_seq_db_accession_code 
_struct_ref_seq_dif.db_mon_id 
_struct_ref_seq_dif.pdbx_seq_db_seq_num 
_struct_ref_seq_dif.details 
_struct_ref_seq_dif.pdbx_auth_seq_num 
_struct_ref_seq_dif.pdbx_ordinal 
1 4LTT LEU A 89 ? UNP O25554 ? ? 'expression tag' 89 1 
1 4LTT GLU A 90 ? UNP O25554 ? ? 'expression tag' 90 2 
1 4LTT GLY A 91 ? UNP O25554 ? ? 'expression tag' 91 3 
1 4LTT SER A 92 ? UNP O25554 ? ? 'expression tag' 92 4 
1 4LTT SER A 93 ? UNP O25554 ? ? 'expression tag' 93 5 
# 
loop_
_chem_comp.id 
_chem_comp.type 
_chem_comp.mon_nstd_flag 
_chem_comp.name 
_chem_comp.pdbx_synonyms 
_chem_comp.formula 
_chem_comp.formula_weight 
ALA 'L-peptide linking' y ALANINE         ? 'C3 H7 N O2'     89.093  
ARG 'L-peptide linking' y ARGININE        ? 'C6 H15 N4 O2 1' 175.209 
ASN 'L-peptide linking' y ASPARAGINE      ? 'C4 H8 N2 O3'    132.118 
ASP 'L-peptide linking' y 'ASPARTIC ACID' ? 'C4 H7 N O4'     133.103 
CYS 'L-peptide linking' y CYSTEINE        ? 'C3 H7 N O2 S'   121.158 
GLN 'L-peptide linking' y GLUTAMINE       ? 'C5 H10 N2 O3'   146.144 
GLU 'L-peptide linking' y 'GLUTAMIC ACID' ? 'C5 H9 N O4'     147.129 
GLY 'peptide linking'   y GLYCINE         ? 'C2 H5 N O2'     75.067  
HIS 'L-peptide linking' y HISTIDINE       ? 'C6 H10 N3 O2 1' 156.162 
HOH non-polymer         . WATER           ? 'H2 O'           18.015  
ILE 'L-peptide linking' y ISOLEUCINE      ? 'C6 H13 N O2'    131.173 
LEU 'L-peptide linking' y LEUCINE         ? 'C6 H13 N O2'    131.173 
LYS 'L-peptide linking' y LYSINE          ? 'C6 H15 N2 O2 1' 147.195 
MET 'L-peptide linking' y METHIONINE      ? 'C5 H11 N O2 S'  149.211 
PHE 'L-peptide linking' y PHENYLALANINE   ? 'C9 H11 N O2'    165.189 
PRO 'L-peptide linking' y PROLINE         ? 'C5 H9 N O2'     115.130 
SER 'L-peptide linking' y SERINE          ? 'C3 H7 N O3'     105.093 
THR 'L-peptide linking' y THREONINE       ? 'C4 H9 N O3'     119.119 
TRP 'L-peptide linking' y TRYPTOPHAN      ? 'C11 H12 N2 O2'  204.225 
TYR 'L-peptide linking' y TYROSINE        ? 'C9 H11 N O3'    181.189 
VAL 'L-peptide linking' y VALINE          ? 'C5 H11 N O2'    117.146 
# 
_exptl.entry_id          4LTT 
_exptl.method            'X-RAY DIFFRACTION' 
_exptl.crystals_number   1 
# 
_exptl_crystal.id                    1 
_exptl_crystal.density_meas          ? 
_exptl_crystal.density_Matthews      1.95 
_exptl_crystal.density_percent_sol   37.00 
_exptl_crystal.description           ? 
_exptl_crystal.F_000                 ? 
_exptl_crystal.preparation           ? 
# 
_exptl_crystal_grow.crystal_id      1 
_exptl_crystal_grow.method          'VAPOR DIFFUSION, HANGING DROP' 
_exptl_crystal_grow.temp            277 
_exptl_crystal_grow.temp_details    ? 
_exptl_crystal_grow.pH              5.6 
_exptl_crystal_grow.pdbx_details    'PEG 4000, pH 5.6, VAPOR DIFFUSION, HANGING DROP, temperature 277K' 
_exptl_crystal_grow.pdbx_pH_range   . 
# 
_diffrn.id                     1 
_diffrn.ambient_temp           100 
_diffrn.ambient_temp_details   ? 
_diffrn.crystal_id             1 
# 
_diffrn_detector.diffrn_id              1 
_diffrn_detector.detector               CCD 
_diffrn_detector.type                   'MARMOSAIC 225 mm CCD' 
_diffrn_detector.pdbx_collection_date   2012-11-17 
_diffrn_detector.details                ? 
# 
_diffrn_radiation.diffrn_id                        1 
_diffrn_radiation.wavelength_id                    1 
_diffrn_radiation.pdbx_monochromatic_or_laue_m_l   M 
_diffrn_radiation.monochromator                    'double-crystal monochromator' 
_diffrn_radiation.pdbx_diffrn_protocol             'SINGLE WAVELENGTH' 
_diffrn_radiation.pdbx_scattering_type             x-ray 
# 
_diffrn_radiation_wavelength.id           1 
_diffrn_radiation_wavelength.wavelength   0.9000 
_diffrn_radiation_wavelength.wt           1.0 
# 
_diffrn_source.diffrn_id                   1 
_diffrn_source.source                      SYNCHROTRON 
_diffrn_source.type                        'SPRING-8 BEAMLINE BL44XU' 
_diffrn_source.pdbx_synchrotron_site       SPring-8 
_diffrn_source.pdbx_synchrotron_beamline   BL44XU 
_diffrn_source.pdbx_wavelength             ? 
_diffrn_source.pdbx_wavelength_list        0.9000 
# 
_reflns.entry_id                     4LTT 
_reflns.observed_criterion_sigma_I   ? 
_reflns.observed_criterion_sigma_F   ? 
_reflns.d_resolution_low             30 
_reflns.d_resolution_high            1.28 
_reflns.number_obs                   21963 
_reflns.number_all                   ? 
_reflns.percent_possible_obs         ? 
_reflns.pdbx_Rmerge_I_obs            ? 
_reflns.pdbx_Rsym_value              ? 
_reflns.pdbx_netI_over_sigmaI        ? 
_reflns.B_iso_Wilson_estimate        ? 
_reflns.pdbx_redundancy              ? 
_reflns.R_free_details               ? 
_reflns.limit_h_max                  ? 
_reflns.limit_h_min                  ? 
_reflns.limit_k_max                  ? 
_reflns.limit_k_min                  ? 
_reflns.limit_l_max                  ? 
_reflns.limit_l_min                  ? 
_reflns.observed_criterion_F_max     ? 
_reflns.observed_criterion_F_min     ? 
_reflns.pdbx_chi_squared             ? 
_reflns.pdbx_scaling_rejects         ? 
_reflns.pdbx_ordinal                 1 
_reflns.pdbx_diffrn_id               1 
# 
_refine.entry_id                                 4LTT 
_refine.ls_number_reflns_obs                     20784 
_refine.ls_number_reflns_all                     ? 
_refine.pdbx_ls_sigma_I                          ? 
_refine.pdbx_ls_sigma_F                          ? 
_refine.pdbx_data_cutoff_high_absF               ? 
_refine.pdbx_data_cutoff_low_absF                ? 
_refine.pdbx_data_cutoff_high_rms_absF           ? 
_refine.ls_d_res_low                             28.00 
_refine.ls_d_res_high                            1.28 
_refine.ls_percent_reflns_obs                    96.44 
_refine.ls_R_factor_obs                          0.18124 
_refine.ls_R_factor_all                          ? 
_refine.ls_R_factor_R_work                       0.17968 
_refine.ls_R_factor_R_free                       0.21164 
_refine.ls_R_factor_R_free_error                 ? 
_refine.ls_R_factor_R_free_error_details         ? 
_refine.ls_percent_reflns_R_free                 5.1 
_refine.ls_number_reflns_R_free                  1125 
_refine.ls_number_parameters                     ? 
_refine.ls_number_restraints                     ? 
_refine.occupancy_min                            ? 
_refine.occupancy_max                            ? 
_refine.correlation_coeff_Fo_to_Fc               0.960 
_refine.correlation_coeff_Fo_to_Fc_free          0.939 
_refine.B_iso_mean                               13.787 
_refine.aniso_B[1][1]                            0.16 
_refine.aniso_B[2][2]                            -0.11 
_refine.aniso_B[3][3]                            -0.06 
_refine.aniso_B[1][2]                            -0.00 
_refine.aniso_B[1][3]                            0.00 
_refine.aniso_B[2][3]                            0.00 
_refine.solvent_model_details                    MASK 
_refine.solvent_model_param_ksol                 ? 
_refine.solvent_model_param_bsol                 ? 
_refine.pdbx_solvent_vdw_probe_radii             1.20 
_refine.pdbx_solvent_ion_probe_radii             0.80 
_refine.pdbx_solvent_shrinkage_radii             0.80 
_refine.pdbx_ls_cross_valid_method               THROUGHOUT 
_refine.details                                  'HYDROGENS HAVE BEEN USED IF PRESENT IN THE INPUT' 
_refine.pdbx_starting_model                      4LS4 
_refine.pdbx_method_to_determine_struct          'MOLECULAR REPLACEMENT' 
_refine.pdbx_isotropic_thermal_model             ? 
_refine.pdbx_stereochemistry_target_values       'MAXIMUM LIKELIHOOD' 
_refine.pdbx_stereochem_target_val_spec_case     ? 
_refine.pdbx_R_Free_selection_details            RANDOM 
_refine.pdbx_overall_ESU_R                       0.056 
_refine.pdbx_overall_ESU_R_Free                  0.060 
_refine.overall_SU_ML                            0.034 
_refine.pdbx_overall_phase_error                 ? 
_refine.overall_SU_B                             0.754 
_refine.overall_SU_R_Cruickshank_DPI             ? 
_refine.ls_redundancy_reflns_obs                 ? 
_refine.B_iso_min                                ? 
_refine.B_iso_max                                ? 
_refine.overall_SU_R_free                        ? 
_refine.ls_wR_factor_R_free                      ? 
_refine.ls_wR_factor_R_work                      ? 
_refine.overall_FOM_free_R_set                   ? 
_refine.overall_FOM_work_R_set                   ? 
_refine.pdbx_diffrn_id                           1 
_refine.pdbx_refine_id                           'X-RAY DIFFRACTION' 
_refine.pdbx_TLS_residual_ADP_flag               ? 
_refine.pdbx_overall_SU_R_free_Cruickshank_DPI   ? 
_refine.pdbx_overall_SU_R_Blow_DPI               ? 
_refine.pdbx_overall_SU_R_free_Blow_DPI          ? 
# 
_refine_hist.pdbx_refine_id                   'X-RAY DIFFRACTION' 
_refine_hist.cycle_id                         LAST 
_refine_hist.pdbx_number_atoms_protein        753 
_refine_hist.pdbx_number_atoms_nucleic_acid   0 
_refine_hist.pdbx_number_atoms_ligand         0 
_refine_hist.number_atoms_solvent             190 
_refine_hist.number_atoms_total               943 
_refine_hist.d_res_high                       1.28 
_refine_hist.d_res_low                        28.00 
# 
loop_
_refine_ls_restr.type 
_refine_ls_restr.dev_ideal 
_refine_ls_restr.dev_ideal_target 
_refine_ls_restr.weight 
_refine_ls_restr.number 
_refine_ls_restr.pdbx_restraint_function 
_refine_ls_restr.pdbx_refine_id 
r_bond_refined_d       0.023  0.020  ? 788  ? 'X-RAY DIFFRACTION' 
r_angle_refined_deg    2.165  2.007  ? 1060 ? 'X-RAY DIFFRACTION' 
r_dihedral_angle_1_deg 6.082  5.000  ? 94   ? 'X-RAY DIFFRACTION' 
r_dihedral_angle_2_deg 33.561 25.278 ? 36   ? 'X-RAY DIFFRACTION' 
r_dihedral_angle_3_deg 14.382 15.000 ? 164  ? 'X-RAY DIFFRACTION' 
r_dihedral_angle_4_deg 9.664  15.000 ? 3    ? 'X-RAY DIFFRACTION' 
r_chiral_restr         0.147  0.200  ? 118  ? 'X-RAY DIFFRACTION' 
r_gen_planes_refined   0.014  0.021  ? 573  ? 'X-RAY DIFFRACTION' 
# 
_refine_ls_shell.pdbx_refine_id                   'X-RAY DIFFRACTION' 
_refine_ls_shell.pdbx_total_number_of_bins_used   20 
_refine_ls_shell.d_res_high                       1.280 
_refine_ls_shell.d_res_low                        1.313 
_refine_ls_shell.number_reflns_R_work             1326 
_refine_ls_shell.R_factor_R_work                  0.188 
_refine_ls_shell.percent_reflns_obs               93.44 
_refine_ls_shell.R_factor_R_free                  0.206 
_refine_ls_shell.R_factor_R_free_error            ? 
_refine_ls_shell.percent_reflns_R_free            ? 
_refine_ls_shell.number_reflns_R_free             83 
_refine_ls_shell.number_reflns_all                ? 
_refine_ls_shell.R_factor_all                     ? 
_refine_ls_shell.number_reflns_obs                ? 
_refine_ls_shell.redundancy_reflns_obs            ? 
# 
_struct.entry_id                  4LTT 
_struct.title                     'Crystal structure of native apo toxin from Helicobacter pylori' 
_struct.pdbx_model_details        ? 
_struct.pdbx_CASP_flag            ? 
_struct.pdbx_model_type_details   ? 
# 
_struct_keywords.entry_id        4LTT 
_struct_keywords.pdbx_keywords   TOXIN 
_struct_keywords.text            'Toxin-antitoxin, Toxin' 
# 
loop_
_struct_asym.id 
_struct_asym.pdbx_blank_PDB_chainid_flag 
_struct_asym.pdbx_modified 
_struct_asym.entity_id 
_struct_asym.details 
A N N 1 ? 
B N N 2 ? 
# 
_struct_biol.id        1 
_struct_biol.details   ? 
# 
loop_
_struct_conf.conf_type_id 
_struct_conf.id 
_struct_conf.pdbx_PDB_helix_id 
_struct_conf.beg_label_comp_id 
_struct_conf.beg_label_asym_id 
_struct_conf.beg_label_seq_id 
_struct_conf.pdbx_beg_PDB_ins_code 
_struct_conf.end_label_comp_id 
_struct_conf.end_label_asym_id 
_struct_conf.end_label_seq_id 
_struct_conf.pdbx_end_PDB_ins_code 
_struct_conf.beg_auth_comp_id 
_struct_conf.beg_auth_asym_id 
_struct_conf.beg_auth_seq_id 
_struct_conf.end_auth_comp_id 
_struct_conf.end_auth_asym_id 
_struct_conf.end_auth_seq_id 
_struct_conf.pdbx_PDB_helix_class 
_struct_conf.details 
_struct_conf.pdbx_PDB_helix_length 
HELX_P HELX_P1 1 LYS A 7  ? ASN A 20 ? LYS A 7  ASN A 20 1 ? 14 
HELX_P HELX_P2 2 ASP A 24 ? LYS A 36 ? ASP A 24 LYS A 36 1 ? 13 
HELX_P HELX_P3 3 ASP A 41 ? GLN A 45 ? ASP A 41 GLN A 45 5 ? 5  
HELX_P HELX_P4 4 LYS A 50 ? LYS A 54 ? LYS A 50 LYS A 54 5 ? 5  
HELX_P HELX_P5 5 SER A 83 ? LEU A 89 ? SER A 83 LEU A 89 1 ? 7  
# 
_struct_conf_type.id          HELX_P 
_struct_conf_type.criteria    ? 
_struct_conf_type.reference   ? 
# 
_struct_mon_prot_cis.pdbx_id                1 
_struct_mon_prot_cis.label_comp_id          LYS 
_struct_mon_prot_cis.label_seq_id           54 
_struct_mon_prot_cis.label_asym_id          A 
_struct_mon_prot_cis.label_alt_id           . 
_struct_mon_prot_cis.pdbx_PDB_ins_code      ? 
_struct_mon_prot_cis.auth_comp_id           LYS 
_struct_mon_prot_cis.auth_seq_id            54 
_struct_mon_prot_cis.auth_asym_id           A 
_struct_mon_prot_cis.pdbx_label_comp_id_2   PRO 
_struct_mon_prot_cis.pdbx_label_seq_id_2    55 
_struct_mon_prot_cis.pdbx_label_asym_id_2   A 
_struct_mon_prot_cis.pdbx_PDB_ins_code_2    ? 
_struct_mon_prot_cis.pdbx_auth_comp_id_2    PRO 
_struct_mon_prot_cis.pdbx_auth_seq_id_2     55 
_struct_mon_prot_cis.pdbx_auth_asym_id_2    A 
_struct_mon_prot_cis.pdbx_PDB_model_num     1 
_struct_mon_prot_cis.pdbx_omega_angle       6.75 
# 
_struct_sheet.id               A 
_struct_sheet.type             ? 
_struct_sheet.number_strands   5 
_struct_sheet.details          ? 
# 
loop_
_struct_sheet_order.sheet_id 
_struct_sheet_order.range_id_1 
_struct_sheet_order.range_id_2 
_struct_sheet_order.offset 
_struct_sheet_order.sense 
A 1 2 ? parallel      
A 2 3 ? anti-parallel 
A 3 4 ? anti-parallel 
A 4 5 ? anti-parallel 
# 
loop_
_struct_sheet_range.sheet_id 
_struct_sheet_range.id 
_struct_sheet_range.beg_label_comp_id 
_struct_sheet_range.beg_label_asym_id 
_struct_sheet_range.beg_label_seq_id 
_struct_sheet_range.pdbx_beg_PDB_ins_code 
_struct_sheet_range.end_label_comp_id 
_struct_sheet_range.end_label_asym_id 
_struct_sheet_range.end_label_seq_id 
_struct_sheet_range.pdbx_end_PDB_ins_code 
_struct_sheet_range.beg_auth_comp_id 
_struct_sheet_range.beg_auth_asym_id 
_struct_sheet_range.beg_auth_seq_id 
_struct_sheet_range.end_auth_comp_id 
_struct_sheet_range.end_auth_asym_id 
_struct_sheet_range.end_auth_seq_id 
A 1 LYS A 3  ? LEU A 6  ? LYS A 3  LEU A 6  
A 2 GLU A 75 ? GLY A 82 ? GLU A 75 GLY A 82 
A 3 VAL A 65 ? LYS A 72 ? VAL A 65 LYS A 72 
A 4 ARG A 57 ? LYS A 62 ? ARG A 57 LYS A 62 
A 5 HIS A 47 ? ALA A 48 ? HIS A 47 ALA A 48 
# 
loop_
_pdbx_struct_sheet_hbond.sheet_id 
_pdbx_struct_sheet_hbond.range_id_1 
_pdbx_struct_sheet_hbond.range_id_2 
_pdbx_struct_sheet_hbond.range_1_label_atom_id 
_pdbx_struct_sheet_hbond.range_1_label_comp_id 
_pdbx_struct_sheet_hbond.range_1_label_asym_id 
_pdbx_struct_sheet_hbond.range_1_label_seq_id 
_pdbx_struct_sheet_hbond.range_1_PDB_ins_code 
_pdbx_struct_sheet_hbond.range_1_auth_atom_id 
_pdbx_struct_sheet_hbond.range_1_auth_comp_id 
_pdbx_struct_sheet_hbond.range_1_auth_asym_id 
_pdbx_struct_sheet_hbond.range_1_auth_seq_id 
_pdbx_struct_sheet_hbond.range_2_label_atom_id 
_pdbx_struct_sheet_hbond.range_2_label_comp_id 
_pdbx_struct_sheet_hbond.range_2_label_asym_id 
_pdbx_struct_sheet_hbond.range_2_label_seq_id 
_pdbx_struct_sheet_hbond.range_2_PDB_ins_code 
_pdbx_struct_sheet_hbond.range_2_auth_atom_id 
_pdbx_struct_sheet_hbond.range_2_auth_comp_id 
_pdbx_struct_sheet_hbond.range_2_auth_asym_id 
_pdbx_struct_sheet_hbond.range_2_auth_seq_id 
A 1 2 N LYS A 3  ? N LYS A 3  O LEU A 76 ? O LEU A 76 
A 2 3 O ILE A 77 ? O ILE A 77 N LEU A 70 ? N LEU A 70 
A 3 4 O TYR A 69 ? O TYR A 69 N ARG A 57 ? N ARG A 57 
A 4 5 O GLU A 58 ? O GLU A 58 N HIS A 47 ? N HIS A 47 
# 
_atom_sites.entry_id                    4LTT 
_atom_sites.fract_transf_matrix[1][1]   -0.03281559 
_atom_sites.fract_transf_matrix[1][2]   -0.01288896 
_atom_sites.fract_transf_matrix[1][3]   0.01282136 
_atom_sites.fract_transf_matrix[2][1]   0.01069841 
_atom_sites.fract_transf_matrix[2][2]   -0.02505406 
_atom_sites.fract_transf_matrix[2][3]   0.00219585 
_atom_sites.fract_transf_matrix[3][1]   0.00328287 
_atom_sites.fract_transf_matrix[3][2]   0.00234484 
_atom_sites.fract_transf_matrix[3][3]   0.01075953 
_atom_sites.fract_transf_vector[1]      0.324264 
_atom_sites.fract_transf_vector[2]      -0.018407 
_atom_sites.fract_transf_vector[3]      0.111180 
# 
loop_
_atom_type.symbol 
C 
N 
O 
S 
# 
loop_
_atom_site.group_PDB 
_atom_site.id 
_atom_site.type_symbol 
_atom_site.label_atom_id 
_atom_site.label_alt_id 
_atom_site.label_comp_id 
_atom_site.label_asym_id 
_atom_site.label_entity_id 
_atom_site.label_seq_id 
_atom_site.pdbx_PDB_ins_code 
_atom_site.Cartn_x 
_atom_site.Cartn_y 
_atom_site.Cartn_z 
_atom_site.occupancy 
_atom_site.B_iso_or_equiv 
_atom_site.pdbx_formal_charge 
_atom_site.auth_seq_id 
_atom_site.auth_comp_id 
_atom_site.auth_asym_id 
_atom_site.auth_atom_id 
_atom_site.pdbx_PDB_model_num 
ATOM   1   N N   . MET A 1 1  ? 5.007   -17.022 5.530   1.00 13.00 ? 1   MET A N   1 
ATOM   2   C CA  . MET A 1 1  ? 4.410   -15.801 4.832   1.00 10.59 ? 1   MET A CA  1 
ATOM   3   C C   . MET A 1 1  ? 5.471   -15.068 4.063   1.00 10.87 ? 1   MET A C   1 
ATOM   4   O O   . MET A 1 1  ? 6.662   -15.245 4.351   1.00 11.02 ? 1   MET A O   1 
ATOM   5   C CB  . MET A 1 1  ? 3.999   -14.788 5.883   1.00 17.97 ? 1   MET A CB  1 
ATOM   6   C CG  . MET A 1 1  ? 2.833   -15.130 6.716   1.00 19.41 ? 1   MET A CG  1 
ATOM   7   S SD  . MET A 1 1  ? 2.593   -13.626 7.710   1.00 16.07 ? 1   MET A SD  1 
ATOM   8   C CE  . MET A 1 1  ? 1.827   -14.580 8.972   1.00 28.91 ? 1   MET A CE  1 
ATOM   9   N N   . LEU A 1 2  ? 5.094   -14.126 3.158   1.00 8.09  ? 2   LEU A N   1 
ATOM   10  C CA  . LEU A 1 2  ? 6.053   -13.250 2.529   1.00 8.14  ? 2   LEU A CA  1 
ATOM   11  C C   . LEU A 1 2  ? 6.818   -12.433 3.526   1.00 8.07  ? 2   LEU A C   1 
ATOM   12  O O   . LEU A 1 2  ? 6.285   -12.015 4.554   1.00 7.11  ? 2   LEU A O   1 
ATOM   13  C CB  . LEU A 1 2  ? 5.324   -12.339 1.547   1.00 8.24  ? 2   LEU A CB  1 
ATOM   14  C CG  . LEU A 1 2  ? 4.683   -13.010 0.325   1.00 8.22  ? 2   LEU A CG  1 
ATOM   15  C CD1 . LEU A 1 2  ? 3.694   -12.037 -0.306  1.00 8.58  ? 2   LEU A CD1 1 
ATOM   16  C CD2 . LEU A 1 2  ? 5.742   -13.471 -0.630  1.00 9.57  ? 2   LEU A CD2 1 
ATOM   17  N N   . LYS A 1 3  ? 8.095   -12.178 3.213   1.00 7.76  ? 3   LYS A N   1 
ATOM   18  C CA  . LYS A 1 3  ? 8.889   -11.233 4.006   1.00 8.27  ? 3   LYS A CA  1 
ATOM   19  C C   . LYS A 1 3  ? 8.462   -9.840  3.691   1.00 9.33  ? 3   LYS A C   1 
ATOM   20  O O   . LYS A 1 3  ? 8.254   -9.525  2.507   1.00 11.80 ? 3   LYS A O   1 
ATOM   21  C CB  . LYS A 1 3  ? 10.339  -11.392 3.576   1.00 9.25  ? 3   LYS A CB  1 
ATOM   22  C CG  . LYS A 1 3  ? 11.332  -10.571 4.366   1.00 17.14 ? 3   LYS A CG  1 
ATOM   23  C CD  . LYS A 1 3  ? 12.722  -11.104 3.979   1.00 21.25 ? 3   LYS A CD  1 
ATOM   24  C CE  . LYS A 1 3  ? 13.746  -10.012 3.698   1.00 30.10 ? 3   LYS A CE  1 
ATOM   25  N NZ  . LYS A 1 3  ? 14.081  -9.326  4.982   1.00 34.74 ? 3   LYS A NZ  1 
ATOM   26  N N   . LEU A 1 4  ? 8.377   -8.957  4.628   1.00 7.12  ? 4   LEU A N   1 
ATOM   27  C CA  . LEU A 1 4  ? 8.030   -7.569  4.368   1.00 8.46  ? 4   LEU A CA  1 
ATOM   28  C C   . LEU A 1 4  ? 9.180   -6.766  3.977   1.00 9.09  ? 4   LEU A C   1 
ATOM   29  O O   . LEU A 1 4  ? 10.299  -6.903  4.538   1.00 13.61 ? 4   LEU A O   1 
ATOM   30  C CB  . LEU A 1 4  ? 7.517   -6.941  5.627   1.00 11.88 ? 4   LEU A CB  1 
ATOM   31  C CG  . LEU A 1 4  ? 6.109   -6.959  5.923   1.00 11.99 ? 4   LEU A CG  1 
ATOM   32  C CD1 . LEU A 1 4  ? 5.737   -6.225  7.239   1.00 12.33 ? 4   LEU A CD1 1 
ATOM   33  C CD2 . LEU A 1 4  ? 5.306   -6.226  4.785   1.00 11.55 ? 4   LEU A CD2 1 
ATOM   34  N N   . ASN A 1 5  ? 9.040   -5.954  2.989   1.00 7.32  ? 5   ASN A N   1 
ATOM   35  C CA  . ASN A 1 5  ? 10.009  -5.003  2.573   1.00 8.07  ? 5   ASN A CA  1 
ATOM   36  C C   . ASN A 1 5  ? 9.386   -3.620  2.548   1.00 7.47  ? 5   ASN A C   1 
ATOM   37  O O   . ASN A 1 5  ? 8.649   -3.293  1.649   1.00 7.65  ? 5   ASN A O   1 
ATOM   38  C CB  . ASN A 1 5  ? 10.584  -5.437  1.241   1.00 8.40  ? 5   ASN A CB  1 
ATOM   39  C CG  . ASN A 1 5  ? 11.659  -4.509  0.717   1.00 9.78  ? 5   ASN A CG  1 
ATOM   40  O OD1 . ASN A 1 5  ? 11.804  -3.395  1.180   1.00 10.81 ? 5   ASN A OD1 1 
ATOM   41  N ND2 . ASN A 1 5  ? 12.399  -4.972  -0.286  1.00 12.08 ? 5   ASN A ND2 1 
ATOM   42  N N   . LEU A 1 6  ? 9.625   -2.799  3.579   1.00 7.73  ? 6   LEU A N   1 
ATOM   43  C CA  . LEU A 1 6  ? 9.102   -1.445  3.656   1.00 7.84  ? 6   LEU A CA  1 
ATOM   44  C C   . LEU A 1 6  ? 10.085  -0.505  2.982   1.00 7.43  ? 6   LEU A C   1 
ATOM   45  O O   . LEU A 1 6  ? 11.194  -0.261  3.513   1.00 9.02  ? 6   LEU A O   1 
ATOM   46  C CB  . LEU A 1 6  ? 8.963   -1.035  5.116   1.00 9.04  ? 6   LEU A CB  1 
ATOM   47  C CG  . LEU A 1 6  ? 7.913   -1.783  5.922   1.00 13.25 ? 6   LEU A CG  1 
ATOM   48  C CD1 . LEU A 1 6  ? 7.586   -1.093  7.240   1.00 13.72 ? 6   LEU A CD1 1 
ATOM   49  C CD2 . LEU A 1 6  ? 6.653   -2.260  5.253   1.00 16.35 ? 6   LEU A CD2 1 
ATOM   50  N N   . LYS A 1 7  ? 9.752   0.019   1.847   1.00 7.21  ? 7   LYS A N   1 
ATOM   51  C CA  . LYS A 1 7  ? 10.665  0.979   1.187   1.00 6.78  ? 7   LYS A CA  1 
ATOM   52  C C   . LYS A 1 7  ? 10.697  2.255   2.035   1.00 6.75  ? 7   LYS A C   1 
ATOM   53  O O   . LYS A 1 7  ? 9.723   2.600   2.699   1.00 7.60  ? 7   LYS A O   1 
ATOM   54  C CB  . LYS A 1 7  ? 10.174  1.264   -0.228  1.00 7.54  ? 7   LYS A CB  1 
ATOM   55  C CG  . LYS A 1 7  ? 10.206  0.000   -1.136  1.00 9.13  ? 7   LYS A CG  1 
ATOM   56  C CD  . LYS A 1 7  ? 11.590  -0.600  -1.259  1.00 12.77 ? 7   LYS A CD  1 
ATOM   57  C CE  . LYS A 1 7  ? 11.788  -1.763  -2.174  1.00 14.67 ? 7   LYS A CE  1 
ATOM   58  N NZ  . LYS A 1 7  ? 13.235  -1.754  -2.611  1.00 19.10 ? 7   LYS A NZ  1 
ATOM   59  N N   . LYS A 1 8  ? 11.787  3.005   1.919   1.00 7.70  ? 8   LYS A N   1 
ATOM   60  C CA  . LYS A 1 8  ? 11.870  4.246   2.666   1.00 7.90  ? 8   LYS A CA  1 
ATOM   61  C C   . LYS A 1 8  ? 10.759  5.222   2.278   1.00 8.02  ? 8   LYS A C   1 
ATOM   62  O O   . LYS A 1 8  ? 10.268  5.972   3.125   1.00 9.80  ? 8   LYS A O   1 
ATOM   63  C CB  . LYS A 1 8  ? 13.272  4.865   2.528   1.00 9.57  ? 8   LYS A CB  1 
ATOM   64  C CG  . LYS A 1 8  ? 14.337  4.090   3.294   1.00 12.40 ? 8   LYS A CG  1 
ATOM   65  C CD  . LYS A 1 8  ? 14.299  4.204   4.800   1.00 18.14 ? 8   LYS A CD  1 
ATOM   66  C CE  . LYS A 1 8  ? 15.133  3.019   5.343   1.00 21.19 ? 8   LYS A CE  1 
ATOM   67  N NZ  . LYS A 1 8  ? 16.579  3.350   5.569   1.00 18.34 ? 8   LYS A NZ  1 
ATOM   68  N N   . SER A 1 9  ? 10.337  5.180   1.034   1.00 8.01  ? 9   SER A N   1 
ATOM   69  C CA  . SER A 1 9  ? 9.222   6.080   0.556   1.00 9.24  ? 9   SER A CA  1 
ATOM   70  C C   . SER A 1 9  ? 7.948   5.729   1.385   1.00 8.68  ? 9   SER A C   1 
ATOM   71  O O   . SER A 1 9  ? 7.191   6.641   1.838   1.00 9.52  ? 9   SER A O   1 
ATOM   72  C CB  . SER A 1 9  ? 8.934   5.875   -0.946  1.00 11.05 ? 9   SER A CB  1 
ATOM   73  O OG  . SER A 1 9  ? 8.767   4.515   -1.318  1.00 11.76 ? 9   SER A OG  1 
ATOM   74  N N   . PHE A 1 10 ? 7.717   4.439   1.621   1.00 7.20  ? 10  PHE A N   1 
ATOM   75  C CA  . PHE A 1 10 ? 6.565   4.032   2.399   1.00 7.08  ? 10  PHE A CA  1 
ATOM   76  C C   . PHE A 1 10 ? 6.701   4.455   3.866   1.00 7.18  ? 10  PHE A C   1 
ATOM   77  O O   . PHE A 1 10 ? 5.751   4.932   4.474   1.00 6.92  ? 10  PHE A O   1 
ATOM   78  C CB  . PHE A 1 10 ? 6.401   2.491   2.330   1.00 6.72  ? 10  PHE A CB  1 
ATOM   79  C CG  . PHE A 1 10 ? 5.371   1.961   3.294   1.00 6.53  ? 10  PHE A CG  1 
ATOM   80  C CD1 . PHE A 1 10 ? 4.035   1.868   2.970   1.00 6.92  ? 10  PHE A CD1 1 
ATOM   81  C CD2 . PHE A 1 10 ? 5.769   1.590   4.605   1.00 7.46  ? 10  PHE A CD2 1 
ATOM   82  C CE1 . PHE A 1 10 ? 3.085   1.399   3.881   1.00 7.39  ? 10  PHE A CE1 1 
ATOM   83  C CE2 . PHE A 1 10 ? 4.811   1.152   5.518   1.00 7.93  ? 10  PHE A CE2 1 
ATOM   84  C CZ  . PHE A 1 10 ? 3.474   1.059   5.136   1.00 7.96  ? 10  PHE A CZ  1 
ATOM   85  N N   A GLN A 1 11 ? 7.874   4.274   4.430   0.50 7.11  ? 11  GLN A N   1 
ATOM   86  N N   B GLN A 1 11 ? 7.865   4.285   4.451   0.50 7.33  ? 11  GLN A N   1 
ATOM   87  C CA  A GLN A 1 11 ? 8.123   4.695   5.810   0.50 7.91  ? 11  GLN A CA  1 
ATOM   88  C CA  B GLN A 1 11 ? 8.004   4.680   5.857   0.50 8.22  ? 11  GLN A CA  1 
ATOM   89  C C   A GLN A 1 11 ? 7.846   6.207   5.987   0.50 7.87  ? 11  GLN A C   1 
ATOM   90  C C   B GLN A 1 11 ? 7.851   6.223   6.012   0.50 8.14  ? 11  GLN A C   1 
ATOM   91  O O   A GLN A 1 11 ? 7.191   6.598   6.971   0.50 8.38  ? 11  GLN A O   1 
ATOM   92  O O   B GLN A 1 11 ? 7.262   6.655   7.014   0.50 8.84  ? 11  GLN A O   1 
ATOM   93  C CB  A GLN A 1 11 ? 9.586   4.431   6.175   0.50 8.50  ? 11  GLN A CB  1 
ATOM   94  C CB  B GLN A 1 11 ? 9.341   4.231   6.442   0.50 9.39  ? 11  GLN A CB  1 
ATOM   95  C CG  A GLN A 1 11 ? 9.858   2.945   6.210   0.50 9.74  ? 11  GLN A CG  1 
ATOM   96  C CG  B GLN A 1 11 ? 9.419   4.285   7.956   0.50 11.64 ? 11  GLN A CG  1 
ATOM   97  C CD  A GLN A 1 11 ? 11.349  2.655   6.421   0.50 10.93 ? 11  GLN A CD  1 
ATOM   98  C CD  B GLN A 1 11 ? 8.324   3.537   8.670   0.50 10.95 ? 11  GLN A CD  1 
ATOM   99  O OE1 A GLN A 1 11 ? 12.022  3.348   7.224   0.50 13.42 ? 11  GLN A OE1 1 
ATOM   100 O OE1 B GLN A 1 11 ? 8.050   2.341   8.427   0.50 12.11 ? 11  GLN A OE1 1 
ATOM   101 N NE2 A GLN A 1 11 ? 11.897  1.695   5.645   0.50 10.80 ? 11  GLN A NE2 1 
ATOM   102 N NE2 B GLN A 1 11 ? 7.641   4.240   9.514   0.50 11.47 ? 11  GLN A NE2 1 
ATOM   103 N N   . LYS A 1 12 ? 8.342   7.030   5.078   1.00 8.01  ? 12  LYS A N   1 
ATOM   104 C CA  . LYS A 1 12 ? 8.113   8.468   5.198   1.00 9.65  ? 12  LYS A CA  1 
ATOM   105 C C   . LYS A 1 12 ? 6.619   8.727   5.106   1.00 8.90  ? 12  LYS A C   1 
ATOM   106 O O   . LYS A 1 12 ? 6.083   9.556   5.871   1.00 8.94  ? 12  LYS A O   1 
ATOM   107 C CB  . LYS A 1 12 ? 8.818   9.162   4.022   1.00 13.25 ? 12  LYS A CB  1 
ATOM   108 C CG  . LYS A 1 12 ? 10.367  9.207   4.151   1.00 16.16 ? 12  LYS A CG  1 
ATOM   109 C CD  . LYS A 1 12 ? 10.914  10.250  3.146   1.00 21.00 ? 12  LYS A CD  1 
ATOM   110 C CE  . LYS A 1 12 ? 12.449  10.192  2.834   1.00 21.81 ? 12  LYS A CE  1 
ATOM   111 N NZ  . LYS A 1 12 ? 13.415  10.215  3.960   1.00 27.85 ? 12  LYS A NZ  1 
ATOM   112 N N   . ASP A 1 13 ? 5.923   8.105   4.169   1.00 7.57  ? 13  ASP A N   1 
ATOM   113 C CA  . ASP A 1 13 ? 4.466   8.325   4.045   1.00 7.02  ? 13  ASP A CA  1 
ATOM   114 C C   . ASP A 1 13 ? 3.758   7.925   5.310   1.00 6.81  ? 13  ASP A C   1 
ATOM   115 O O   . ASP A 1 13 ? 2.808   8.584   5.786   1.00 7.78  ? 13  ASP A O   1 
ATOM   116 C CB  . ASP A 1 13 ? 3.966   7.371   2.959   1.00 7.80  ? 13  ASP A CB  1 
ATOM   117 C CG  . ASP A 1 13 ? 4.239   7.823   1.570   1.00 8.92  ? 13  ASP A CG  1 
ATOM   118 O OD1 . ASP A 1 13 ? 4.635   8.998   1.261   1.00 10.56 ? 13  ASP A OD1 1 
ATOM   119 O OD2 . ASP A 1 13 ? 3.984   7.020   0.614   1.00 10.05 ? 13  ASP A OD2 1 
ATOM   120 N N   . PHE A 1 14 ? 4.103   6.788   5.899   1.00 7.43  ? 14  PHE A N   1 
ATOM   121 C CA  . PHE A 1 14 ? 3.446   6.266   7.079   1.00 7.65  ? 14  PHE A CA  1 
ATOM   122 C C   . PHE A 1 14 ? 3.664   7.227   8.270   1.00 7.33  ? 14  PHE A C   1 
ATOM   123 O O   . PHE A 1 14 ? 2.729   7.558   8.980   1.00 7.98  ? 14  PHE A O   1 
ATOM   124 C CB  . PHE A 1 14 ? 4.010   4.888   7.412   1.00 7.45  ? 14  PHE A CB  1 
ATOM   125 C CG  . PHE A 1 14 ? 3.416   4.286   8.663   1.00 8.97  ? 14  PHE A CG  1 
ATOM   126 C CD1 . PHE A 1 14 ? 2.270   3.529   8.596   1.00 9.70  ? 14  PHE A CD1 1 
ATOM   127 C CD2 . PHE A 1 14 ? 4.002   4.497   9.914   1.00 11.05 ? 14  PHE A CD2 1 
ATOM   128 C CE1 . PHE A 1 14 ? 1.656   3.017   9.759   1.00 10.82 ? 14  PHE A CE1 1 
ATOM   129 C CE2 . PHE A 1 14 ? 3.430   3.974   11.060  1.00 13.41 ? 14  PHE A CE2 1 
ATOM   130 C CZ  . PHE A 1 14 ? 2.246   3.211   10.970  1.00 12.94 ? 14  PHE A CZ  1 
ATOM   131 N N   . ASP A 1 15 ? 4.883   7.732   8.405   1.00 7.85  ? 15  ASP A N   1 
ATOM   132 C CA  . ASP A 1 15 ? 5.215   8.627   9.543   1.00 8.51  ? 15  ASP A CA  1 
ATOM   133 C C   . ASP A 1 15 ? 4.412   9.922   9.393   1.00 8.71  ? 15  ASP A C   1 
ATOM   134 O O   . ASP A 1 15 ? 3.878   10.428  10.400  1.00 8.86  ? 15  ASP A O   1 
ATOM   135 C CB  . ASP A 1 15 ? 6.682   8.943   9.498   1.00 10.99 ? 15  ASP A CB  1 
ATOM   136 C CG  . ASP A 1 15 ? 7.557   7.747   9.931   1.00 13.21 ? 15  ASP A CG  1 
ATOM   137 O OD1 . ASP A 1 15 ? 7.066   6.701   10.330  1.00 14.44 ? 15  ASP A OD1 1 
ATOM   138 O OD2 . ASP A 1 15 ? 8.801   7.906   9.833   1.00 16.04 ? 15  ASP A OD2 1 
ATOM   139 N N   . LYS A 1 16 ? 4.271   10.437  8.194   1.00 9.79  ? 16  LYS A N   1 
ATOM   140 C CA  . LYS A 1 16 ? 3.453   11.619  7.904   1.00 9.57  ? 16  LYS A CA  1 
ATOM   141 C C   . LYS A 1 16 ? 2.008   11.343  8.247   1.00 9.26  ? 16  LYS A C   1 
ATOM   142 O O   . LYS A 1 16 ? 1.337   12.168  8.922   1.00 9.18  ? 16  LYS A O   1 
ATOM   143 C CB  . LYS A 1 16 ? 3.533   11.963  6.398   1.00 12.14 ? 16  LYS A CB  1 
ATOM   144 C CG  . LYS A 1 16 ? 2.605   13.096  5.908   1.00 14.25 ? 16  LYS A CG  1 
ATOM   145 C CD  . LYS A 1 16 ? 2.472   13.134  4.381   1.00 17.43 ? 16  LYS A CD  1 
ATOM   146 C CE  . LYS A 1 16 ? 1.427   14.177  3.970   1.00 22.53 ? 16  LYS A CE  1 
ATOM   147 N NZ  . LYS A 1 16 ? 1.563   14.553  2.539   1.00 28.28 ? 16  LYS A NZ  1 
ATOM   148 N N   . LEU A 1 17 ? 1.474   10.196  7.836   1.00 7.54  ? 17  LEU A N   1 
ATOM   149 C CA  . LEU A 1 17 ? 0.080   9.864   8.197   1.00 7.98  ? 17  LEU A CA  1 
ATOM   150 C C   . LEU A 1 17 ? -0.118  9.790   9.682   1.00 8.15  ? 17  LEU A C   1 
ATOM   151 O O   . LEU A 1 17 ? -1.175  10.246  10.176  1.00 7.59  ? 17  LEU A O   1 
ATOM   152 C CB  . LEU A 1 17 ? -0.359  8.581   7.480   1.00 8.00  ? 17  LEU A CB  1 
ATOM   153 C CG  . LEU A 1 17 ? -0.956  8.808   6.084   1.00 9.23  ? 17  LEU A CG  1 
ATOM   154 C CD1 . LEU A 1 17 ? -0.855  7.552   5.250   1.00 8.90  ? 17  LEU A CD1 1 
ATOM   155 C CD2 . LEU A 1 17 ? -2.350  9.311   6.167   1.00 11.66 ? 17  LEU A CD2 1 
ATOM   156 N N   . LEU A 1 18 ? 0.785   9.154   10.402  1.00 7.98  ? 18  LEU A N   1 
ATOM   157 C CA  . LEU A 1 18 ? 0.619   9.037   11.838  1.00 8.61  ? 18  LEU A CA  1 
ATOM   158 C C   . LEU A 1 18 ? 0.474   10.434  12.509  1.00 8.12  ? 18  LEU A C   1 
ATOM   159 O O   . LEU A 1 18 ? -0.391  10.615  13.367  1.00 8.54  ? 18  LEU A O   1 
ATOM   160 C CB  . LEU A 1 18 ? 1.816   8.335   12.423  1.00 10.72 ? 18  LEU A CB  1 
ATOM   161 C CG  . LEU A 1 18 ? 1.839   6.830   12.369  1.00 14.58 ? 18  LEU A CG  1 
ATOM   162 C CD1 . LEU A 1 18 ? 3.065   6.430   13.181  1.00 17.00 ? 18  LEU A CD1 1 
ATOM   163 C CD2 . LEU A 1 18 ? 0.660   6.242   13.130  1.00 17.67 ? 18  LEU A CD2 1 
ATOM   164 N N   . LEU A 1 19 ? 1.285   11.381  12.038  1.00 8.33  ? 19  LEU A N   1 
ATOM   165 C CA  . LEU A 1 19 ? 1.212   12.756  12.594  1.00 9.61  ? 19  LEU A CA  1 
ATOM   166 C C   . LEU A 1 19 ? -0.097  13.394  12.235  1.00 9.54  ? 19  LEU A C   1 
ATOM   167 O O   . LEU A 1 19 ? -0.491  14.399  12.893  1.00 12.52 ? 19  LEU A O   1 
ATOM   168 C CB  . LEU A 1 19 ? 2.357   13.617  12.075  1.00 11.62 ? 19  LEU A CB  1 
ATOM   169 C CG  . LEU A 1 19 ? 3.550   13.347  12.942  1.00 13.31 ? 19  LEU A CG  1 
ATOM   170 C CD1 . LEU A 1 19 ? 4.852   13.645  12.159  1.00 15.45 ? 19  LEU A CD1 1 
ATOM   171 C CD2 . LEU A 1 19 ? 3.447   14.090  14.289  1.00 14.02 ? 19  LEU A CD2 1 
ATOM   172 N N   . ASN A 1 20 ? -0.800  12.947  11.209  1.00 9.35  ? 20  ASN A N   1 
ATOM   173 C CA  . ASN A 1 20 ? -2.090  13.455  10.838  1.00 10.76 ? 20  ASN A CA  1 
ATOM   174 C C   . ASN A 1 20 ? -3.237  12.609  11.368  1.00 9.73  ? 20  ASN A C   1 
ATOM   175 O O   . ASN A 1 20 ? -4.341  12.701  10.851  1.00 12.65 ? 20  ASN A O   1 
ATOM   176 C CB  . ASN A 1 20 ? -2.182  13.579  9.301   1.00 12.88 ? 20  ASN A CB  1 
ATOM   177 C CG  . ASN A 1 20 ? -1.221  14.627  8.704   1.00 15.06 ? 20  ASN A CG  1 
ATOM   178 O OD1 . ASN A 1 20 ? -0.975  15.639  9.337   1.00 16.98 ? 20  ASN A OD1 1 
ATOM   179 N ND2 . ASN A 1 20 ? -0.831  14.461  7.443   1.00 17.53 ? 20  ASN A ND2 1 
ATOM   180 N N   . GLY A 1 21 ? -2.983  11.770  12.359  1.00 9.51  ? 21  GLY A N   1 
ATOM   181 C CA  . GLY A 1 21 ? -4.053  11.072  13.014  1.00 10.95 ? 21  GLY A CA  1 
ATOM   182 C C   . GLY A 1 21 ? -4.395  9.696   12.471  1.00 9.19  ? 21  GLY A C   1 
ATOM   183 O O   . GLY A 1 21 ? -5.386  9.135   12.843  1.00 9.65  ? 21  GLY A O   1 
ATOM   184 N N   . PHE A 1 22 ? -3.620  9.170   11.535  1.00 9.01  ? 22  PHE A N   1 
ATOM   185 C CA  . PHE A 1 22 ? -3.971  7.852   10.918  1.00 8.00  ? 22  PHE A CA  1 
ATOM   186 C C   . PHE A 1 22 ? -3.924  6.731   11.951  1.00 7.68  ? 22  PHE A C   1 
ATOM   187 O O   . PHE A 1 22 ? -2.991  6.642   12.758  1.00 8.39  ? 22  PHE A O   1 
ATOM   188 C CB  . PHE A 1 22 ? -2.917  7.613   9.874   1.00 8.55  ? 22  PHE A CB  1 
ATOM   189 C CG  . PHE A 1 22 ? -3.060  6.287   9.115   1.00 7.76  ? 22  PHE A CG  1 
ATOM   190 C CD1 . PHE A 1 22 ? -4.172  6.074   8.333   1.00 8.99  ? 22  PHE A CD1 1 
ATOM   191 C CD2 . PHE A 1 22 ? -2.107  5.305   9.212   1.00 8.62  ? 22  PHE A CD2 1 
ATOM   192 C CE1 . PHE A 1 22 ? -4.292  4.886   7.593   1.00 8.67  ? 22  PHE A CE1 1 
ATOM   193 C CE2 . PHE A 1 22 ? -2.225  4.141   8.478   1.00 7.77  ? 22  PHE A CE2 1 
ATOM   194 C CZ  . PHE A 1 22 ? -3.279  3.951   7.664   1.00 8.86  ? 22  PHE A CZ  1 
ATOM   195 N N   . ASP A 1 23 ? -4.969  5.910   11.888  1.00 8.06  ? 23  ASP A N   1 
ATOM   196 C CA  . ASP A 1 23 ? -5.091  4.690   12.657  1.00 8.62  ? 23  ASP A CA  1 
ATOM   197 C C   . ASP A 1 23 ? -4.676  3.507   11.745  1.00 8.89  ? 23  ASP A C   1 
ATOM   198 O O   . ASP A 1 23 ? -5.384  3.272   10.770  1.00 9.95  ? 23  ASP A O   1 
ATOM   199 C CB  . ASP A 1 23 ? -6.543  4.572   13.150  1.00 10.48 ? 23  ASP A CB  1 
ATOM   200 C CG  . ASP A 1 23 ? -6.814  3.304   13.937  1.00 14.89 ? 23  ASP A CG  1 
ATOM   201 O OD1 . ASP A 1 23 ? -6.152  2.298   13.824  1.00 14.86 ? 23  ASP A OD1 1 
ATOM   202 O OD2 . ASP A 1 23 ? -7.861  3.258   14.679  1.00 22.24 ? 23  ASP A OD2 1 
ATOM   203 N N   . ASP A 1 24 ? -3.631  2.798   12.057  1.00 7.96  ? 24  ASP A N   1 
ATOM   204 C CA  . ASP A 1 24 ? -3.124  1.751   11.182  1.00 8.24  ? 24  ASP A CA  1 
ATOM   205 C C   . ASP A 1 24 ? -3.704  0.377   11.394  1.00 8.50  ? 24  ASP A C   1 
ATOM   206 O O   . ASP A 1 24 ? -3.189  -0.614  10.847  1.00 8.10  ? 24  ASP A O   1 
ATOM   207 C CB  . ASP A 1 24 ? -1.583  1.729   11.291  1.00 10.34 ? 24  ASP A CB  1 
ATOM   208 C CG  . ASP A 1 24 ? -1.078  1.217   12.599  1.00 10.55 ? 24  ASP A CG  1 
ATOM   209 O OD1 . ASP A 1 24 ? -1.908  0.998   13.512  1.00 11.84 ? 24  ASP A OD1 1 
ATOM   210 O OD2 . ASP A 1 24 ? 0.151   1.011   12.716  1.00 12.92 ? 24  ASP A OD2 1 
ATOM   211 N N   . SER A 1 25 ? -4.820  0.250   12.116  1.00 7.85  ? 25  SER A N   1 
ATOM   212 C CA  . SER A 1 25 ? -5.316  -1.083  12.426  1.00 8.97  ? 25  SER A CA  1 
ATOM   213 C C   . SER A 1 25 ? -5.776  -1.836  11.192  1.00 7.94  ? 25  SER A C   1 
ATOM   214 O O   . SER A 1 25 ? -5.438  -3.023  11.011  1.00 8.00  ? 25  SER A O   1 
ATOM   215 C CB  . SER A 1 25 ? -6.326  -1.019  13.516  1.00 10.86 ? 25  SER A CB  1 
ATOM   216 O OG  . SER A 1 25 ? -7.456  -0.457  13.074  1.00 16.50 ? 25  SER A OG  1 
ATOM   217 N N   . VAL A 1 26 ? -6.538  -1.191  10.317  1.00 7.30  ? 26  VAL A N   1 
ATOM   218 C CA  . VAL A 1 26 ? -6.953  -1.830  9.121   1.00 7.62  ? 26  VAL A CA  1 
ATOM   219 C C   . VAL A 1 26 ? -5.746  -2.126  8.203   1.00 7.14  ? 26  VAL A C   1 
ATOM   220 O O   . VAL A 1 26 ? -5.660  -3.229  7.599   1.00 7.97  ? 26  VAL A O   1 
ATOM   221 C CB  . VAL A 1 26 ? -8.041  -1.003  8.365   1.00 9.25  ? 26  VAL A CB  1 
ATOM   222 C CG1 . VAL A 1 26 ? -8.363  -1.624  7.023   1.00 11.08 ? 26  VAL A CG1 1 
ATOM   223 C CG2 . VAL A 1 26 ? -9.277  -0.970  9.261   1.00 12.69 ? 26  VAL A CG2 1 
ATOM   224 N N   . LEU A 1 27 ? -4.852  -1.173  8.072   1.00 7.18  ? 27  LEU A N   1 
ATOM   225 C CA  . LEU A 1 27 ? -3.638  -1.388  7.323   1.00 6.72  ? 27  LEU A CA  1 
ATOM   226 C C   . LEU A 1 27 ? -2.926  -2.678  7.765   1.00 6.51  ? 27  LEU A C   1 
ATOM   227 O O   . LEU A 1 27 ? -2.438  -3.464  6.931   1.00 6.47  ? 27  LEU A O   1 
ATOM   228 C CB  . LEU A 1 27 ? -2.672  -0.219  7.390   1.00 6.85  ? 27  LEU A CB  1 
ATOM   229 C CG  . LEU A 1 27 ? -1.326  -0.381  6.727   1.00 6.26  ? 27  LEU A CG  1 
ATOM   230 C CD1 . LEU A 1 27 ? -1.467  -0.554  5.210   1.00 7.32  ? 27  LEU A CD1 1 
ATOM   231 C CD2 . LEU A 1 27 ? -0.485  0.828   7.041   1.00 8.93  ? 27  LEU A CD2 1 
ATOM   232 N N   . ASN A 1 28 ? -2.727  -2.866  9.063   1.00 6.23  ? 28  ASN A N   1 
ATOM   233 C CA  . ASN A 1 28 ? -2.040  -4.032  9.530   1.00 6.35  ? 28  ASN A CA  1 
ATOM   234 C C   . ASN A 1 28 ? -2.758  -5.312  9.120   1.00 5.67  ? 28  ASN A C   1 
ATOM   235 O O   . ASN A 1 28 ? -2.093  -6.328  8.815   1.00 5.74  ? 28  ASN A O   1 
ATOM   236 C CB  . ASN A 1 28 ? -1.793  -3.949  11.053  1.00 7.52  ? 28  ASN A CB  1 
ATOM   237 C CG  . ASN A 1 28 ? -0.746  -2.979  11.436  1.00 8.67  ? 28  ASN A CG  1 
ATOM   238 O OD1 . ASN A 1 28 ? 0.146   -2.687  10.660  1.00 9.75  ? 28  ASN A OD1 1 
ATOM   239 N ND2 . ASN A 1 28 ? -0.907  -2.385  12.625  1.00 11.05 ? 28  ASN A ND2 1 
ATOM   240 N N   . GLU A 1 29 ? -4.063  -5.300  9.209   1.00 5.99  ? 29  GLU A N   1 
ATOM   241 C CA  . GLU A 1 29 ? -4.805  -6.464  8.782   1.00 6.51  ? 29  GLU A CA  1 
ATOM   242 C C   . GLU A 1 29 ? -4.659  -6.741  7.302   1.00 6.15  ? 29  GLU A C   1 
ATOM   243 O O   . GLU A 1 29 ? -4.514  -7.902  6.868   1.00 6.33  ? 29  GLU A O   1 
ATOM   244 C CB  . GLU A 1 29 ? -6.275  -6.283  9.119   1.00 7.95  ? 29  GLU A CB  1 
ATOM   245 C CG  . GLU A 1 29 ? -7.200  -7.443  8.819   1.00 10.02 ? 29  GLU A CG  1 
ATOM   246 C CD  . GLU A 1 29 ? -8.636  -6.961  8.903   1.00 10.99 ? 29  GLU A CD  1 
ATOM   247 O OE1 . GLU A 1 29 ? -9.075  -6.148  8.056   1.00 15.76 ? 29  GLU A OE1 1 
ATOM   248 O OE2 . GLU A 1 29 ? -9.317  -7.309  9.822   1.00 11.17 ? 29  GLU A OE2 1 
ATOM   249 N N   . VAL A 1 30 ? -4.702  -5.685  6.496   1.00 6.00  ? 30  VAL A N   1 
ATOM   250 C CA  . VAL A 1 30 ? -4.490  -5.810  5.027   1.00 6.72  ? 30  VAL A CA  1 
ATOM   251 C C   . VAL A 1 30 ? -3.077  -6.369  4.730   1.00 6.14  ? 30  VAL A C   1 
ATOM   252 O O   . VAL A 1 30 ? -2.937  -7.286  3.906   1.00 6.20  ? 30  VAL A O   1 
ATOM   253 C CB  . VAL A 1 30 ? -4.667  -4.461  4.347   1.00 7.76  ? 30  VAL A CB  1 
ATOM   254 C CG1 . VAL A 1 30 ? -4.092  -4.469  2.875   1.00 8.66  ? 30  VAL A CG1 1 
ATOM   255 C CG2 . VAL A 1 30 ? -6.115  -4.006  4.398   1.00 9.29  ? 30  VAL A CG2 1 
ATOM   256 N N   . ILE A 1 31 ? -2.063  -5.838  5.435   1.00 6.08  ? 31  ILE A N   1 
ATOM   257 C CA  . ILE A 1 31 ? -0.723  -6.300  5.201   1.00 6.28  ? 31  ILE A CA  1 
ATOM   258 C C   . ILE A 1 31 ? -0.629  -7.787  5.506   1.00 5.82  ? 31  ILE A C   1 
ATOM   259 O O   . ILE A 1 31 ? -0.010  -8.550  4.739   1.00 6.18  ? 31  ILE A O   1 
ATOM   260 C CB  . ILE A 1 31 ? 0.294   -5.459  6.011   1.00 6.70  ? 31  ILE A CB  1 
ATOM   261 C CG1 . ILE A 1 31 ? 0.434   -4.070  5.372   1.00 7.31  ? 31  ILE A CG1 1 
ATOM   262 C CG2 . ILE A 1 31 ? 1.643   -6.171  6.087   1.00 7.58  ? 31  ILE A CG2 1 
ATOM   263 C CD1 . ILE A 1 31 ? 1.122   -3.092  6.255   1.00 7.86  ? 31  ILE A CD1 1 
ATOM   264 N N   . LEU A 1 32 ? -1.220  -8.231  6.625   1.00 5.77  ? 32  LEU A N   1 
ATOM   265 C CA  . LEU A 1 32 ? -1.115  -9.641  6.949   1.00 6.35  ? 32  LEU A CA  1 
ATOM   266 C C   . LEU A 1 32 ? -1.791  -10.501 5.864   1.00 6.46  ? 32  LEU A C   1 
ATOM   267 O O   . LEU A 1 32 ? -1.250  -11.556 5.455   1.00 7.09  ? 32  LEU A O   1 
ATOM   268 C CB  . LEU A 1 32 ? -1.739  -9.885  8.330   1.00 7.08  ? 32  LEU A CB  1 
ATOM   269 C CG  . LEU A 1 32 ? -1.712  -11.383 8.757   1.00 7.51  ? 32  LEU A CG  1 
ATOM   270 C CD1 . LEU A 1 32 ? -0.304  -11.903 8.885   1.00 8.25  ? 32  LEU A CD1 1 
ATOM   271 C CD2 . LEU A 1 32 ? -2.527  -11.553 10.053  1.00 9.51  ? 32  LEU A CD2 1 
ATOM   272 N N   . THR A 1 33 ? -2.967  -10.079 5.415   1.00 6.25  ? 33  THR A N   1 
ATOM   273 C CA  . THR A 1 33 ? -3.672  -10.799 4.365   1.00 6.88  ? 33  THR A CA  1 
ATOM   274 C C   . THR A 1 33 ? -2.811  -10.914 3.095   1.00 6.07  ? 33  THR A C   1 
ATOM   275 O O   . THR A 1 33 ? -2.724  -11.989 2.530   1.00 6.41  ? 33  THR A O   1 
ATOM   276 C CB  . THR A 1 33 ? -4.983  -10.073 4.044   1.00 7.41  ? 33  THR A CB  1 
ATOM   277 O OG1 . THR A 1 33 ? -5.765  -10.061 5.261   1.00 9.82  ? 33  THR A OG1 1 
ATOM   278 C CG2 . THR A 1 33 ? -5.790  -10.747 2.974   1.00 8.92  ? 33  THR A CG2 1 
ATOM   279 N N   . LEU A 1 34 ? -2.221  -9.801  2.680   1.00 5.50  ? 34  LEU A N   1 
ATOM   280 C CA  . LEU A 1 34 ? -1.342  -9.819  1.512   1.00 6.25  ? 34  LEU A CA  1 
ATOM   281 C C   . LEU A 1 34 ? -0.120  -10.692 1.731   1.00 6.33  ? 34  LEU A C   1 
ATOM   282 O O   . LEU A 1 34 ? 0.277   -11.421 0.801   1.00 6.76  ? 34  LEU A O   1 
ATOM   283 C CB  . LEU A 1 34 ? -0.895  -8.394  1.201   1.00 6.23  ? 34  LEU A CB  1 
ATOM   284 C CG  . LEU A 1 34 ? -2.009  -7.431  0.661   1.00 6.11  ? 34  LEU A CG  1 
ATOM   285 C CD1 . LEU A 1 34 ? -1.495  -6.011  0.493   1.00 6.27  ? 34  LEU A CD1 1 
ATOM   286 C CD2 . LEU A 1 34 ? -2.630  -7.949  -0.643  1.00 6.73  ? 34  LEU A CD2 1 
ATOM   287 N N   . ARG A 1 35 ? 0.479   -10.689 2.914   1.00 6.24  ? 35  ARG A N   1 
ATOM   288 C CA  . ARG A 1 35 ? 1.615   -11.518 3.172   1.00 6.45  ? 35  ARG A CA  1 
ATOM   289 C C   . ARG A 1 35 ? 1.277   -12.974 3.084   1.00 6.94  ? 35  ARG A C   1 
ATOM   290 O O   . ARG A 1 35 ? 2.144   -13.823 2.736   1.00 6.98  ? 35  ARG A O   1 
ATOM   291 C CB  . ARG A 1 35 ? 2.158   -11.256 4.596   1.00 6.87  ? 35  ARG A CB  1 
ATOM   292 C CG  . ARG A 1 35 ? 2.882   -9.911  4.703   1.00 6.88  ? 35  ARG A CG  1 
ATOM   293 C CD  . ARG A 1 35 ? 3.473   -9.673  6.073   1.00 6.56  ? 35  ARG A CD  1 
ATOM   294 N NE  . ARG A 1 35 ? 4.603   -10.612 6.287   1.00 7.58  ? 35  ARG A NE  1 
ATOM   295 C CZ  . ARG A 1 35 ? 5.184   -10.845 7.444   1.00 10.00 ? 35  ARG A CZ  1 
ATOM   296 N NH1 . ARG A 1 35 ? 4.738   -10.272 8.559   1.00 13.66 ? 35  ARG A NH1 1 
ATOM   297 N NH2 . ARG A 1 35 ? 6.223   -11.664 7.467   1.00 11.65 ? 35  ARG A NH2 1 
ATOM   298 N N   . LYS A 1 36 ? 0.019   -13.297 3.386   1.00 6.62  ? 36  LYS A N   1 
ATOM   299 C CA  . LYS A 1 36 ? -0.445  -14.677 3.324   1.00 8.18  ? 36  LYS A CA  1 
ATOM   300 C C   . LYS A 1 36 ? -0.973  -15.048 1.946   1.00 7.83  ? 36  LYS A C   1 
ATOM   301 O O   . LYS A 1 36 ? -1.487  -16.194 1.761   1.00 9.43  ? 36  LYS A O   1 
ATOM   302 C CB  . LYS A 1 36 ? -1.537  -14.889 4.382   1.00 7.52  ? 36  LYS A CB  1 
ATOM   303 C CG  . LYS A 1 36 ? -0.998  -14.837 5.796   1.00 9.49  ? 36  LYS A CG  1 
ATOM   304 C CD  . LYS A 1 36 ? -2.087  -15.001 6.846   1.00 12.01 ? 36  LYS A CD  1 
ATOM   305 C CE  . LYS A 1 36 ? -2.681  -16.394 6.885   1.00 15.66 ? 36  LYS A CE  1 
ATOM   306 N NZ  . LYS A 1 36 ? -3.632  -16.631 8.054   1.00 19.44 ? 36  LYS A NZ  1 
ATOM   307 N N   . LYS A 1 37 ? -0.883  -14.152 0.971   1.00 8.18  ? 37  LYS A N   1 
ATOM   308 C CA  . LYS A 1 37 ? -1.364  -14.432 -0.393  1.00 7.94  ? 37  LYS A CA  1 
ATOM   309 C C   . LYS A 1 37 ? -2.836  -14.807 -0.386  1.00 9.39  ? 37  LYS A C   1 
ATOM   310 O O   . LYS A 1 37 ? -3.240  -15.815 -1.027  1.00 10.59 ? 37  LYS A O   1 
ATOM   311 C CB  . LYS A 1 37 ? -0.481  -15.491 -1.111  1.00 9.39  ? 37  LYS A CB  1 
ATOM   312 C CG  . LYS A 1 37 ? 0.949   -15.018 -1.309  1.00 9.83  ? 37  LYS A CG  1 
ATOM   313 C CD  . LYS A 1 37 ? 1.769   -16.105 -2.009  1.00 13.20 ? 37  LYS A CD  1 
ATOM   314 C CE  . LYS A 1 37 ? 3.141   -15.571 -2.403  1.00 17.91 ? 37  LYS A CE  1 
ATOM   315 N NZ  . LYS A 1 37 ? 4.019   -16.768 -2.723  1.00 21.49 ? 37  LYS A NZ  1 
ATOM   316 N N   . GLU A 1 38 ? -3.605  -14.031 0.335   1.00 8.42  ? 38  GLU A N   1 
ATOM   317 C CA  . GLU A 1 38 ? -5.021  -14.185 0.368   1.00 9.05  ? 38  GLU A CA  1 
ATOM   318 C C   . GLU A 1 38 ? -5.686  -12.925 -0.221  1.00 10.14 ? 38  GLU A C   1 
ATOM   319 O O   . GLU A 1 38 ? -5.134  -11.837 -0.176  1.00 9.86  ? 38  GLU A O   1 
ATOM   320 C CB  . GLU A 1 38 ? -5.526  -14.403 1.788   1.00 10.30 ? 38  GLU A CB  1 
ATOM   321 C CG  . GLU A 1 38 ? -5.016  -15.746 2.360   1.00 9.99  ? 38  GLU A CG  1 
ATOM   322 C CD  . GLU A 1 38 ? -5.299  -15.942 3.847   1.00 13.62 ? 38  GLU A CD  1 
ATOM   323 O OE1 . GLU A 1 38 ? -5.704  -15.016 4.506   1.00 16.15 ? 38  GLU A OE1 1 
ATOM   324 O OE2 . GLU A 1 38 ? -5.004  -17.031 4.283   1.00 16.52 ? 38  GLU A OE2 1 
ATOM   325 N N   . PRO A 1 39 ? -6.899  -13.109 -0.795  1.00 10.00 ? 39  PRO A N   1 
ATOM   326 C CA  . PRO A 1 39 ? -7.572  -11.945 -1.510  1.00 10.80 ? 39  PRO A CA  1 
ATOM   327 C C   . PRO A 1 39 ? -8.127  -10.953 -0.520  1.00 10.77 ? 39  PRO A C   1 
ATOM   328 O O   . PRO A 1 39 ? -8.580  -11.287 0.591   1.00 12.26 ? 39  PRO A O   1 
ATOM   329 C CB  . PRO A 1 39 ? -8.654  -12.640 -2.335  1.00 12.76 ? 39  PRO A CB  1 
ATOM   330 C CG  . PRO A 1 39 ? -8.985  -13.865 -1.544  1.00 12.01 ? 39  PRO A CG  1 
ATOM   331 C CD  . PRO A 1 39 ? -7.693  -14.348 -0.936  1.00 11.65 ? 39  PRO A CD  1 
ATOM   332 N N   . LEU A 1 40 ? -8.112  -9.691  -0.922  1.00 9.16  ? 40  LEU A N   1 
ATOM   333 C CA  . LEU A 1 40 ? -8.724  -8.655  -0.123  1.00 9.96  ? 40  LEU A CA  1 
ATOM   334 C C   . LEU A 1 40 ? -10.258 -8.567  -0.435  1.00 10.82 ? 40  LEU A C   1 
ATOM   335 O O   . LEU A 1 40 ? -10.724 -8.882  -1.521  1.00 12.89 ? 40  LEU A O   1 
ATOM   336 C CB  . LEU A 1 40 ? -8.065  -7.351  -0.413  1.00 8.95  ? 40  LEU A CB  1 
ATOM   337 C CG  . LEU A 1 40 ? -6.618  -7.235  0.028   1.00 9.28  ? 40  LEU A CG  1 
ATOM   338 C CD1 . LEU A 1 40 ? -6.034  -5.911  -0.349  1.00 9.64  ? 40  LEU A CD1 1 
ATOM   339 C CD2 . LEU A 1 40 ? -6.497  -7.337  1.569   1.00 12.57 ? 40  LEU A CD2 1 
ATOM   340 N N   . ASP A 1 41 ? -11.019 -8.170  0.567   1.00 13.23 ? 41  ASP A N   1 
ATOM   341 C CA  . ASP A 1 41 ? -12.465 -8.097  0.378   1.00 14.04 ? 41  ASP A CA  1 
ATOM   342 C C   . ASP A 1 41 ? -12.825 -6.818  -0.408  1.00 12.14 ? 41  ASP A C   1 
ATOM   343 O O   . ASP A 1 41 ? -11.971 -5.994  -0.681  1.00 10.89 ? 41  ASP A O   1 
ATOM   344 C CB  . ASP A 1 41 ? -13.160 -8.193  1.677   1.00 16.91 ? 41  ASP A CB  1 
ATOM   345 C CG  . ASP A 1 41 ? -13.079 -6.990  2.416   1.00 18.96 ? 41  ASP A CG  1 
ATOM   346 O OD1 . ASP A 1 41 ? -12.480 -7.031  3.492   1.00 23.08 ? 41  ASP A OD1 1 
ATOM   347 O OD2 . ASP A 1 41 ? -13.715 -5.953  1.993   1.00 22.62 ? 41  ASP A OD2 1 
ATOM   348 N N   . PRO A 1 42 ? -14.081 -6.669  -0.852  1.00 11.96 ? 42  PRO A N   1 
ATOM   349 C CA  . PRO A 1 42 ? -14.380 -5.724  -1.896  1.00 12.31 ? 42  PRO A CA  1 
ATOM   350 C C   . PRO A 1 42 ? -14.221 -4.285  -1.513  1.00 10.79 ? 42  PRO A C   1 
ATOM   351 O O   . PRO A 1 42 ? -13.987 -3.477  -2.422  1.00 11.81 ? 42  PRO A O   1 
ATOM   352 C CB  . PRO A 1 42 ? -15.869 -6.043  -2.245  1.00 14.89 ? 42  PRO A CB  1 
ATOM   353 C CG  . PRO A 1 42 ? -16.010 -7.464  -1.878  1.00 17.80 ? 42  PRO A CG  1 
ATOM   354 C CD  . PRO A 1 42 ? -15.256 -7.564  -0.583  1.00 15.67 ? 42  PRO A CD  1 
ATOM   355 N N   . GLN A 1 43 ? -14.291 -3.952  -0.259  1.00 10.54 ? 43  GLN A N   1 
ATOM   356 C CA  . GLN A 1 43 ? -14.109 -2.606  0.130   1.00 13.11 ? 43  GLN A CA  1 
ATOM   357 C C   . GLN A 1 43 ? -12.721 -2.061  -0.221  1.00 10.11 ? 43  GLN A C   1 
ATOM   358 O O   . GLN A 1 43 ? -12.595 -0.890  -0.325  1.00 12.23 ? 43  GLN A O   1 
ATOM   359 C CB  . GLN A 1 43 ? -14.471 -2.382  1.625   1.00 18.56 ? 43  GLN A CB  1 
ATOM   360 C CG  . GLN A 1 43 ? -13.745 -3.267  2.595   1.00 25.43 ? 43  GLN A CG  1 
ATOM   361 C CD  . GLN A 1 43 ? -14.435 -3.412  3.946   1.00 31.42 ? 43  GLN A CD  1 
ATOM   362 O OE1 . GLN A 1 43 ? -14.269 -4.433  4.609   1.00 34.06 ? 43  GLN A OE1 1 
ATOM   363 N NE2 . GLN A 1 43 ? -15.188 -2.363  4.381   1.00 35.22 ? 43  GLN A NE2 1 
ATOM   364 N N   . PHE A 1 44 ? -11.744 -2.979  -0.375  1.00 9.82  ? 44  PHE A N   1 
ATOM   365 C CA  . PHE A 1 44 ? -10.347 -2.538  -0.528  1.00 8.95  ? 44  PHE A CA  1 
ATOM   366 C C   . PHE A 1 44 ? -10.085 -2.164  -1.966  1.00 8.74  ? 44  PHE A C   1 
ATOM   367 O O   . PHE A 1 44 ? -9.010  -1.629  -2.294  1.00 8.52  ? 44  PHE A O   1 
ATOM   368 C CB  . PHE A 1 44 ? -9.416  -3.581  0.014   1.00 10.50 ? 44  PHE A CB  1 
ATOM   369 C CG  . PHE A 1 44 ? -9.497  -3.668  1.499   1.00 9.84  ? 44  PHE A CG  1 
ATOM   370 C CD1 . PHE A 1 44 ? -9.085  -2.636  2.264   1.00 12.14 ? 44  PHE A CD1 1 
ATOM   371 C CD2 . PHE A 1 44 ? -10.140 -4.732  2.106   1.00 11.38 ? 44  PHE A CD2 1 
ATOM   372 C CE1 . PHE A 1 44 ? -9.171  -2.645  3.686   1.00 13.03 ? 44  PHE A CE1 1 
ATOM   373 C CE2 . PHE A 1 44 ? -10.220 -4.766  3.519   1.00 13.53 ? 44  PHE A CE2 1 
ATOM   374 C CZ  . PHE A 1 44 ? -9.794  -3.706  4.292   1.00 14.58 ? 44  PHE A CZ  1 
ATOM   375 N N   . GLN A 1 45 ? -10.970 -2.482  -2.922  1.00 7.89  ? 45  GLN A N   1 
ATOM   376 C CA  . GLN A 1 45 ? -10.724 -2.090  -4.349  1.00 9.18  ? 45  GLN A CA  1 
ATOM   377 C C   . GLN A 1 45 ? -9.349  -2.464  -4.822  1.00 7.76  ? 45  GLN A C   1 
ATOM   378 O O   . GLN A 1 45 ? -8.695  -1.731  -5.547  1.00 8.11  ? 45  GLN A O   1 
ATOM   379 C CB  . GLN A 1 45 ? -10.947 -0.613  -4.562  1.00 9.72  ? 45  GLN A CB  1 
ATOM   380 C CG  . GLN A 1 45 ? -12.425 -0.218  -4.296  1.00 13.02 ? 45  GLN A CG  1 
ATOM   381 C CD  . GLN A 1 45 ? -12.587 1.277   -4.547  1.00 15.30 ? 45  GLN A CD  1 
ATOM   382 O OE1 . GLN A 1 45 ? -12.229 1.778   -5.598  1.00 19.43 ? 45  GLN A OE1 1 
ATOM   383 N NE2 . GLN A 1 45 ? -13.067 1.986   -3.560  1.00 20.00 ? 45  GLN A NE2 1 
ATOM   384 N N   . ASP A 1 46 ? -8.948  -3.675  -4.483  1.00 7.60  ? 46  ASP A N   1 
ATOM   385 C CA  . ASP A 1 46 ? -7.575  -4.143  -4.803  1.00 7.15  ? 46  ASP A CA  1 
ATOM   386 C C   . ASP A 1 46 ? -7.448  -4.408  -6.321  1.00 7.06  ? 46  ASP A C   1 
ATOM   387 O O   . ASP A 1 46 ? -8.363  -5.047  -6.926  1.00 8.10  ? 46  ASP A O   1 
ATOM   388 C CB  . ASP A 1 46 ? -7.275  -5.439  -4.025  1.00 7.28  ? 46  ASP A CB  1 
ATOM   389 C CG  . ASP A 1 46 ? -5.871  -5.851  -4.170  1.00 7.53  ? 46  ASP A CG  1 
ATOM   390 O OD1 . ASP A 1 46 ? -5.016  -5.044  -3.873  1.00 8.12  ? 46  ASP A OD1 1 
ATOM   391 O OD2 . ASP A 1 46 ? -5.593  -6.992  -4.602  1.00 9.07  ? 46  ASP A OD2 1 
ATOM   392 N N   . HIS A 1 47 ? -6.427  -3.917  -6.963  1.00 6.79  ? 47  HIS A N   1 
ATOM   393 C CA  . HIS A 1 47 ? -6.248  -4.121  -8.394  1.00 7.36  ? 47  HIS A CA  1 
ATOM   394 C C   . HIS A 1 47 ? -4.870  -3.857  -8.847  1.00 7.91  ? 47  HIS A C   1 
ATOM   395 O O   . HIS A 1 47 ? -4.074  -3.247  -8.118  1.00 7.64  ? 47  HIS A O   1 
ATOM   396 C CB  . HIS A 1 47 ? -7.262  -3.229  -9.156  1.00 8.21  ? 47  HIS A CB  1 
ATOM   397 C CG  . HIS A 1 47 ? -7.038  -1.741  -8.977  1.00 8.93  ? 47  HIS A CG  1 
ATOM   398 N ND1 . HIS A 1 47 ? -7.434  -1.042  -7.885  1.00 10.00 ? 47  HIS A ND1 1 
ATOM   399 C CD2 . HIS A 1 47 ? -6.478  -0.821  -9.860  1.00 9.88  ? 47  HIS A CD2 1 
ATOM   400 C CE1 . HIS A 1 47 ? -7.159  0.282   -8.054  1.00 11.67 ? 47  HIS A CE1 1 
ATOM   401 N NE2 . HIS A 1 47 ? -6.515  0.405   -9.239  1.00 10.45 ? 47  HIS A NE2 1 
ATOM   402 N N   . ALA A 1 48 ? -4.544  -4.222  -10.087 1.00 7.74  ? 48  ALA A N   1 
ATOM   403 C CA  . ALA A 1 48 ? -3.278  -3.948  -10.671 1.00 7.08  ? 48  ALA A CA  1 
ATOM   404 C C   . ALA A 1 48 ? -3.255  -2.589  -11.266 1.00 8.05  ? 48  ALA A C   1 
ATOM   405 O O   . ALA A 1 48 ? -4.219  -2.139  -11.958 1.00 8.71  ? 48  ALA A O   1 
ATOM   406 C CB  . ALA A 1 48 ? -2.976  -5.024  -11.728 1.00 8.99  ? 48  ALA A CB  1 
ATOM   407 N N   . LEU A 1 49 ? -2.169  -1.852  -11.031 1.00 6.97  ? 49  LEU A N   1 
ATOM   408 C CA  . LEU A 1 49 ? -1.941  -0.560  -11.705 1.00 8.49  ? 49  LEU A CA  1 
ATOM   409 C C   . LEU A 1 49 ? -1.484  -0.753  -13.136 1.00 9.29  ? 49  LEU A C   1 
ATOM   410 O O   . LEU A 1 49 ? -1.127  -1.854  -13.599 1.00 9.91  ? 49  LEU A O   1 
ATOM   411 C CB  . LEU A 1 49 ? -0.938  0.267   -10.955 1.00 8.01  ? 49  LEU A CB  1 
ATOM   412 C CG  . LEU A 1 49 ? -1.382  0.618   -9.526  1.00 7.79  ? 49  LEU A CG  1 
ATOM   413 C CD1 . LEU A 1 49 ? -0.173  1.263   -8.796  1.00 9.04  ? 49  LEU A CD1 1 
ATOM   414 C CD2 . LEU A 1 49 ? -2.580  1.565   -9.649  1.00 9.74  ? 49  LEU A CD2 1 
ATOM   415 N N   . LYS A 1 50 ? -1.566  0.325   -13.899 1.00 10.77 ? 50  LYS A N   1 
ATOM   416 C CA  . LYS A 1 50 ? -1.231  0.285   -15.348 1.00 11.47 ? 50  LYS A CA  1 
ATOM   417 C C   . LYS A 1 50 ? -0.193  1.274   -15.650 1.00 11.90 ? 50  LYS A C   1 
ATOM   418 O O   . LYS A 1 50 ? 0.280   2.072   -14.868 1.00 10.98 ? 50  LYS A O   1 
ATOM   419 C CB  . LYS A 1 50 ? -2.470  0.515   -16.212 1.00 13.93 ? 50  LYS A CB  1 
ATOM   420 C CG  . LYS A 1 50 ? -3.619  -0.453  -15.885 1.00 15.77 ? 50  LYS A CG  1 
ATOM   421 C CD  . LYS A 1 50 ? -3.543  -1.863  -16.496 1.00 21.94 ? 50  LYS A CD  1 
ATOM   422 C CE  . LYS A 1 50 ? -3.418  -3.044  -15.505 1.00 30.53 ? 50  LYS A CE  1 
ATOM   423 N NZ  . LYS A 1 50 ? -3.760  -4.459  -15.981 1.00 31.76 ? 50  LYS A NZ  1 
ATOM   424 N N   . GLY A 1 51 ? 0.170   1.218   -16.949 1.00 12.13 ? 51  GLY A N   1 
ATOM   425 C CA  . GLY A 1 51 ? 1.179   2.137   -17.468 1.00 13.22 ? 51  GLY A CA  1 
ATOM   426 C C   . GLY A 1 51 ? 2.482   2.138   -16.710 1.00 12.62 ? 51  GLY A C   1 
ATOM   427 O O   . GLY A 1 51 ? 2.979   0.984   -16.439 1.00 13.99 ? 51  GLY A O   1 
ATOM   428 N N   A LYS A 1 52 ? 2.977   3.328   -16.332 0.50 13.74 ? 52  LYS A N   1 
ATOM   429 N N   B LYS A 1 52 ? 2.981   3.324   -16.331 0.50 13.57 ? 52  LYS A N   1 
ATOM   430 C CA  A LYS A 1 52 ? 4.227   3.607   -15.543 0.50 15.48 ? 52  LYS A CA  1 
ATOM   431 C CA  B LYS A 1 52 ? 4.244   3.587   -15.559 0.50 15.28 ? 52  LYS A CA  1 
ATOM   432 C C   A LYS A 1 52 ? 4.389   2.721   -14.342 0.50 13.11 ? 52  LYS A C   1 
ATOM   433 C C   B LYS A 1 52 ? 4.390   2.661   -14.371 0.50 12.98 ? 52  LYS A C   1 
ATOM   434 O O   A LYS A 1 52 ? 5.503   2.484   -13.893 0.50 13.04 ? 52  LYS A O   1 
ATOM   435 O O   B LYS A 1 52 ? 5.495   2.292   -13.983 0.50 13.17 ? 52  LYS A O   1 
ATOM   436 C CB  A LYS A 1 52 ? 4.252   5.024   -14.917 0.50 17.62 ? 52  LYS A CB  1 
ATOM   437 C CB  B LYS A 1 52 ? 4.299   5.019   -14.965 0.50 17.14 ? 52  LYS A CB  1 
ATOM   438 C CG  A LYS A 1 52 ? 4.070   6.128   -15.893 0.50 24.34 ? 52  LYS A CG  1 
ATOM   439 C CG  B LYS A 1 52 ? 3.258   5.923   -15.560 0.50 23.84 ? 52  LYS A CG  1 
ATOM   440 C CD  A LYS A 1 52 ? 3.578   7.356   -15.167 0.50 28.39 ? 52  LYS A CD  1 
ATOM   441 C CD  B LYS A 1 52 ? 3.325   7.298   -14.937 0.50 28.31 ? 52  LYS A CD  1 
ATOM   442 C CE  A LYS A 1 52 ? 2.825   8.200   -16.169 0.50 31.27 ? 52  LYS A CE  1 
ATOM   443 C CE  B LYS A 1 52 ? 2.609   8.243   -15.874 0.50 28.68 ? 52  LYS A CE  1 
ATOM   444 N NZ  A LYS A 1 52 ? 3.832   8.790   -17.112 0.50 37.83 ? 52  LYS A NZ  1 
ATOM   445 N NZ  B LYS A 1 52 ? 3.585   8.792   -16.865 0.50 37.51 ? 52  LYS A NZ  1 
ATOM   446 N N   . TRP A 1 53 ? 3.256   2.338   -13.751 1.00 11.55 ? 53  TRP A N   1 
ATOM   447 C CA  . TRP A 1 53 ? 3.245   1.759   -12.384 1.00 10.12 ? 53  TRP A CA  1 
ATOM   448 C C   . TRP A 1 53 ? 3.279   0.292   -12.406 1.00 9.18  ? 53  TRP A C   1 
ATOM   449 O O   . TRP A 1 53 ? 3.420   -0.295  -11.320 1.00 10.59 ? 53  TRP A O   1 
ATOM   450 C CB  . TRP A 1 53 ? 2.079   2.317   -11.575 1.00 11.01 ? 53  TRP A CB  1 
ATOM   451 C CG  . TRP A 1 53 ? 2.301   3.751   -11.274 1.00 12.46 ? 53  TRP A CG  1 
ATOM   452 C CD1 . TRP A 1 53 ? 1.657   4.851   -11.882 1.00 13.89 ? 53  TRP A CD1 1 
ATOM   453 C CD2 . TRP A 1 53 ? 3.220   4.332   -10.347 1.00 16.59 ? 53  TRP A CD2 1 
ATOM   454 N NE1 . TRP A 1 53 ? 2.113   6.023   -11.379 1.00 17.31 ? 53  TRP A NE1 1 
ATOM   455 C CE2 . TRP A 1 53 ? 3.056   5.804   -10.468 1.00 16.60 ? 53  TRP A CE2 1 
ATOM   456 C CE3 . TRP A 1 53 ? 4.145   3.836   -9.459  1.00 19.97 ? 53  TRP A CE3 1 
ATOM   457 C CZ2 . TRP A 1 53 ? 3.804   6.701   -9.721  1.00 22.37 ? 53  TRP A CZ2 1 
ATOM   458 C CZ3 . TRP A 1 53 ? 4.900   4.755   -8.701  1.00 22.18 ? 53  TRP A CZ3 1 
ATOM   459 C CH2 . TRP A 1 53 ? 4.739   6.135   -8.841  1.00 24.06 ? 53  TRP A CH2 1 
ATOM   460 N N   . LYS A 1 54 ? 3.150   -0.388  -13.533 1.00 9.77  ? 54  LYS A N   1 
ATOM   461 C CA  . LYS A 1 54 ? 3.280   -1.831  -13.552 1.00 10.71 ? 54  LYS A CA  1 
ATOM   462 C C   . LYS A 1 54 ? 4.652   -2.233  -13.026 1.00 11.23 ? 54  LYS A C   1 
ATOM   463 O O   . LYS A 1 54 ? 5.646   -1.512  -13.312 1.00 12.31 ? 54  LYS A O   1 
ATOM   464 C CB  . LYS A 1 54 ? 3.108   -2.434  -14.968 1.00 10.93 ? 54  LYS A CB  1 
ATOM   465 C CG  . LYS A 1 54 ? 1.699   -2.250  -15.518 1.00 12.06 ? 54  LYS A CG  1 
ATOM   466 C CD  . LYS A 1 54 ? 1.573   -3.098  -16.787 1.00 15.39 ? 54  LYS A CD  1 
ATOM   467 C CE  . LYS A 1 54 ? 0.212   -3.159  -17.328 1.00 18.43 ? 54  LYS A CE  1 
ATOM   468 N NZ  . LYS A 1 54 ? 0.207   -4.354  -18.254 1.00 20.48 ? 54  LYS A NZ  1 
ATOM   469 N N   . PRO A 1 55 ? 4.763   -3.340  -12.282 1.00 10.08 ? 55  PRO A N   1 
ATOM   470 C CA  . PRO A 1 55 ? 3.780   -4.322  -11.988 1.00 9.01  ? 55  PRO A CA  1 
ATOM   471 C C   . PRO A 1 55 ? 3.046   -4.128  -10.612 1.00 7.62  ? 55  PRO A C   1 
ATOM   472 O O   . PRO A 1 55 ? 2.459   -5.013  -10.086 1.00 7.52  ? 55  PRO A O   1 
ATOM   473 C CB  . PRO A 1 55 ? 4.612   -5.640  -11.944 1.00 10.70 ? 55  PRO A CB  1 
ATOM   474 C CG  . PRO A 1 55 ? 5.906   -5.140  -11.298 1.00 11.43 ? 55  PRO A CG  1 
ATOM   475 C CD  . PRO A 1 55 ? 6.136   -3.796  -11.904 1.00 11.15 ? 55  PRO A CD  1 
ATOM   476 N N   . PHE A 1 56 ? 3.090   -2.896  -10.057 1.00 7.16  ? 56  PHE A N   1 
ATOM   477 C CA  . PHE A 1 56 ? 2.529   -2.667  -8.748  1.00 6.28  ? 56  PHE A CA  1 
ATOM   478 C C   . PHE A 1 56 ? 1.031   -2.797  -8.731  1.00 5.89  ? 56  PHE A C   1 
ATOM   479 O O   . PHE A 1 56 ? 0.352   -2.642  -9.765  1.00 6.71  ? 56  PHE A O   1 
ATOM   480 C CB  . PHE A 1 56 ? 3.009   -1.301  -8.194  1.00 6.95  ? 56  PHE A CB  1 
ATOM   481 C CG  . PHE A 1 56 ? 4.470   -1.365  -7.770  1.00 8.27  ? 56  PHE A CG  1 
ATOM   482 C CD1 . PHE A 1 56 ? 4.819   -1.575  -6.426  1.00 8.34  ? 56  PHE A CD1 1 
ATOM   483 C CD2 . PHE A 1 56 ? 5.490   -1.316  -8.682  1.00 9.88  ? 56  PHE A CD2 1 
ATOM   484 C CE1 . PHE A 1 56 ? 6.166   -1.656  -6.026  1.00 9.34  ? 56  PHE A CE1 1 
ATOM   485 C CE2 . PHE A 1 56 ? 6.855   -1.410  -8.276  1.00 9.67  ? 56  PHE A CE2 1 
ATOM   486 C CZ  . PHE A 1 56 ? 7.154   -1.625  -6.949  1.00 9.84  ? 56  PHE A CZ  1 
ATOM   487 N N   . ARG A 1 57 ? 0.506   -3.008  -7.550  1.00 5.87  ? 57  ARG A N   1 
ATOM   488 C CA  . ARG A 1 57 ? -0.943  -3.066  -7.277  1.00 6.50  ? 57  ARG A CA  1 
ATOM   489 C C   . ARG A 1 57 ? -1.296  -1.962  -6.299  1.00 6.39  ? 57  ARG A C   1 
ATOM   490 O O   . ARG A 1 57 ? -0.435  -1.388  -5.600  1.00 6.80  ? 57  ARG A O   1 
ATOM   491 C CB  . ARG A 1 57 ? -1.311  -4.436  -6.656  1.00 6.63  ? 57  ARG A CB  1 
ATOM   492 C CG  . ARG A 1 57 ? -1.037  -5.612  -7.624  1.00 7.59  ? 57  ARG A CG  1 
ATOM   493 C CD  . ARG A 1 57 ? -1.495  -6.968  -7.009  1.00 8.85  ? 57  ARG A CD  1 
ATOM   494 N NE  . ARG A 1 57 ? -2.917  -7.037  -6.815  1.00 8.23  ? 57  ARG A NE  1 
ATOM   495 C CZ  . ARG A 1 57 ? -3.813  -7.295  -7.748  1.00 7.86  ? 57  ARG A CZ  1 
ATOM   496 N NH1 . ARG A 1 57 ? -3.412  -7.526  -9.005  1.00 7.60  ? 57  ARG A NH1 1 
ATOM   497 N NH2 . ARG A 1 57 ? -5.094  -7.217  -7.453  1.00 8.06  ? 57  ARG A NH2 1 
ATOM   498 N N   . GLU A 1 58 ? -2.588  -1.726  -6.167  1.00 6.83  ? 58  GLU A N   1 
ATOM   499 C CA  . GLU A 1 58 ? -3.102  -0.640  -5.302  1.00 7.45  ? 58  GLU A CA  1 
ATOM   500 C C   . GLU A 1 58 ? -4.369  -1.183  -4.569  1.00 6.81  ? 58  GLU A C   1 
ATOM   501 O O   . GLU A 1 58 ? -5.204  -1.832  -5.213  1.00 6.77  ? 58  GLU A O   1 
ATOM   502 C CB  . GLU A 1 58 ? -3.563  0.554   -6.184  1.00 8.97  ? 58  GLU A CB  1 
ATOM   503 C CG  . GLU A 1 58 ? -4.069  1.754   -5.355  1.00 11.26 ? 58  GLU A CG  1 
ATOM   504 C CD  . GLU A 1 58 ? -4.937  2.669   -6.222  1.00 12.18 ? 58  GLU A CD  1 
ATOM   505 O OE1 . GLU A 1 58 ? -4.331  3.487   -6.915  1.00 16.70 ? 58  GLU A OE1 1 
ATOM   506 O OE2 . GLU A 1 58 ? -6.171  2.579   -6.272  1.00 15.32 ? 58  GLU A OE2 1 
ATOM   507 N N   . CYS A 1 59 ? -4.461  -0.871  -3.267  1.00 6.96  ? 59  CYS A N   1 
ATOM   508 C CA  . CYS A 1 59 ? -5.711  -1.099  -2.569  1.00 7.14  ? 59  CYS A CA  1 
ATOM   509 C C   . CYS A 1 59 ? -6.009  0.172   -1.779  1.00 7.38  ? 59  CYS A C   1 
ATOM   510 O O   . CYS A 1 59 ? -5.158  1.057   -1.587  1.00 7.66  ? 59  CYS A O   1 
ATOM   511 C CB  . CYS A 1 59 ? -5.685  -2.353  -1.720  1.00 6.70  ? 59  CYS A CB  1 
ATOM   512 S SG  . CYS A 1 59 ? -4.525  -2.331  -0.375  1.00 7.85  ? 59  CYS A SG  1 
ATOM   513 N N   . HIS A 1 60 ? -7.259  0.267   -1.372  1.00 7.97  ? 60  HIS A N   1 
ATOM   514 C CA  . HIS A 1 60 ? -7.722  1.466   -0.601  1.00 8.48  ? 60  HIS A CA  1 
ATOM   515 C C   . HIS A 1 60 ? -7.855  1.132   0.847   1.00 8.92  ? 60  HIS A C   1 
ATOM   516 O O   . HIS A 1 60 ? -8.736  0.321   1.206   1.00 12.52 ? 60  HIS A O   1 
ATOM   517 C CB  . HIS A 1 60 ? -9.115  1.821   -1.006  1.00 12.93 ? 60  HIS A CB  1 
ATOM   518 C CG  . HIS A 1 60 ? -9.228  2.594   -2.220  1.00 19.66 ? 60  HIS A CG  1 
ATOM   519 N ND1 . HIS A 1 60 ? -8.798  2.195   -3.372  1.00 18.07 ? 60  HIS A ND1 1 
ATOM   520 C CD2 . HIS A 1 60 ? -9.934  3.779   -2.437  1.00 23.87 ? 60  HIS A CD2 1 
ATOM   521 C CE1 . HIS A 1 60 ? -9.156  3.106   -4.315  1.00 22.29 ? 60  HIS A CE1 1 
ATOM   522 N NE2 . HIS A 1 60 ? -9.832  4.062   -3.706  1.00 22.46 ? 60  HIS A NE2 1 
ATOM   523 N N   . ILE A 1 61 ? -7.044  1.713   1.665   1.00 8.20  ? 61  ILE A N   1 
ATOM   524 C CA  . ILE A 1 61 ? -7.158  1.560   3.145   1.00 10.30 ? 61  ILE A CA  1 
ATOM   525 C C   . ILE A 1 61 ? -8.287  2.441   3.694   1.00 11.30 ? 61  ILE A C   1 
ATOM   526 O O   . ILE A 1 61 ? -9.075  1.995   4.552   1.00 16.12 ? 61  ILE A O   1 
ATOM   527 C CB  . ILE A 1 61 ? -5.817  1.836   3.789   1.00 9.29  ? 61  ILE A CB  1 
ATOM   528 C CG1 . ILE A 1 61 ? -4.682  1.024   3.166   1.00 8.76  ? 61  ILE A CG1 1 
ATOM   529 C CG2 . ILE A 1 61 ? -5.870  1.622   5.334   1.00 10.82 ? 61  ILE A CG2 1 
ATOM   530 C CD1 . ILE A 1 61 ? -4.790  -0.479  3.222   1.00 9.60  ? 61  ILE A CD1 1 
ATOM   531 N N   . LYS A 1 62 ? -8.362  3.654   3.172   1.00 10.43 ? 62  LYS A N   1 
ATOM   532 C CA  . LYS A 1 62 ? -9.426  4.622   3.429   1.00 12.21 ? 62  LYS A CA  1 
ATOM   533 C C   . LYS A 1 62 ? -9.628  5.305   2.055   1.00 14.62 ? 62  LYS A C   1 
ATOM   534 O O   . LYS A 1 62 ? -8.806  5.251   1.196   1.00 14.50 ? 62  LYS A O   1 
ATOM   535 C CB  . LYS A 1 62 ? -9.058  5.714   4.492   1.00 14.32 ? 62  LYS A CB  1 
ATOM   536 C CG  . LYS A 1 62 ? -8.457  5.136   5.741   1.00 16.62 ? 62  LYS A CG  1 
ATOM   537 C CD  . LYS A 1 62 ? -8.761  6.018   6.940   1.00 23.85 ? 62  LYS A CD  1 
ATOM   538 C CE  . LYS A 1 62 ? -8.590  7.508   6.839   1.00 27.65 ? 62  LYS A CE  1 
ATOM   539 N NZ  . LYS A 1 62 ? -8.103  8.048   8.166   1.00 28.19 ? 62  LYS A NZ  1 
ATOM   540 N N   . PRO A 1 63 ? -10.714 6.096   1.922   1.00 18.99 ? 63  PRO A N   1 
ATOM   541 C CA  . PRO A 1 63 ? -10.865 6.761   0.617   1.00 20.66 ? 63  PRO A CA  1 
ATOM   542 C C   . PRO A 1 63 ? -9.639  7.638   0.160   1.00 19.03 ? 63  PRO A C   1 
ATOM   543 O O   . PRO A 1 63 ? -9.275  7.634   -1.056  1.00 24.43 ? 63  PRO A O   1 
ATOM   544 C CB  . PRO A 1 63 ? -12.186 7.565   0.786   1.00 24.02 ? 63  PRO A CB  1 
ATOM   545 C CG  . PRO A 1 63 ? -12.907 6.905   1.899   1.00 22.24 ? 63  PRO A CG  1 
ATOM   546 C CD  . PRO A 1 63 ? -11.891 6.267   2.796   1.00 21.35 ? 63  PRO A CD  1 
ATOM   547 N N   . ASP A 1 64 ? -8.965  8.320   1.089   1.00 14.65 ? 64  ASP A N   1 
ATOM   548 C CA  . ASP A 1 64 ? -7.791  9.100   0.719   1.00 15.70 ? 64  ASP A CA  1 
ATOM   549 C C   . ASP A 1 64 ? -6.497  8.453   1.139   1.00 11.29 ? 64  ASP A C   1 
ATOM   550 O O   . ASP A 1 64 ? -5.481  9.135   1.218   1.00 11.13 ? 64  ASP A O   1 
ATOM   551 C CB  . ASP A 1 64 ? -7.850  10.493  1.336   1.00 20.12 ? 64  ASP A CB  1 
ATOM   552 C CG  . ASP A 1 64 ? -8.864  11.370  0.681   1.00 25.27 ? 64  ASP A CG  1 
ATOM   553 O OD1 . ASP A 1 64 ? -9.138  11.172  -0.520  1.00 29.34 ? 64  ASP A OD1 1 
ATOM   554 O OD2 . ASP A 1 64 ? -9.302  12.311  1.366   1.00 30.95 ? 64  ASP A OD2 1 
ATOM   555 N N   . VAL A 1 65 ? -6.534  7.157   1.491   1.00 9.14  ? 65  VAL A N   1 
ATOM   556 C CA  . VAL A 1 65 ? -5.295  6.461   1.868   1.00 8.59  ? 65  VAL A CA  1 
ATOM   557 C C   . VAL A 1 65 ? -5.178  5.170   1.030   1.00 7.52  ? 65  VAL A C   1 
ATOM   558 O O   . VAL A 1 65 ? -5.906  4.206   1.312   1.00 7.95  ? 65  VAL A O   1 
ATOM   559 C CB  . VAL A 1 65 ? -5.219  6.158   3.363   1.00 8.79  ? 65  VAL A CB  1 
ATOM   560 C CG1 . VAL A 1 65 ? -3.852  5.511   3.596   1.00 10.83 ? 65  VAL A CG1 1 
ATOM   561 C CG2 . VAL A 1 65 ? -5.261  7.421   4.189   1.00 10.12 ? 65  VAL A CG2 1 
ATOM   562 N N   . LEU A 1 66 ? -4.309  5.219   0.037   1.00 6.66  ? 66  LEU A N   1 
ATOM   563 C CA  . LEU A 1 66 ? -4.063  4.123   -0.867  1.00 6.37  ? 66  LEU A CA  1 
ATOM   564 C C   . LEU A 1 66 ? -2.763  3.488   -0.535  1.00 7.23  ? 66  LEU A C   1 
ATOM   565 O O   . LEU A 1 66 ? -1.800  4.201   -0.247  1.00 7.78  ? 66  LEU A O   1 
ATOM   566 C CB  . LEU A 1 66 ? -4.032  4.645   -2.287  1.00 8.15  ? 66  LEU A CB  1 
ATOM   567 C CG  . LEU A 1 66 ? -5.220  5.482   -2.735  1.00 10.12 ? 66  LEU A CG  1 
ATOM   568 C CD1 . LEU A 1 66 ? -4.985  5.986   -4.117  1.00 10.82 ? 66  LEU A CD1 1 
ATOM   569 C CD2 . LEU A 1 66 ? -6.515  4.793   -2.605  1.00 13.52 ? 66  LEU A CD2 1 
ATOM   570 N N   . LEU A 1 67 ? -2.705  2.158   -0.575  1.00 6.74  ? 67  LEU A N   1 
ATOM   571 C CA  . LEU A 1 67 ? -1.454  1.415   -0.397  1.00 5.88  ? 67  LEU A CA  1 
ATOM   572 C C   . LEU A 1 67 ? -1.023  0.923   -1.795  1.00 5.97  ? 67  LEU A C   1 
ATOM   573 O O   . LEU A 1 67 ? -1.798  0.231   -2.489  1.00 6.83  ? 67  LEU A O   1 
ATOM   574 C CB  . LEU A 1 67 ? -1.720  0.233   0.543   1.00 5.86  ? 67  LEU A CB  1 
ATOM   575 C CG  . LEU A 1 67 ? -0.512  -0.732  0.673   1.00 6.04  ? 67  LEU A CG  1 
ATOM   576 C CD1 . LEU A 1 67 ? 0.650   -0.058  1.387   1.00 6.77  ? 67  LEU A CD1 1 
ATOM   577 C CD2 . LEU A 1 67 ? -0.953  -2.018  1.379   1.00 7.34  ? 67  LEU A CD2 1 
ATOM   578 N N   . VAL A 1 68 ? 0.215   1.204   -2.173  1.00 5.98  ? 68  VAL A N   1 
ATOM   579 C CA  . VAL A 1 68 ? 0.813   0.699   -3.421  1.00 6.27  ? 68  VAL A CA  1 
ATOM   580 C C   . VAL A 1 68 ? 1.819   -0.339  -3.032  1.00 5.54  ? 68  VAL A C   1 
ATOM   581 O O   . VAL A 1 68 ? 2.701   -0.051  -2.161  1.00 6.14  ? 68  VAL A O   1 
ATOM   582 C CB  . VAL A 1 68 ? 1.425   1.831   -4.253  1.00 6.43  ? 68  VAL A CB  1 
ATOM   583 C CG1 . VAL A 1 68 ? 2.080   1.253   -5.511  1.00 6.65  ? 68  VAL A CG1 1 
ATOM   584 C CG2 . VAL A 1 68 ? 0.345   2.839   -4.650  1.00 7.38  ? 68  VAL A CG2 1 
ATOM   585 N N   . TYR A 1 69 ? 1.715   -1.552  -3.599  1.00 5.43  ? 69  TYR A N   1 
ATOM   586 C CA  . TYR A 1 69 ? 2.515   -2.690  -3.115  1.00 5.58  ? 69  TYR A CA  1 
ATOM   587 C C   . TYR A 1 69 ? 2.793   -3.606  -4.246  1.00 5.37  ? 69  TYR A C   1 
ATOM   588 O O   . TYR A 1 69 ? 2.192   -3.529  -5.327  1.00 6.02  ? 69  TYR A O   1 
ATOM   589 C CB  . TYR A 1 69 ? 1.787   -3.425  -1.955  1.00 5.36  ? 69  TYR A CB  1 
ATOM   590 C CG  . TYR A 1 69 ? 0.567   -4.161  -2.433  1.00 5.32  ? 69  TYR A CG  1 
ATOM   591 C CD1 . TYR A 1 69 ? 0.682   -5.492  -2.862  1.00 5.65  ? 69  TYR A CD1 1 
ATOM   592 C CD2 . TYR A 1 69 ? -0.666  -3.573  -2.493  1.00 6.01  ? 69  TYR A CD2 1 
ATOM   593 C CE1 . TYR A 1 69 ? -0.453  -6.184  -3.293  1.00 5.37  ? 69  TYR A CE1 1 
ATOM   594 C CE2 . TYR A 1 69 ? -1.785  -4.236  -2.972  1.00 5.66  ? 69  TYR A CE2 1 
ATOM   595 C CZ  . TYR A 1 69 ? -1.668  -5.553  -3.385  1.00 5.72  ? 69  TYR A CZ  1 
ATOM   596 O OH  . TYR A 1 69 ? -2.759  -6.242  -3.856  1.00 6.86  ? 69  TYR A OH  1 
ATOM   597 N N   . LEU A 1 70 ? 3.700   -4.555  -4.015  1.00 5.30  ? 70  LEU A N   1 
ATOM   598 C CA  . LEU A 1 70 ? 4.063   -5.565  -5.005  1.00 5.94  ? 70  LEU A CA  1 
ATOM   599 C C   . LEU A 1 70 ? 4.491   -6.830  -4.297  1.00 6.26  ? 70  LEU A C   1 
ATOM   600 O O   . LEU A 1 70 ? 5.361   -6.806  -3.410  1.00 6.22  ? 70  LEU A O   1 
ATOM   601 C CB  . LEU A 1 70 ? 5.216   -5.046  -5.899  1.00 6.74  ? 70  LEU A CB  1 
ATOM   602 C CG  . LEU A 1 70 ? 5.774   -6.064  -6.893  1.00 6.62  ? 70  LEU A CG  1 
ATOM   603 C CD1 . LEU A 1 70 ? 4.777   -6.469  -7.943  1.00 8.04  ? 70  LEU A CD1 1 
ATOM   604 C CD2 . LEU A 1 70 ? 7.003   -5.473  -7.544  1.00 8.66  ? 70  LEU A CD2 1 
ATOM   605 N N   . VAL A 1 71 ? 4.017   -7.972  -4.773  1.00 6.72  ? 71  VAL A N   1 
ATOM   606 C CA  . VAL A 1 71 ? 4.570   -9.258  -4.350  1.00 7.12  ? 71  VAL A CA  1 
ATOM   607 C C   . VAL A 1 71 ? 5.646   -9.628  -5.373  1.00 7.93  ? 71  VAL A C   1 
ATOM   608 O O   . VAL A 1 71 ? 5.336   -9.734  -6.584  1.00 8.28  ? 71  VAL A O   1 
ATOM   609 C CB  . VAL A 1 71 ? 3.457   -10.303 -4.293  1.00 7.54  ? 71  VAL A CB  1 
ATOM   610 C CG1 . VAL A 1 71 ? 4.048   -11.714 -4.057  1.00 10.17 ? 71  VAL A CG1 1 
ATOM   611 C CG2 . VAL A 1 71 ? 2.493   -10.006 -3.207  1.00 9.73  ? 71  VAL A CG2 1 
ATOM   612 N N   . LYS A 1 72 ? 6.864   -9.795  -4.933  1.00 8.39  ? 72  LYS A N   1 
ATOM   613 C CA  . LYS A 1 72 ? 7.905   -10.193 -5.880  1.00 9.71  ? 72  LYS A CA  1 
ATOM   614 C C   . LYS A 1 72 ? 8.901   -11.062 -5.135  1.00 8.70  ? 72  LYS A C   1 
ATOM   615 O O   . LYS A 1 72 ? 9.420   -10.660 -4.111  1.00 8.17  ? 72  LYS A O   1 
ATOM   616 C CB  . LYS A 1 72 ? 8.618   -8.997  -6.423  1.00 10.45 ? 72  LYS A CB  1 
ATOM   617 C CG  . LYS A 1 72 ? 9.757   -9.347  -7.351  1.00 11.16 ? 72  LYS A CG  1 
ATOM   618 C CD  . LYS A 1 72 ? 10.418  -8.165  -7.946  1.00 12.57 ? 72  LYS A CD  1 
ATOM   619 C CE  . LYS A 1 72 ? 11.524  -8.626  -8.896  1.00 14.13 ? 72  LYS A CE  1 
ATOM   620 N NZ  . LYS A 1 72 ? 12.146  -7.430  -9.543  1.00 17.65 ? 72  LYS A NZ  1 
ATOM   621 N N   . ASP A 1 73 ? 9.255   -12.244 -5.681  1.00 11.13 ? 73  ASP A N   1 
ATOM   622 C CA  . ASP A 1 73 ? 10.441  -13.033 -5.116  1.00 13.33 ? 73  ASP A CA  1 
ATOM   623 C C   . ASP A 1 73 ? 10.514  -13.185 -3.546  1.00 13.40 ? 73  ASP A C   1 
ATOM   624 O O   . ASP A 1 73 ? 11.443  -12.930 -2.881  1.00 15.65 ? 73  ASP A O   1 
ATOM   625 C CB  . ASP A 1 73 ? 11.728  -12.492 -5.576  1.00 13.72 ? 73  ASP A CB  1 
ATOM   626 C CG  . ASP A 1 73 ? 11.862  -12.519 -7.077  1.00 12.34 ? 73  ASP A CG  1 
ATOM   627 O OD1 . ASP A 1 73 ? 11.215  -13.396 -7.710  1.00 13.03 ? 73  ASP A OD1 1 
ATOM   628 O OD2 . ASP A 1 73 ? 12.584  -11.648 -7.525  1.00 12.98 ? 73  ASP A OD2 1 
ATOM   629 N N   . ASP A 1 74 ? 9.430   -13.582 -3.076  1.00 12.68 ? 74  ASP A N   1 
ATOM   630 C CA  . ASP A 1 74 ? 9.206   -13.886 -1.662  1.00 10.38 ? 74  ASP A CA  1 
ATOM   631 C C   . ASP A 1 74 ? 9.101   -12.695 -0.733  1.00 8.38  ? 74  ASP A C   1 
ATOM   632 O O   . ASP A 1 74 ? 9.132   -12.901 0.489   1.00 8.88  ? 74  ASP A O   1 
ATOM   633 C CB  . ASP A 1 74 ? 10.169  -14.920 -1.093  1.00 13.71 ? 74  ASP A CB  1 
ATOM   634 C CG  . ASP A 1 74 ? 9.471   -15.833 -0.048  1.00 14.90 ? 74  ASP A CG  1 
ATOM   635 O OD1 . ASP A 1 74 ? 8.320   -16.229 -0.230  1.00 17.31 ? 74  ASP A OD1 1 
ATOM   636 O OD2 . ASP A 1 74 ? 10.123  -16.168 0.991   1.00 19.22 ? 74  ASP A OD2 1 
ATOM   637 N N   . GLU A 1 75 ? 8.929   -11.510 -1.293  1.00 7.50  ? 75  GLU A N   1 
ATOM   638 C CA  . GLU A 1 75 ? 8.676   -10.307 -0.502  1.00 7.13  ? 75  GLU A CA  1 
ATOM   639 C C   . GLU A 1 75 ? 7.346   -9.706  -0.823  1.00 6.81  ? 75  GLU A C   1 
ATOM   640 O O   . GLU A 1 75 ? 6.884   -9.741  -1.998  1.00 6.90  ? 75  GLU A O   1 
ATOM   641 C CB  . GLU A 1 75 ? 9.786   -9.252  -0.740  1.00 8.72  ? 75  GLU A CB  1 
ATOM   642 C CG  . GLU A 1 75 ? 11.171  -9.660  -0.284  1.00 10.61 ? 75  GLU A CG  1 
ATOM   643 C CD  . GLU A 1 75 ? 12.132  -8.489  -0.477  1.00 13.32 ? 75  GLU A CD  1 
ATOM   644 O OE1 . GLU A 1 75 ? 12.052  -7.715  -1.451  1.00 14.62 ? 75  GLU A OE1 1 
ATOM   645 O OE2 . GLU A 1 75 ? 12.971  -8.298  0.465   1.00 18.67 ? 75  GLU A OE2 1 
ATOM   646 N N   . LEU A 1 76 ? 6.751   -9.074  0.197   1.00 6.19  ? 76  LEU A N   1 
ATOM   647 C CA  . LEU A 1 76 ? 5.720   -8.104  -0.013  1.00 5.65  ? 76  LEU A CA  1 
ATOM   648 C C   . LEU A 1 76 ? 6.352   -6.738  0.129   1.00 5.06  ? 76  LEU A C   1 
ATOM   649 O O   . LEU A 1 76 ? 6.841   -6.400  1.215   1.00 6.08  ? 76  LEU A O   1 
ATOM   650 C CB  . LEU A 1 76 ? 4.606   -8.284  1.045   1.00 6.10  ? 76  LEU A CB  1 
ATOM   651 C CG  . LEU A 1 76 ? 3.540   -7.150  0.966   1.00 5.99  ? 76  LEU A CG  1 
ATOM   652 C CD1 . LEU A 1 76 ? 2.809   -7.164  -0.354  1.00 7.42  ? 76  LEU A CD1 1 
ATOM   653 C CD2 . LEU A 1 76 ? 2.569   -7.336  2.055   1.00 6.86  ? 76  LEU A CD2 1 
ATOM   654 N N   . ILE A 1 77 ? 6.462   -6.020  -0.975  1.00 5.86  ? 77  ILE A N   1 
ATOM   655 C CA  . ILE A 1 77 ? 7.078   -4.691  -1.023  1.00 5.95  ? 77  ILE A CA  1 
ATOM   656 C C   . ILE A 1 77 ? 6.007   -3.662  -0.799  1.00 5.53  ? 77  ILE A C   1 
ATOM   657 O O   . ILE A 1 77 ? 5.059   -3.585  -1.595  1.00 6.23  ? 77  ILE A O   1 
ATOM   658 C CB  . ILE A 1 77 ? 7.781   -4.483  -2.373  1.00 7.11  ? 77  ILE A CB  1 
ATOM   659 C CG1 . ILE A 1 77 ? 8.902   -5.492  -2.619  1.00 8.50  ? 77  ILE A CG1 1 
ATOM   660 C CG2 . ILE A 1 77 ? 8.383   -3.068  -2.411  1.00 7.67  ? 77  ILE A CG2 1 
ATOM   661 C CD1 . ILE A 1 77 ? 9.269   -5.601  -4.107  1.00 11.81 ? 77  ILE A CD1 1 
ATOM   662 N N   . LEU A 1 78 ? 6.174   -2.818  0.207   1.00 5.40  ? 78  LEU A N   1 
ATOM   663 C CA  . LEU A 1 78 ? 5.289   -1.700  0.413   1.00 5.70  ? 78  LEU A CA  1 
ATOM   664 C C   . LEU A 1 78 ? 5.936   -0.439  -0.056  1.00 5.61  ? 78  LEU A C   1 
ATOM   665 O O   . LEU A 1 78 ? 7.024   -0.101  0.394   1.00 6.49  ? 78  LEU A O   1 
ATOM   666 C CB  . LEU A 1 78 ? 4.913   -1.574  1.894   1.00 6.84  ? 78  LEU A CB  1 
ATOM   667 C CG  . LEU A 1 78 ? 4.302   -2.863  2.510   1.00 7.29  ? 78  LEU A CG  1 
ATOM   668 C CD1 . LEU A 1 78 ? 3.698   -2.527  3.866   1.00 9.73  ? 78  LEU A CD1 1 
ATOM   669 C CD2 . LEU A 1 78 ? 3.157   -3.429  1.627   1.00 8.25  ? 78  LEU A CD2 1 
ATOM   670 N N   . LEU A 1 79 ? 5.336   0.169   -1.092  1.00 5.91  ? 79  LEU A N   1 
ATOM   671 C CA  . LEU A 1 79 ? 5.923   1.291   -1.800  1.00 5.87  ? 79  LEU A CA  1 
ATOM   672 C C   . LEU A 1 79 ? 5.443   2.666   -1.333  1.00 6.59  ? 79  LEU A C   1 
ATOM   673 O O   . LEU A 1 79 ? 6.267   3.566   -1.088  1.00 7.77  ? 79  LEU A O   1 
ATOM   674 C CB  . LEU A 1 79 ? 5.695   1.119   -3.303  1.00 7.07  ? 79  LEU A CB  1 
ATOM   675 C CG  . LEU A 1 79 ? 6.452   2.129   -4.163  1.00 8.09  ? 79  LEU A CG  1 
ATOM   676 C CD1 . LEU A 1 79 ? 7.892   1.734   -4.127  1.00 11.59 ? 79  LEU A CD1 1 
ATOM   677 C CD2 . LEU A 1 79 ? 5.946   2.145   -5.624  1.00 10.16 ? 79  LEU A CD2 1 
ATOM   678 N N   . ARG A 1 80 ? 4.134   2.883   -1.298  1.00 6.54  ? 80  ARG A N   1 
ATOM   679 C CA  . ARG A 1 80 ? 3.605   4.196   -0.960  1.00 6.66  ? 80  ARG A CA  1 
ATOM   680 C C   . ARG A 1 80 ? 2.369   3.959   -0.149  1.00 6.79  ? 80  ARG A C   1 
ATOM   681 O O   . ARG A 1 80 ? 1.675   2.940   -0.253  1.00 6.12  ? 80  ARG A O   1 
ATOM   682 C CB  . ARG A 1 80 ? 3.115   5.001   -2.225  1.00 7.88  ? 80  ARG A CB  1 
ATOM   683 C CG  . ARG A 1 80 ? 4.162   5.433   -3.225  1.00 9.94  ? 80  ARG A CG  1 
ATOM   684 C CD  . ARG A 1 80 ? 5.202   6.302   -2.588  1.00 10.50 ? 80  ARG A CD  1 
ATOM   685 N NE  . ARG A 1 80 ? 4.667   7.510   -1.940  1.00 12.05 ? 80  ARG A NE  1 
ATOM   686 C CZ  . ARG A 1 80 ? 4.511   8.727   -2.450  1.00 11.46 ? 80  ARG A CZ  1 
ATOM   687 N NH1 . ARG A 1 80 ? 4.852   8.974   -3.720  1.00 14.37 ? 80  ARG A NH1 1 
ATOM   688 N NH2 . ARG A 1 80 ? 4.143   9.736   -1.664  1.00 13.49 ? 80  ARG A NH2 1 
ATOM   689 N N   . LEU A 1 81 ? 2.007   4.980   0.647   1.00 6.86  ? 81  LEU A N   1 
ATOM   690 C CA  . LEU A 1 81 ? 0.778   4.974   1.419   1.00 6.72  ? 81  LEU A CA  1 
ATOM   691 C C   . LEU A 1 81 ? 0.309   6.408   1.493   1.00 7.46  ? 81  LEU A C   1 
ATOM   692 O O   . LEU A 1 81 ? 0.927   7.252   2.162   1.00 8.79  ? 81  LEU A O   1 
ATOM   693 C CB  . LEU A 1 81 ? 1.090   4.461   2.816   1.00 6.79  ? 81  LEU A CB  1 
ATOM   694 C CG  . LEU A 1 81 ? -0.159  4.326   3.750   1.00 6.01  ? 81  LEU A CG  1 
ATOM   695 C CD1 . LEU A 1 81 ? -1.077  3.164   3.318   1.00 7.61  ? 81  LEU A CD1 1 
ATOM   696 C CD2 . LEU A 1 81 ? 0.313   4.125   5.220   1.00 7.39  ? 81  LEU A CD2 1 
ATOM   697 N N   . GLY A 1 82 ? -0.752  6.748   0.811   1.00 7.11  ? 82  GLY A N   1 
ATOM   698 C CA  . GLY A 1 82 ? -1.177  8.179   0.840   1.00 7.36  ? 82  GLY A CA  1 
ATOM   699 C C   . GLY A 1 82 ? -2.287  8.422   -0.150  1.00 6.54  ? 82  GLY A C   1 
ATOM   700 O O   . GLY A 1 82 ? -2.917  7.508   -0.669  1.00 7.43  ? 82  GLY A O   1 
ATOM   701 N N   . SER A 1 83 ? -2.614  9.690   -0.391  1.00 7.88  ? 83  SER A N   1 
ATOM   702 C CA  . SER A 1 83 ? -3.729  10.052  -1.238  1.00 7.88  ? 83  SER A CA  1 
ATOM   703 C C   . SER A 1 83 ? -3.412  9.824   -2.726  1.00 7.77  ? 83  SER A C   1 
ATOM   704 O O   . SER A 1 83 ? -2.275  9.801   -3.126  1.00 8.05  ? 83  SER A O   1 
ATOM   705 C CB  . SER A 1 83 ? -4.115  11.523  -1.055  1.00 8.87  ? 83  SER A CB  1 
ATOM   706 O OG  . SER A 1 83 ? -3.138  12.336  -1.549  1.00 9.96  ? 83  SER A OG  1 
ATOM   707 N N   . HIS A 1 84 ? -4.452  9.795   -3.527  1.00 8.81  ? 84  HIS A N   1 
ATOM   708 C CA  . HIS A 1 84 ? -4.278  9.739   -4.953  1.00 8.70  ? 84  HIS A CA  1 
ATOM   709 C C   . HIS A 1 84 ? -3.410  10.883  -5.459  1.00 8.62  ? 84  HIS A C   1 
ATOM   710 O O   . HIS A 1 84 ? -2.489  10.689  -6.227  1.00 9.52  ? 84  HIS A O   1 
ATOM   711 C CB  . HIS A 1 84 ? -5.636  9.784   -5.595  1.00 9.55  ? 84  HIS A CB  1 
ATOM   712 C CG  . HIS A 1 84 ? -5.574  9.898   -7.068  1.00 10.25 ? 84  HIS A CG  1 
ATOM   713 N ND1 . HIS A 1 84 ? -5.231  8.877   -7.872  1.00 10.28 ? 84  HIS A ND1 1 
ATOM   714 C CD2 . HIS A 1 84 ? -5.893  10.938  -7.849  1.00 10.47 ? 84  HIS A CD2 1 
ATOM   715 C CE1 . HIS A 1 84 ? -5.295  9.280   -9.126  1.00 11.07 ? 84  HIS A CE1 1 
ATOM   716 N NE2 . HIS A 1 84 ? -5.726  10.518  -9.134  1.00 11.31 ? 84  HIS A NE2 1 
ATOM   717 N N   . SER A 1 85 ? -3.621  12.090  -4.923  1.00 8.49  ? 85  SER A N   1 
ATOM   718 C CA  . SER A 1 85 ? -2.832  13.201  -5.387  1.00 9.88  ? 85  SER A CA  1 
ATOM   719 C C   . SER A 1 85 ? -1.382  13.090  -5.030  1.00 8.90  ? 85  SER A C   1 
ATOM   720 O O   . SER A 1 85 ? -0.500  13.332  -5.833  1.00 9.10  ? 85  SER A O   1 
ATOM   721 C CB  . SER A 1 85 ? -3.401  14.489  -4.809  1.00 11.07 ? 85  SER A CB  1 
ATOM   722 O OG  . SER A 1 85 ? -2.587  15.629  -5.084  1.00 17.17 ? 85  SER A OG  1 
ATOM   723 N N   . GLU A 1 86 ? -1.091  12.612  -3.796  1.00 8.45  ? 86  GLU A N   1 
ATOM   724 C CA  . GLU A 1 86 ? 0.260   12.449  -3.354  1.00 10.33 ? 86  GLU A CA  1 
ATOM   725 C C   . GLU A 1 86 ? 0.989   11.393  -4.115  1.00 10.23 ? 86  GLU A C   1 
ATOM   726 O O   . GLU A 1 86 ? 2.173   11.523  -4.420  1.00 11.82 ? 86  GLU A O   1 
ATOM   727 C CB  . GLU A 1 86 ? 0.253   12.055  -1.841  1.00 10.12 ? 86  GLU A CB  1 
ATOM   728 C CG  . GLU A 1 86 ? -0.173  13.224  -0.952  1.00 12.39 ? 86  GLU A CG  1 
ATOM   729 C CD  . GLU A 1 86 ? -0.586  12.829  0.451   1.00 15.18 ? 86  GLU A CD  1 
ATOM   730 O OE1 . GLU A 1 86 ? -0.750  11.612  0.783   1.00 12.22 ? 86  GLU A OE1 1 
ATOM   731 O OE2 . GLU A 1 86 ? -0.856  13.785  1.242   1.00 19.71 ? 86  GLU A OE2 1 
ATOM   732 N N   . LEU A 1 87 ? 0.305   10.330  -4.475  1.00 8.24  ? 87  LEU A N   1 
ATOM   733 C CA  . LEU A 1 87 ? 0.940   9.183   -5.135  1.00 9.03  ? 87  LEU A CA  1 
ATOM   734 C C   . LEU A 1 87 ? 1.057   9.345   -6.626  1.00 9.96  ? 87  LEU A C   1 
ATOM   735 O O   . LEU A 1 87 ? 2.063   8.915   -7.168  1.00 12.10 ? 87  LEU A O   1 
ATOM   736 C CB  . LEU A 1 87 ? 0.170   7.907   -4.803  1.00 8.62  ? 87  LEU A CB  1 
ATOM   737 C CG  . LEU A 1 87 ? 0.557   7.230   -3.461  1.00 9.58  ? 87  LEU A CG  1 
ATOM   738 C CD1 . LEU A 1 87 ? 0.762   8.159   -2.302  1.00 9.75  ? 87  LEU A CD1 1 
ATOM   739 C CD2 . LEU A 1 87 ? -0.503  6.162   -3.115  1.00 10.70 ? 87  LEU A CD2 1 
ATOM   740 N N   . PHE A 1 88 ? 0.043   9.939   -7.239  1.00 9.93  ? 88  PHE A N   1 
ATOM   741 C CA  . PHE A 1 88 ? -0.054  9.902   -8.709  1.00 11.78 ? 88  PHE A CA  1 
ATOM   742 C C   . PHE A 1 88 ? -0.088  11.278  -9.337  1.00 11.12 ? 88  PHE A C   1 
ATOM   743 O O   . PHE A 1 88 ? 0.130   11.399  -10.607 1.00 15.11 ? 88  PHE A O   1 
ATOM   744 C CB  . PHE A 1 88 ? -1.245  9.083   -9.159  1.00 12.00 ? 88  PHE A CB  1 
ATOM   745 C CG  . PHE A 1 88 ? -1.224  7.665   -8.636  1.00 11.18 ? 88  PHE A CG  1 
ATOM   746 C CD1 . PHE A 1 88 ? -0.234  6.759   -9.023  1.00 14.75 ? 88  PHE A CD1 1 
ATOM   747 C CD2 . PHE A 1 88 ? -2.107  7.235   -7.653  1.00 10.57 ? 88  PHE A CD2 1 
ATOM   748 C CE1 . PHE A 1 88 ? -0.143  5.463   -8.482  1.00 13.66 ? 88  PHE A CE1 1 
ATOM   749 C CE2 . PHE A 1 88 ? -2.055  5.904   -7.177  1.00 11.25 ? 88  PHE A CE2 1 
ATOM   750 C CZ  . PHE A 1 88 ? -1.122  5.036   -7.628  1.00 11.99 ? 88  PHE A CZ  1 
ATOM   751 N N   . LEU A 1 89 ? -0.278  12.338  -8.582  1.00 11.12 ? 89  LEU A N   1 
ATOM   752 C CA  . LEU A 1 89 ? -0.402  13.660  -9.209  1.00 10.31 ? 89  LEU A CA  1 
ATOM   753 C C   . LEU A 1 89 ? 0.710   14.579  -8.778  1.00 11.44 ? 89  LEU A C   1 
ATOM   754 O O   . LEU A 1 89 ? 0.563   15.801  -8.779  1.00 13.93 ? 89  LEU A O   1 
ATOM   755 C CB  . LEU A 1 89 ? -1.738  14.249  -8.923  1.00 9.74  ? 89  LEU A CB  1 
ATOM   756 C CG  . LEU A 1 89 ? -2.962  13.394  -9.271  1.00 10.69 ? 89  LEU A CG  1 
ATOM   757 C CD1 . LEU A 1 89 ? -4.207  14.123  -8.961  1.00 10.69 ? 89  LEU A CD1 1 
ATOM   758 C CD2 . LEU A 1 89 ? -2.913  13.014  -10.790 1.00 11.42 ? 89  LEU A CD2 1 
ATOM   759 N N   . GLU A 1 90 ? 1.809   13.951  -8.327  1.00 13.60 ? 90  GLU A N   1 
ATOM   760 C CA  . GLU A 1 90 ? 3.004   14.757  -7.928  1.00 16.87 ? 90  GLU A CA  1 
ATOM   761 C C   . GLU A 1 90 ? 2.673   15.663  -6.789  1.00 19.39 ? 90  GLU A C   1 
ATOM   762 O O   . GLU A 1 90 ? 3.226   16.797  -6.678  1.00 22.21 ? 90  GLU A O   1 
ATOM   763 C CB  . GLU A 1 90 ? 3.653   15.544  -9.125  1.00 20.67 ? 90  GLU A CB  1 
ATOM   764 C CG  . GLU A 1 90 ? 4.076   14.580  -10.194 1.00 20.38 ? 90  GLU A CG  1 
ATOM   765 C CD  . GLU A 1 90 ? 5.527   14.169  -10.075 1.00 27.03 ? 90  GLU A CD  1 
ATOM   766 O OE1 . GLU A 1 90 ? 6.142   13.891  -11.136 1.00 25.03 ? 90  GLU A OE1 1 
ATOM   767 O OE2 . GLU A 1 90 ? 6.060   14.228  -8.952  1.00 29.95 ? 90  GLU A OE2 1 
ATOM   768 N N   . GLY A 1 91 ? 1.834   15.197  -5.848  1.00 17.98 ? 91  GLY A N   1 
ATOM   769 C CA  . GLY A 1 91 ? 1.422   16.097  -4.772  1.00 18.26 ? 91  GLY A CA  1 
ATOM   770 C C   . GLY A 1 91 ? 2.148   15.888  -3.434  1.00 20.30 ? 91  GLY A C   1 
ATOM   771 O O   . GLY A 1 91 ? 3.102   15.099  -3.369  1.00 26.56 ? 91  GLY A O   1 
HETATM 772 O O   . HOH B 2 .  ? -5.593  1.532   8.663   1.00 8.53  ? 101 HOH A O   1 
HETATM 773 O O   . HOH B 2 .  ? -1.914  8.567   14.527  1.00 9.07  ? 102 HOH A O   1 
HETATM 774 O O   . HOH B 2 .  ? -0.723  -11.228 -1.857  1.00 9.66  ? 103 HOH A O   1 
HETATM 775 O O   . HOH B 2 .  ? -7.840  1.444   11.152  1.00 11.60 ? 104 HOH A O   1 
HETATM 776 O O   . HOH B 2 .  ? 0.486   -3.723  -12.381 1.00 9.79  ? 105 HOH A O   1 
HETATM 777 O O   . HOH B 2 .  ? 0.661   -6.663  9.382   1.00 9.95  ? 106 HOH A O   1 
HETATM 778 O O   . HOH B 2 .  ? -11.293 -4.687  7.896   1.00 11.68 ? 107 HOH A O   1 
HETATM 779 O O   . HOH B 2 .  ? -3.418  -11.105 -2.219  1.00 9.11  ? 108 HOH A O   1 
HETATM 780 O O   . HOH B 2 .  ? -10.486 -5.673  -3.131  1.00 10.98 ? 109 HOH A O   1 
HETATM 781 O O   . HOH B 2 .  ? 1.685   -8.008  -6.386  1.00 13.11 ? 110 HOH A O   1 
HETATM 782 O O   . HOH B 2 .  ? 0.473   3.136   14.754  1.00 14.67 ? 111 HOH A O   1 
HETATM 783 O O   . HOH B 2 .  ? -1.998  4.232   14.112  1.00 12.00 ? 112 HOH A O   1 
HETATM 784 O O   . HOH B 2 .  ? 2.347   -16.414 1.691   1.00 13.72 ? 113 HOH A O   1 
HETATM 785 O O   . HOH B 2 .  ? -7.425  6.678   10.397  1.00 14.32 ? 114 HOH A O   1 
HETATM 786 O O   . HOH B 2 .  ? -6.081  12.961  -3.585  1.00 15.32 ? 115 HOH A O   1 
HETATM 787 O O   . HOH B 2 .  ? 1.235   9.601   3.450   1.00 12.47 ? 116 HOH A O   1 
HETATM 788 O O   . HOH B 2 .  ? 9.140   -9.695  7.324   1.00 15.60 ? 117 HOH A O   1 
HETATM 789 O O   . HOH B 2 .  ? -0.803  -8.432  -10.145 1.00 11.06 ? 118 HOH A O   1 
HETATM 790 O O   . HOH B 2 .  ? -3.730  17.097  -7.278  1.00 16.30 ? 119 HOH A O   1 
HETATM 791 O O   . HOH B 2 .  ? -4.532  -18.288 -0.372  1.00 13.98 ? 120 HOH A O   1 
HETATM 792 O O   . HOH B 2 .  ? -7.166  9.863   -2.444  1.00 18.76 ? 121 HOH A O   1 
HETATM 793 O O   . HOH B 2 .  ? 2.566   -8.676  9.281   1.00 13.19 ? 122 HOH A O   1 
HETATM 794 O O   . HOH B 2 .  ? -7.330  -17.890 0.373   1.00 14.32 ? 123 HOH A O   1 
HETATM 795 O O   . HOH B 2 .  ? 5.560   10.081  12.722  1.00 17.03 ? 124 HOH A O   1 
HETATM 796 O O   . HOH B 2 .  ? 7.717   11.695  11.697  1.00 20.42 ? 125 HOH A O   1 
HETATM 797 O O   . HOH B 2 .  ? 1.521   -0.282  10.737  1.00 15.94 ? 126 HOH A O   1 
HETATM 798 O O   . HOH B 2 .  ? 6.333   -8.414  -12.939 1.00 17.35 ? 127 HOH A O   1 
HETATM 799 O O   . HOH B 2 .  ? -7.094  -9.091  -3.659  1.00 11.28 ? 128 HOH A O   1 
HETATM 800 O O   . HOH B 2 .  ? 13.971  0.103   2.960   1.00 14.69 ? 129 HOH A O   1 
HETATM 801 O O   . HOH B 2 .  ? 1.721   -7.628  -9.386  1.00 14.00 ? 130 HOH A O   1 
HETATM 802 O O   . HOH B 2 .  ? -13.453 -3.849  -5.100  1.00 13.53 ? 131 HOH A O   1 
HETATM 803 O O   . HOH B 2 .  ? -3.107  -9.100  -4.111  1.00 16.02 ? 132 HOH A O   1 
HETATM 804 O O   . HOH B 2 .  ? 11.587  -8.840  -3.884  1.00 17.83 ? 133 HOH A O   1 
HETATM 805 O O   . HOH B 2 .  ? 2.019   -4.279  9.507   1.00 12.71 ? 134 HOH A O   1 
HETATM 806 O O   . HOH B 2 .  ? 17.596  1.426   7.298   1.00 17.88 ? 135 HOH A O   1 
HETATM 807 O O   . HOH B 2 .  ? 4.080   -2.833  8.073   1.00 17.30 ? 136 HOH A O   1 
HETATM 808 O O   . HOH B 2 .  ? 9.228   -15.995 3.626   1.00 18.63 ? 137 HOH A O   1 
HETATM 809 O O   . HOH B 2 .  ? -8.820  -13.407 2.540   1.00 19.98 ? 138 HOH A O   1 
HETATM 810 O O   . HOH B 2 .  ? -3.760  -10.348 -6.524  1.00 17.29 ? 139 HOH A O   1 
HETATM 811 O O   . HOH B 2 .  ? -6.548  -5.161  -11.895 1.00 18.97 ? 140 HOH A O   1 
HETATM 812 O O   . HOH B 2 .  ? -9.200  -6.291  -9.204  1.00 21.19 ? 141 HOH A O   1 
HETATM 813 O O   . HOH B 2 .  ? -0.786  -13.315 -3.746  1.00 20.37 ? 142 HOH A O   1 
HETATM 814 O O   . HOH B 2 .  ? -7.265  13.723  -6.042  1.00 23.44 ? 143 HOH A O   1 
HETATM 815 O O   . HOH B 2 .  ? -7.515  0.717   -4.674  1.00 19.04 ? 144 HOH A O   1 
HETATM 816 O O   . HOH B 2 .  ? 14.195  -2.389  1.908   1.00 15.58 ? 145 HOH A O   1 
HETATM 817 O O   . HOH B 2 .  ? -0.680  -9.547  -4.325  1.00 21.29 ? 146 HOH A O   1 
HETATM 818 O O   . HOH B 2 .  ? -13.165 -6.495  -5.420  1.00 22.90 ? 147 HOH A O   1 
HETATM 819 O O   . HOH B 2 .  ? -9.419  9.094   3.620   1.00 26.73 ? 148 HOH A O   1 
HETATM 820 O O   . HOH B 2 .  ? -0.897  -0.434  -19.112 1.00 20.66 ? 149 HOH A O   1 
HETATM 821 O O   . HOH B 2 .  ? 7.247   9.174   0.245   1.00 21.39 ? 150 HOH A O   1 
HETATM 822 O O   . HOH B 2 .  ? 6.775   12.847  9.292   1.00 18.39 ? 151 HOH A O   1 
HETATM 823 O O   . HOH B 2 .  ? -8.290  2.429   8.178   1.00 19.96 ? 152 HOH A O   1 
HETATM 824 O O   . HOH B 2 .  ? 4.274   -9.127  -11.019 1.00 26.17 ? 153 HOH A O   1 
HETATM 825 O O   . HOH B 2 .  ? 6.770   -16.677 -2.385  1.00 21.23 ? 154 HOH A O   1 
HETATM 826 O O   . HOH B 2 .  ? 3.487   0.060   8.656   1.00 23.66 ? 155 HOH A O   1 
HETATM 827 O O   . HOH B 2 .  ? 3.236   -11.144 -7.901  1.00 19.22 ? 156 HOH A O   1 
HETATM 828 O O   . HOH B 2 .  ? 11.669  -3.618  5.465   1.00 20.62 ? 157 HOH A O   1 
HETATM 829 O O   . HOH B 2 .  ? -2.421  2.931   -12.999 1.00 17.39 ? 158 HOH A O   1 
HETATM 830 O O   . HOH B 2 .  ? -1.969  12.755  5.472   1.00 21.94 ? 159 HOH A O   1 
HETATM 831 O O   . HOH B 2 .  ? 9.863   -6.024  -10.730 1.00 21.24 ? 160 HOH A O   1 
HETATM 832 O O   . HOH B 2 .  ? -10.097 1.917   -7.200  1.00 21.83 ? 161 HOH A O   1 
HETATM 833 O O   . HOH B 2 .  ? -1.256  10.978  3.329   1.00 15.33 ? 162 HOH A O   1 
HETATM 834 O O   . HOH B 2 .  ? 8.032   -8.091  -10.576 1.00 19.53 ? 163 HOH A O   1 
HETATM 835 O O   . HOH B 2 .  ? 2.097   10.952  0.963   1.00 25.66 ? 164 HOH A O   1 
HETATM 836 O O   . HOH B 2 .  ? 5.998   -18.462 3.389   1.00 21.39 ? 165 HOH A O   1 
HETATM 837 O O   . HOH B 2 .  ? 15.283  -1.709  -0.564  1.00 23.49 ? 166 HOH A O   1 
HETATM 838 O O   . HOH B 2 .  ? 17.853  3.837   3.465   1.00 17.52 ? 167 HOH A O   1 
HETATM 839 O O   . HOH B 2 .  ? -5.605  7.768   15.457  1.00 21.05 ? 168 HOH A O   1 
HETATM 840 O O   . HOH B 2 .  ? 7.036   -16.298 7.456   1.00 24.59 ? 169 HOH A O   1 
HETATM 841 O O   . HOH B 2 .  ? 3.144   13.082  0.460   1.00 28.87 ? 170 HOH A O   1 
HETATM 842 O O   . HOH B 2 .  ? -4.508  4.462   -9.393  1.00 30.69 ? 171 HOH A O   1 
HETATM 843 O O   . HOH B 2 .  ? -1.408  16.449  -2.538  1.00 25.39 ? 172 HOH A O   1 
HETATM 844 O O   . HOH B 2 .  ? 7.727   2.505   -15.482 1.00 22.23 ? 173 HOH A O   1 
HETATM 845 O O   . HOH B 2 .  ? -7.279  -13.007 4.856   1.00 28.31 ? 174 HOH A O   1 
HETATM 846 O O   . HOH B 2 .  ? -12.743 -5.902  5.868   1.00 23.22 ? 175 HOH A O   1 
HETATM 847 O O   . HOH B 2 .  ? 9.780   10.097  11.183  1.00 25.15 ? 176 HOH A O   1 
HETATM 848 O O   . HOH B 2 .  ? -5.953  2.830   -10.046 1.00 23.70 ? 177 HOH A O   1 
HETATM 849 O O   . HOH B 2 .  ? -2.139  -16.124 10.277  1.00 25.67 ? 178 HOH A O   1 
HETATM 850 O O   . HOH B 2 .  ? 9.640   -12.385 7.616   1.00 19.21 ? 179 HOH A O   1 
HETATM 851 O O   . HOH B 2 .  ? -4.193  10.836  3.000   1.00 18.26 ? 180 HOH A O   1 
HETATM 852 O O   . HOH B 2 .  ? 10.570  7.869   7.745   1.00 25.48 ? 181 HOH A O   1 
HETATM 853 O O   . HOH B 2 .  ? 2.209   9.945   -14.800 1.00 28.83 ? 182 HOH A O   1 
HETATM 854 O O   . HOH B 2 .  ? -8.339  -9.036  5.158   1.00 21.76 ? 183 HOH A O   1 
HETATM 855 O O   . HOH B 2 .  ? 7.549   11.649  6.848   1.00 17.77 ? 184 HOH A O   1 
HETATM 856 O O   . HOH B 2 .  ? 6.554   -11.996 10.460  1.00 17.98 ? 185 HOH A O   1 
HETATM 857 O O   . HOH B 2 .  ? -2.972  14.946  -0.803  1.00 30.85 ? 186 HOH A O   1 
HETATM 858 O O   . HOH B 2 .  ? 6.517   -14.902 -4.293  1.00 24.90 ? 187 HOH A O   1 
HETATM 859 O O   . HOH B 2 .  ? 11.269  -7.881  6.862   1.00 26.65 ? 188 HOH A O   1 
HETATM 860 O O   . HOH B 2 .  ? -9.601  -8.169  3.247   1.00 26.35 ? 189 HOH A O   1 
HETATM 861 O O   . HOH B 2 .  ? -9.686  -8.791  -4.227  1.00 25.94 ? 190 HOH A O   1 
HETATM 862 O O   . HOH B 2 .  ? 12.425  5.644   8.345   1.00 37.43 ? 191 HOH A O   1 
HETATM 863 O O   . HOH B 2 .  ? -4.584  -14.454 10.843  1.00 29.56 ? 192 HOH A O   1 
HETATM 864 O O   . HOH B 2 .  ? 13.910  -6.678  -7.327  1.00 27.94 ? 193 HOH A O   1 
HETATM 865 O O   . HOH B 2 .  ? 14.441  -4.861  3.198   1.00 23.07 ? 194 HOH A O   1 
HETATM 866 O O   . HOH B 2 .  ? -5.282  14.514  -1.645  1.00 26.15 ? 195 HOH A O   1 
HETATM 867 O O   . HOH B 2 .  ? 3.024   3.711   15.491  1.00 22.46 ? 196 HOH A O   1 
HETATM 868 O O   . HOH B 2 .  ? 6.352   -9.613  -9.183  1.00 17.41 ? 197 HOH A O   1 
HETATM 869 O O   . HOH B 2 .  ? -1.311  -5.758  -15.890 1.00 20.93 ? 198 HOH A O   1 
HETATM 870 O O   . HOH B 2 .  ? 5.331   1.194   9.338   1.00 32.13 ? 199 HOH A O   1 
HETATM 871 O O   . HOH B 2 .  ? 12.885  -7.279  3.010   1.00 23.34 ? 200 HOH A O   1 
HETATM 872 O O   . HOH B 2 .  ? 8.069   -13.991 6.418   1.00 22.32 ? 201 HOH A O   1 
HETATM 873 O O   . HOH B 2 .  ? 1.452   -17.976 3.977   1.00 19.10 ? 202 HOH A O   1 
HETATM 874 O O   . HOH B 2 .  ? -12.972 -8.368  -3.309  1.00 23.05 ? 203 HOH A O   1 
HETATM 875 O O   . HOH B 2 .  ? 1.728   8.632   -12.930 1.00 31.68 ? 204 HOH A O   1 
HETATM 876 O O   . HOH B 2 .  ? 4.320   -17.049 0.107   1.00 26.93 ? 205 HOH A O   1 
HETATM 877 O O   . HOH B 2 .  ? 10.014  -12.745 10.357  1.00 26.29 ? 206 HOH A O   1 
HETATM 878 O O   . HOH B 2 .  ? -11.538 0.794   1.872   1.00 27.64 ? 207 HOH A O   1 
HETATM 879 O O   . HOH B 2 .  ? -8.844  4.495   9.709   1.00 23.27 ? 208 HOH A O   1 
HETATM 880 O O   . HOH B 2 .  ? 15.349  -6.932  -0.595  1.00 26.32 ? 209 HOH A O   1 
HETATM 881 O O   . HOH B 2 .  ? 4.330   -13.751 -7.837  1.00 27.12 ? 210 HOH A O   1 
HETATM 882 O O   . HOH B 2 .  ? -6.452  -10.699 -5.906  1.00 20.27 ? 211 HOH A O   1 
HETATM 883 O O   . HOH B 2 .  ? -10.972 13.271  -0.664  1.00 31.23 ? 212 HOH A O   1 
HETATM 884 O O   . HOH B 2 .  ? 3.322   -18.523 7.065   1.00 33.18 ? 213 HOH A O   1 
HETATM 885 O O   . HOH B 2 .  ? -9.056  8.051   -3.775  1.00 24.46 ? 214 HOH A O   1 
HETATM 886 O O   . HOH B 2 .  ? 10.505  6.100   11.148  1.00 28.33 ? 215 HOH A O   1 
HETATM 887 O O   . HOH B 2 .  ? 3.989   -19.342 -0.870  1.00 32.32 ? 216 HOH A O   1 
HETATM 888 O O   . HOH B 2 .  ? 14.894  -4.099  -1.583  1.00 29.37 ? 217 HOH A O   1 
HETATM 889 O O   . HOH B 2 .  ? -9.202  7.022   12.591  1.00 27.77 ? 218 HOH A O   1 
HETATM 890 O O   . HOH B 2 .  ? 5.701   7.265   -5.774  1.00 22.24 ? 219 HOH A O   1 
HETATM 891 O O   . HOH B 2 .  ? -10.433 1.712   6.794   1.00 25.82 ? 220 HOH A O   1 
HETATM 892 O O   . HOH B 2 .  ? -8.817  3.892   -10.454 1.00 25.19 ? 221 HOH A O   1 
HETATM 893 O O   . HOH B 2 .  ? -7.067  5.697   16.533  1.00 26.35 ? 222 HOH A O   1 
HETATM 894 O O   . HOH B 2 .  ? -7.387  10.822  13.858  1.00 22.39 ? 223 HOH A O   1 
HETATM 895 O O   . HOH B 2 .  ? 5.109   15.093  8.678   1.00 27.23 ? 224 HOH A O   1 
HETATM 896 O O   . HOH B 2 .  ? -1.235  17.516  -7.291  1.00 33.66 ? 225 HOH A O   1 
HETATM 897 O O   . HOH B 2 .  ? -3.037  -1.217  -20.045 1.00 33.93 ? 226 HOH A O   1 
HETATM 898 O O   . HOH B 2 .  ? -5.774  -6.143  -14.304 1.00 26.15 ? 227 HOH A O   1 
HETATM 899 O O   . HOH B 2 .  ? -5.566  9.311   7.895   1.00 31.49 ? 228 HOH A O   1 
HETATM 900 O O   . HOH B 2 .  ? 3.118   11.181  -8.843  1.00 26.81 ? 229 HOH A O   1 
HETATM 901 O O   . HOH B 2 .  ? 3.082   6.350   -6.383  1.00 25.33 ? 230 HOH A O   1 
HETATM 902 O O   . HOH B 2 .  ? 7.759   -13.232 -7.896  1.00 29.75 ? 231 HOH A O   1 
HETATM 903 O O   . HOH B 2 .  ? 7.446   -16.636 -6.301  1.00 32.67 ? 232 HOH A O   1 
HETATM 904 O O   . HOH B 2 .  ? 6.961   5.272   12.963  1.00 28.48 ? 233 HOH A O   1 
HETATM 905 O O   . HOH B 2 .  ? -5.650  10.895  5.299   1.00 23.26 ? 234 HOH A O   1 
HETATM 906 O O   . HOH B 2 .  ? 13.343  -7.950  -5.338  1.00 33.48 ? 235 HOH A O   1 
HETATM 907 O O   . HOH B 2 .  ? 10.223  10.829  7.315   1.00 35.47 ? 236 HOH A O   1 
HETATM 908 O O   . HOH B 2 .  ? 5.018   11.546  -5.272  1.00 30.15 ? 237 HOH A O   1 
HETATM 909 O O   . HOH B 2 .  ? -4.200  12.480  6.732   1.00 28.24 ? 238 HOH A O   1 
HETATM 910 O O   . HOH B 2 .  ? 14.762  -10.316 -6.609  1.00 25.76 ? 239 HOH A O   1 
HETATM 911 O O   . HOH B 2 .  ? 16.191  3.463   9.047   1.00 37.08 ? 240 HOH A O   1 
HETATM 912 O O   . HOH B 2 .  ? -3.295  16.589  10.422  1.00 15.62 ? 241 HOH A O   1 
HETATM 913 O O   . HOH B 2 .  ? 3.087   -18.859 -3.789  1.00 19.17 ? 242 HOH A O   1 
HETATM 914 O O   . HOH B 2 .  ? -5.434  6.351   -10.823 1.00 29.12 ? 243 HOH A O   1 
HETATM 915 O O   . HOH B 2 .  ? -5.476  6.051   -7.986  1.00 21.59 ? 244 HOH A O   1 
HETATM 916 O O   . HOH B 2 .  ? -6.271  9.717   15.371  1.00 27.86 ? 245 HOH A O   1 
HETATM 917 O O   . HOH B 2 .  ? -5.696  -14.745 7.188   1.00 28.60 ? 246 HOH A O   1 
HETATM 918 O O   . HOH B 2 .  ? -3.402  -16.309 12.699  1.00 27.94 ? 247 HOH A O   1 
HETATM 919 O O   . HOH B 2 .  ? 6.174   -16.976 1.481   1.00 30.59 ? 248 HOH A O   1 
HETATM 920 O O   . HOH B 2 .  ? 13.516  -7.571  7.561   1.00 28.40 ? 249 HOH A O   1 
HETATM 921 O O   . HOH B 2 .  ? 4.008   12.565  -2.331  1.00 28.30 ? 250 HOH A O   1 
HETATM 922 O O   . HOH B 2 .  ? -9.138  -6.857  5.713   1.00 31.57 ? 251 HOH A O   1 
HETATM 923 O O   . HOH B 2 .  ? -12.546 4.343   -6.027  1.00 26.71 ? 252 HOH A O   1 
HETATM 924 O O   . HOH B 2 .  ? -8.848  0.862   15.578  1.00 31.46 ? 253 HOH A O   1 
HETATM 925 O O   . HOH B 2 .  ? 1.335   -0.630  14.341  1.00 29.05 ? 254 HOH A O   1 
HETATM 926 O O   . HOH B 2 .  ? 16.368  -6.624  1.283   1.00 34.28 ? 255 HOH A O   1 
HETATM 927 O O   . HOH B 2 .  ? -1.704  19.152  -1.424  1.00 44.04 ? 256 HOH A O   1 
HETATM 928 O O   . HOH B 2 .  ? 0.861   -18.093 7.366   1.00 36.11 ? 257 HOH A O   1 
HETATM 929 O O   . HOH B 2 .  ? 1.431   -14.380 -5.351  1.00 28.74 ? 258 HOH A O   1 
HETATM 930 O O   . HOH B 2 .  ? -8.572  7.125   15.372  1.00 31.87 ? 259 HOH A O   1 
HETATM 931 O O   . HOH B 2 .  ? 5.361   3.514   14.063  1.00 34.51 ? 260 HOH A O   1 
HETATM 932 O O   . HOH B 2 .  ? -9.423  -10.506 3.054   1.00 33.17 ? 261 HOH A O   1 
HETATM 933 O O   . HOH B 2 .  ? -3.267  -0.058  15.442  1.00 38.87 ? 262 HOH A O   1 
HETATM 934 O O   . HOH B 2 .  ? 11.152  -15.536 10.750  1.00 43.86 ? 263 HOH A O   1 
HETATM 935 O O   . HOH B 2 .  ? -14.684 -10.569 -3.550  1.00 27.61 ? 264 HOH A O   1 
HETATM 936 O O   . HOH B 2 .  ? 5.888   -16.095 9.897   1.00 35.54 ? 265 HOH A O   1 
HETATM 937 O O   . HOH B 2 .  ? -1.211  16.294  0.428   1.00 28.06 ? 266 HOH A O   1 
HETATM 938 O O   . HOH B 2 .  ? -7.126  -17.795 6.340   1.00 39.90 ? 267 HOH A O   1 
HETATM 939 O O   . HOH B 2 .  ? -14.409 0.758   -1.601  1.00 33.53 ? 268 HOH A O   1 
HETATM 940 O O   . HOH B 2 .  ? -9.990  4.261   13.342  1.00 34.01 ? 269 HOH A O   1 
HETATM 941 O O   . HOH B 2 .  ? -12.149 3.066   1.613   1.00 36.08 ? 270 HOH A O   1 
HETATM 942 O O   . HOH B 2 .  ? -9.543  10.189  15.602  1.00 31.34 ? 271 HOH A O   1 
HETATM 943 O O   . HOH B 2 .  ? 7.689   -17.071 -8.844  1.00 40.95 ? 272 HOH A O   1 
HETATM 944 O O   . HOH B 2 .  ? 8.628   -18.714 4.082   1.00 34.25 ? 273 HOH A O   1 
HETATM 945 O O   . HOH B 2 .  ? 12.625  -3.547  -4.282  1.00 37.56 ? 274 HOH A O   1 
HETATM 946 O O   . HOH B 2 .  ? -10.919 8.087   16.347  1.00 32.01 ? 275 HOH A O   1 
HETATM 947 O O   . HOH B 2 .  ? -11.440 2.228   8.601   1.00 26.94 ? 276 HOH A O   1 
HETATM 948 O O   . HOH B 2 .  ? -11.653 0.348   4.459   1.00 41.80 ? 277 HOH A O   1 
HETATM 949 O O   . HOH B 2 .  ? -12.907 -1.299  5.647   1.00 36.54 ? 278 HOH A O   1 
HETATM 950 O O   . HOH B 2 .  ? -5.217  -13.033 8.502   1.00 37.15 ? 279 HOH A O   1 
HETATM 951 O O   . HOH B 2 .  ? 8.223   -17.498 -3.928  1.00 37.14 ? 280 HOH A O   1 
HETATM 952 O O   . HOH B 2 .  ? 3.615   11.208  2.073   1.00 27.93 ? 281 HOH A O   1 
HETATM 953 O O   . HOH B 2 .  ? -5.644  -10.575 7.833   1.00 31.02 ? 282 HOH A O   1 
HETATM 954 O O   . HOH B 2 .  ? -11.572 10.518  14.155  1.00 35.76 ? 283 HOH A O   1 
HETATM 955 O O   . HOH B 2 .  ? 12.351  -14.108 6.855   1.00 34.13 ? 284 HOH A O   1 
HETATM 956 O O   . HOH B 2 .  ? 5.934   15.880  6.249   1.00 41.80 ? 285 HOH A O   1 
HETATM 957 O O   . HOH B 2 .  ? 10.399  8.724   12.967  1.00 40.77 ? 286 HOH A O   1 
HETATM 958 O O   . HOH B 2 .  ? -11.539 -2.168  7.695   1.00 33.04 ? 287 HOH A O   1 
HETATM 959 O O   . HOH B 2 .  ? 6.660   -14.240 9.123   1.00 46.53 ? 288 HOH A O   1 
HETATM 960 O O   . HOH B 2 .  ? -12.821 3.873   -0.255  1.00 38.03 ? 289 HOH A O   1 
HETATM 961 O O   . HOH B 2 .  ? 12.998  -1.543  6.099   1.00 43.77 ? 290 HOH A O   1 
# 
loop_
_pdbx_poly_seq_scheme.asym_id 
_pdbx_poly_seq_scheme.entity_id 
_pdbx_poly_seq_scheme.seq_id 
_pdbx_poly_seq_scheme.mon_id 
_pdbx_poly_seq_scheme.ndb_seq_num 
_pdbx_poly_seq_scheme.pdb_seq_num 
_pdbx_poly_seq_scheme.auth_seq_num 
_pdbx_poly_seq_scheme.pdb_mon_id 
_pdbx_poly_seq_scheme.auth_mon_id 
_pdbx_poly_seq_scheme.pdb_strand_id 
_pdbx_poly_seq_scheme.pdb_ins_code 
_pdbx_poly_seq_scheme.hetero 
A 1 1  MET 1  1  1  MET MET A . n 
A 1 2  LEU 2  2  2  LEU LEU A . n 
A 1 3  LYS 3  3  3  LYS LYS A . n 
A 1 4  LEU 4  4  4  LEU LEU A . n 
A 1 5  ASN 5  5  5  ASN ASN A . n 
A 1 6  LEU 6  6  6  LEU LEU A . n 
A 1 7  LYS 7  7  7  LYS LYS A . n 
A 1 8  LYS 8  8  8  LYS LYS A . n 
A 1 9  SER 9  9  9  SER SER A . n 
A 1 10 PHE 10 10 10 PHE PHE A . n 
A 1 11 GLN 11 11 11 GLN GLN A . n 
A 1 12 LYS 12 12 12 LYS LYS A . n 
A 1 13 ASP 13 13 13 ASP ASP A . n 
A 1 14 PHE 14 14 14 PHE PHE A . n 
A 1 15 ASP 15 15 15 ASP ASP A . n 
A 1 16 LYS 16 16 16 LYS LYS A . n 
A 1 17 LEU 17 17 17 LEU LEU A . n 
A 1 18 LEU 18 18 18 LEU LEU A . n 
A 1 19 LEU 19 19 19 LEU LEU A . n 
A 1 20 ASN 20 20 20 ASN ASN A . n 
A 1 21 GLY 21 21 21 GLY GLY A . n 
A 1 22 PHE 22 22 22 PHE PHE A . n 
A 1 23 ASP 23 23 23 ASP ASP A . n 
A 1 24 ASP 24 24 24 ASP ASP A . n 
A 1 25 SER 25 25 25 SER SER A . n 
A 1 26 VAL 26 26 26 VAL VAL A . n 
A 1 27 LEU 27 27 27 LEU LEU A . n 
A 1 28 ASN 28 28 28 ASN ASN A . n 
A 1 29 GLU 29 29 29 GLU GLU A . n 
A 1 30 VAL 30 30 30 VAL VAL A . n 
A 1 31 ILE 31 31 31 ILE ILE A . n 
A 1 32 LEU 32 32 32 LEU LEU A . n 
A 1 33 THR 33 33 33 THR THR A . n 
A 1 34 LEU 34 34 34 LEU LEU A . n 
A 1 35 ARG 35 35 35 ARG ARG A . n 
A 1 36 LYS 36 36 36 LYS LYS A . n 
A 1 37 LYS 37 37 37 LYS LYS A . n 
A 1 38 GLU 38 38 38 GLU GLU A . n 
A 1 39 PRO 39 39 39 PRO PRO A . n 
A 1 40 LEU 40 40 40 LEU LEU A . n 
A 1 41 ASP 41 41 41 ASP ASP A . n 
A 1 42 PRO 42 42 42 PRO PRO A . n 
A 1 43 GLN 43 43 43 GLN GLN A . n 
A 1 44 PHE 44 44 44 PHE PHE A . n 
A 1 45 GLN 45 45 45 GLN GLN A . n 
A 1 46 ASP 46 46 46 ASP ASP A . n 
A 1 47 HIS 47 47 47 HIS HIS A . n 
A 1 48 ALA 48 48 48 ALA ALA A . n 
A 1 49 LEU 49 49 49 LEU LEU A . n 
A 1 50 LYS 50 50 50 LYS LYS A . n 
A 1 51 GLY 51 51 51 GLY GLY A . n 
A 1 52 LYS 52 52 52 LYS LYS A . n 
A 1 53 TRP 53 53 53 TRP TRP A . n 
A 1 54 LYS 54 54 54 LYS LYS A . n 
A 1 55 PRO 55 55 55 PRO PRO A . n 
A 1 56 PHE 56 56 56 PHE PHE A . n 
A 1 57 ARG 57 57 57 ARG ARG A . n 
A 1 58 GLU 58 58 58 GLU GLU A . n 
A 1 59 CYS 59 59 59 CYS CYS A . n 
A 1 60 HIS 60 60 60 HIS HIS A . n 
A 1 61 ILE 61 61 61 ILE ILE A . n 
A 1 62 LYS 62 62 62 LYS LYS A . n 
A 1 63 PRO 63 63 63 PRO PRO A . n 
A 1 64 ASP 64 64 64 ASP ASP A . n 
A 1 65 VAL 65 65 65 VAL VAL A . n 
A 1 66 LEU 66 66 66 LEU LEU A . n 
A 1 67 LEU 67 67 67 LEU LEU A . n 
A 1 68 VAL 68 68 68 VAL VAL A . n 
A 1 69 TYR 69 69 69 TYR TYR A . n 
A 1 70 LEU 70 70 70 LEU LEU A . n 
A 1 71 VAL 71 71 71 VAL VAL A . n 
A 1 72 LYS 72 72 72 LYS LYS A . n 
A 1 73 ASP 73 73 73 ASP ASP A . n 
A 1 74 ASP 74 74 74 ASP ASP A . n 
A 1 75 GLU 75 75 75 GLU GLU A . n 
A 1 76 LEU 76 76 76 LEU LEU A . n 
A 1 77 ILE 77 77 77 ILE ILE A . n 
A 1 78 LEU 78 78 78 LEU LEU A . n 
A 1 79 LEU 79 79 79 LEU LEU A . n 
A 1 80 ARG 80 80 80 ARG ARG A . n 
A 1 81 LEU 81 81 81 LEU LEU A . n 
A 1 82 GLY 82 82 82 GLY GLY A . n 
A 1 83 SER 83 83 83 SER SER A . n 
A 1 84 HIS 84 84 84 HIS HIS A . n 
A 1 85 SER 85 85 85 SER SER A . n 
A 1 86 GLU 86 86 86 GLU GLU A . n 
A 1 87 LEU 87 87 87 LEU LEU A . n 
A 1 88 PHE 88 88 88 PHE PHE A . n 
A 1 89 LEU 89 89 89 LEU LEU A . n 
A 1 90 GLU 90 90 90 GLU GLU A . n 
A 1 91 GLY 91 91 91 GLY GLY A . n 
A 1 92 SER 92 92 ?  ?   ?   A . n 
A 1 93 SER 93 93 ?  ?   ?   A . n 
# 
loop_
_pdbx_nonpoly_scheme.asym_id 
_pdbx_nonpoly_scheme.entity_id 
_pdbx_nonpoly_scheme.mon_id 
_pdbx_nonpoly_scheme.ndb_seq_num 
_pdbx_nonpoly_scheme.pdb_seq_num 
_pdbx_nonpoly_scheme.auth_seq_num 
_pdbx_nonpoly_scheme.pdb_mon_id 
_pdbx_nonpoly_scheme.auth_mon_id 
_pdbx_nonpoly_scheme.pdb_strand_id 
_pdbx_nonpoly_scheme.pdb_ins_code 
B 2 HOH 1   101 1   HOH HOH A . 
B 2 HOH 2   102 2   HOH HOH A . 
B 2 HOH 3   103 3   HOH HOH A . 
B 2 HOH 4   104 4   HOH HOH A . 
B 2 HOH 5   105 5   HOH HOH A . 
B 2 HOH 6   106 6   HOH HOH A . 
B 2 HOH 7   107 7   HOH HOH A . 
B 2 HOH 8   108 8   HOH HOH A . 
B 2 HOH 9   109 9   HOH HOH A . 
B 2 HOH 10  110 10  HOH HOH A . 
B 2 HOH 11  111 11  HOH HOH A . 
B 2 HOH 12  112 12  HOH HOH A . 
B 2 HOH 13  113 13  HOH HOH A . 
B 2 HOH 14  114 14  HOH HOH A . 
B 2 HOH 15  115 15  HOH HOH A . 
B 2 HOH 16  116 16  HOH HOH A . 
B 2 HOH 17  117 17  HOH HOH A . 
B 2 HOH 18  118 18  HOH HOH A . 
B 2 HOH 19  119 19  HOH HOH A . 
B 2 HOH 20  120 20  HOH HOH A . 
B 2 HOH 21  121 21  HOH HOH A . 
B 2 HOH 22  122 22  HOH HOH A . 
B 2 HOH 23  123 23  HOH HOH A . 
B 2 HOH 24  124 24  HOH HOH A . 
B 2 HOH 25  125 25  HOH HOH A . 
B 2 HOH 26  126 26  HOH HOH A . 
B 2 HOH 27  127 27  HOH HOH A . 
B 2 HOH 28  128 28  HOH HOH A . 
B 2 HOH 29  129 29  HOH HOH A . 
B 2 HOH 30  130 30  HOH HOH A . 
B 2 HOH 31  131 31  HOH HOH A . 
B 2 HOH 32  132 32  HOH HOH A . 
B 2 HOH 33  133 33  HOH HOH A . 
B 2 HOH 34  134 34  HOH HOH A . 
B 2 HOH 35  135 35  HOH HOH A . 
B 2 HOH 36  136 36  HOH HOH A . 
B 2 HOH 37  137 37  HOH HOH A . 
B 2 HOH 38  138 38  HOH HOH A . 
B 2 HOH 39  139 39  HOH HOH A . 
B 2 HOH 40  140 40  HOH HOH A . 
B 2 HOH 41  141 41  HOH HOH A . 
B 2 HOH 42  142 42  HOH HOH A . 
B 2 HOH 43  143 43  HOH HOH A . 
B 2 HOH 44  144 44  HOH HOH A . 
B 2 HOH 45  145 45  HOH HOH A . 
B 2 HOH 46  146 46  HOH HOH A . 
B 2 HOH 47  147 47  HOH HOH A . 
B 2 HOH 48  148 48  HOH HOH A . 
B 2 HOH 49  149 49  HOH HOH A . 
B 2 HOH 50  150 50  HOH HOH A . 
B 2 HOH 51  151 51  HOH HOH A . 
B 2 HOH 52  152 52  HOH HOH A . 
B 2 HOH 53  153 53  HOH HOH A . 
B 2 HOH 54  154 54  HOH HOH A . 
B 2 HOH 55  155 55  HOH HOH A . 
B 2 HOH 56  156 56  HOH HOH A . 
B 2 HOH 57  157 57  HOH HOH A . 
B 2 HOH 58  158 58  HOH HOH A . 
B 2 HOH 59  159 59  HOH HOH A . 
B 2 HOH 60  160 60  HOH HOH A . 
B 2 HOH 61  161 61  HOH HOH A . 
B 2 HOH 62  162 62  HOH HOH A . 
B 2 HOH 63  163 63  HOH HOH A . 
B 2 HOH 64  164 64  HOH HOH A . 
B 2 HOH 65  165 65  HOH HOH A . 
B 2 HOH 66  166 66  HOH HOH A . 
B 2 HOH 67  167 67  HOH HOH A . 
B 2 HOH 68  168 68  HOH HOH A . 
B 2 HOH 69  169 69  HOH HOH A . 
B 2 HOH 70  170 70  HOH HOH A . 
B 2 HOH 71  171 71  HOH HOH A . 
B 2 HOH 72  172 72  HOH HOH A . 
B 2 HOH 73  173 73  HOH HOH A . 
B 2 HOH 74  174 74  HOH HOH A . 
B 2 HOH 75  175 75  HOH HOH A . 
B 2 HOH 76  176 76  HOH HOH A . 
B 2 HOH 77  177 77  HOH HOH A . 
B 2 HOH 78  178 78  HOH HOH A . 
B 2 HOH 79  179 79  HOH HOH A . 
B 2 HOH 80  180 80  HOH HOH A . 
B 2 HOH 81  181 81  HOH HOH A . 
B 2 HOH 82  182 82  HOH HOH A . 
B 2 HOH 83  183 83  HOH HOH A . 
B 2 HOH 84  184 84  HOH HOH A . 
B 2 HOH 85  185 85  HOH HOH A . 
B 2 HOH 86  186 86  HOH HOH A . 
B 2 HOH 87  187 87  HOH HOH A . 
B 2 HOH 88  188 88  HOH HOH A . 
B 2 HOH 89  189 89  HOH HOH A . 
B 2 HOH 90  190 90  HOH HOH A . 
B 2 HOH 91  191 91  HOH HOH A . 
B 2 HOH 92  192 92  HOH HOH A . 
B 2 HOH 93  193 93  HOH HOH A . 
B 2 HOH 94  194 94  HOH HOH A . 
B 2 HOH 95  195 95  HOH HOH A . 
B 2 HOH 96  196 96  HOH HOH A . 
B 2 HOH 97  197 97  HOH HOH A . 
B 2 HOH 98  198 98  HOH HOH A . 
B 2 HOH 99  199 99  HOH HOH A . 
B 2 HOH 100 200 100 HOH HOH A . 
B 2 HOH 101 201 101 HOH HOH A . 
B 2 HOH 102 202 102 HOH HOH A . 
B 2 HOH 103 203 103 HOH HOH A . 
B 2 HOH 104 204 104 HOH HOH A . 
B 2 HOH 105 205 105 HOH HOH A . 
B 2 HOH 106 206 106 HOH HOH A . 
B 2 HOH 107 207 107 HOH HOH A . 
B 2 HOH 108 208 108 HOH HOH A . 
B 2 HOH 109 209 109 HOH HOH A . 
B 2 HOH 110 210 110 HOH HOH A . 
B 2 HOH 111 211 111 HOH HOH A . 
B 2 HOH 112 212 112 HOH HOH A . 
B 2 HOH 113 213 113 HOH HOH A . 
B 2 HOH 114 214 114 HOH HOH A . 
B 2 HOH 115 215 115 HOH HOH A . 
B 2 HOH 116 216 116 HOH HOH A . 
B 2 HOH 117 217 117 HOH HOH A . 
B 2 HOH 118 218 118 HOH HOH A . 
B 2 HOH 119 219 119 HOH HOH A . 
B 2 HOH 120 220 120 HOH HOH A . 
B 2 HOH 121 221 121 HOH HOH A . 
B 2 HOH 122 222 122 HOH HOH A . 
B 2 HOH 123 223 123 HOH HOH A . 
B 2 HOH 124 224 124 HOH HOH A . 
B 2 HOH 125 225 125 HOH HOH A . 
B 2 HOH 126 226 126 HOH HOH A . 
B 2 HOH 127 227 127 HOH HOH A . 
B 2 HOH 128 228 128 HOH HOH A . 
B 2 HOH 129 229 129 HOH HOH A . 
B 2 HOH 130 230 130 HOH HOH A . 
B 2 HOH 131 231 131 HOH HOH A . 
B 2 HOH 132 232 132 HOH HOH A . 
B 2 HOH 133 233 133 HOH HOH A . 
B 2 HOH 134 234 134 HOH HOH A . 
B 2 HOH 135 235 135 HOH HOH A . 
B 2 HOH 136 236 136 HOH HOH A . 
B 2 HOH 137 237 137 HOH HOH A . 
B 2 HOH 138 238 138 HOH HOH A . 
B 2 HOH 139 239 139 HOH HOH A . 
B 2 HOH 140 240 140 HOH HOH A . 
B 2 HOH 141 241 141 HOH HOH A . 
B 2 HOH 142 242 142 HOH HOH A . 
B 2 HOH 143 243 143 HOH HOH A . 
B 2 HOH 144 244 144 HOH HOH A . 
B 2 HOH 145 245 145 HOH HOH A . 
B 2 HOH 146 246 146 HOH HOH A . 
B 2 HOH 147 247 147 HOH HOH A . 
B 2 HOH 148 248 148 HOH HOH A . 
B 2 HOH 149 249 149 HOH HOH A . 
B 2 HOH 150 250 150 HOH HOH A . 
B 2 HOH 151 251 151 HOH HOH A . 
B 2 HOH 152 252 152 HOH HOH A . 
B 2 HOH 153 253 153 HOH HOH A . 
B 2 HOH 154 254 154 HOH HOH A . 
B 2 HOH 155 255 155 HOH HOH A . 
B 2 HOH 156 256 156 HOH HOH A . 
B 2 HOH 157 257 157 HOH HOH A . 
B 2 HOH 158 258 158 HOH HOH A . 
B 2 HOH 159 259 159 HOH HOH A . 
B 2 HOH 160 260 160 HOH HOH A . 
B 2 HOH 161 261 161 HOH HOH A . 
B 2 HOH 162 262 162 HOH HOH A . 
B 2 HOH 163 263 163 HOH HOH A . 
B 2 HOH 164 264 164 HOH HOH A . 
B 2 HOH 165 265 165 HOH HOH A . 
B 2 HOH 166 266 166 HOH HOH A . 
B 2 HOH 167 267 167 HOH HOH A . 
B 2 HOH 168 268 168 HOH HOH A . 
B 2 HOH 169 269 169 HOH HOH A . 
B 2 HOH 170 270 170 HOH HOH A . 
B 2 HOH 171 271 171 HOH HOH A . 
B 2 HOH 172 272 172 HOH HOH A . 
B 2 HOH 173 273 173 HOH HOH A . 
B 2 HOH 174 274 174 HOH HOH A . 
B 2 HOH 175 275 175 HOH HOH A . 
B 2 HOH 176 276 176 HOH HOH A . 
B 2 HOH 177 277 177 HOH HOH A . 
B 2 HOH 178 278 178 HOH HOH A . 
B 2 HOH 179 279 179 HOH HOH A . 
B 2 HOH 180 280 180 HOH HOH A . 
B 2 HOH 181 281 181 HOH HOH A . 
B 2 HOH 182 282 182 HOH HOH A . 
B 2 HOH 183 283 183 HOH HOH A . 
B 2 HOH 184 284 184 HOH HOH A . 
B 2 HOH 185 285 185 HOH HOH A . 
B 2 HOH 186 286 186 HOH HOH A . 
B 2 HOH 187 287 187 HOH HOH A . 
B 2 HOH 188 288 188 HOH HOH A . 
B 2 HOH 189 289 189 HOH HOH A . 
B 2 HOH 190 290 190 HOH HOH A . 
# 
_pdbx_struct_assembly.id                   1 
_pdbx_struct_assembly.details              author_and_software_defined_assembly 
_pdbx_struct_assembly.method_details       PISA 
_pdbx_struct_assembly.oligomeric_details   monomeric 
_pdbx_struct_assembly.oligomeric_count     1 
# 
_pdbx_struct_assembly_gen.assembly_id       1 
_pdbx_struct_assembly_gen.oper_expression   1 
_pdbx_struct_assembly_gen.asym_id_list      A,B 
# 
_pdbx_struct_oper_list.id                   1 
_pdbx_struct_oper_list.type                 'identity operation' 
_pdbx_struct_oper_list.name                 1_555 
_pdbx_struct_oper_list.symmetry_operation   x,y,z 
_pdbx_struct_oper_list.matrix[1][1]         1.0000000000 
_pdbx_struct_oper_list.matrix[1][2]         0.0000000000 
_pdbx_struct_oper_list.matrix[1][3]         0.0000000000 
_pdbx_struct_oper_list.vector[1]            0.0000000000 
_pdbx_struct_oper_list.matrix[2][1]         0.0000000000 
_pdbx_struct_oper_list.matrix[2][2]         1.0000000000 
_pdbx_struct_oper_list.matrix[2][3]         0.0000000000 
_pdbx_struct_oper_list.vector[2]            0.0000000000 
_pdbx_struct_oper_list.matrix[3][1]         0.0000000000 
_pdbx_struct_oper_list.matrix[3][2]         0.0000000000 
_pdbx_struct_oper_list.matrix[3][3]         1.0000000000 
_pdbx_struct_oper_list.vector[3]            0.0000000000 
# 
loop_
_pdbx_audit_revision_history.ordinal 
_pdbx_audit_revision_history.data_content_type 
_pdbx_audit_revision_history.major_revision 
_pdbx_audit_revision_history.minor_revision 
_pdbx_audit_revision_history.revision_date 
1 'Structure model' 1 0 2014-02-05 
2 'Structure model' 1 1 2023-11-08 
# 
_pdbx_audit_revision_details.ordinal             1 
_pdbx_audit_revision_details.revision_ordinal    1 
_pdbx_audit_revision_details.data_content_type   'Structure model' 
_pdbx_audit_revision_details.provider            repository 
_pdbx_audit_revision_details.type                'Initial release' 
_pdbx_audit_revision_details.description         ? 
_pdbx_audit_revision_details.details             ? 
# 
loop_
_pdbx_audit_revision_group.ordinal 
_pdbx_audit_revision_group.revision_ordinal 
_pdbx_audit_revision_group.data_content_type 
_pdbx_audit_revision_group.group 
1 2 'Structure model' 'Data collection'        
2 2 'Structure model' 'Database references'    
3 2 'Structure model' 'Refinement description' 
# 
loop_
_pdbx_audit_revision_category.ordinal 
_pdbx_audit_revision_category.revision_ordinal 
_pdbx_audit_revision_category.data_content_type 
_pdbx_audit_revision_category.category 
1 2 'Structure model' chem_comp_atom                
2 2 'Structure model' chem_comp_bond                
3 2 'Structure model' database_2                    
4 2 'Structure model' pdbx_initial_refinement_model 
5 2 'Structure model' struct_ref_seq_dif            
# 
loop_
_pdbx_audit_revision_item.ordinal 
_pdbx_audit_revision_item.revision_ordinal 
_pdbx_audit_revision_item.data_content_type 
_pdbx_audit_revision_item.item 
1 2 'Structure model' '_database_2.pdbx_DOI'                
2 2 'Structure model' '_database_2.pdbx_database_accession' 
3 2 'Structure model' '_struct_ref_seq_dif.details'         
# 
loop_
_software.name 
_software.classification 
_software.version 
_software.citation_id 
_software.pdbx_ordinal 
HKL-2000 'data collection' .        ? 1 
CCP4     'model building'  .        ? 2 
REFMAC   refinement        5.6.0117 ? 3 
HKL-2000 'data reduction'  .        ? 4 
HKL-2000 'data scaling'    .        ? 5 
CCP4     phasing           .        ? 6 
# 
loop_
_pdbx_validate_close_contact.id 
_pdbx_validate_close_contact.PDB_model_num 
_pdbx_validate_close_contact.auth_atom_id_1 
_pdbx_validate_close_contact.auth_asym_id_1 
_pdbx_validate_close_contact.auth_comp_id_1 
_pdbx_validate_close_contact.auth_seq_id_1 
_pdbx_validate_close_contact.PDB_ins_code_1 
_pdbx_validate_close_contact.label_alt_id_1 
_pdbx_validate_close_contact.auth_atom_id_2 
_pdbx_validate_close_contact.auth_asym_id_2 
_pdbx_validate_close_contact.auth_comp_id_2 
_pdbx_validate_close_contact.auth_seq_id_2 
_pdbx_validate_close_contact.PDB_ins_code_2 
_pdbx_validate_close_contact.label_alt_id_2 
_pdbx_validate_close_contact.dist 
1 1 O  A HOH 164 ? ? O A HOH 281 ? ? 1.90 
2 1 CE A LYS 52  ? B O A HOH 182 ? ? 2.05 
3 1 O  A HOH 168 ? ? O A HOH 245 ? ? 2.06 
4 1 O  A HOH 220 ? ? O A HOH 276 ? ? 2.13 
5 1 O  A HOH 270 ? ? O A HOH 289 ? ? 2.14 
6 1 O  A HOH 265 ? ? O A HOH 288 ? ? 2.15 
7 1 O  A HOH 209 ? ? O A HOH 255 ? ? 2.16 
8 1 O  A HOH 223 ? ? O A HOH 245 ? ? 2.18 
# 
loop_
_pdbx_validate_symm_contact.id 
_pdbx_validate_symm_contact.PDB_model_num 
_pdbx_validate_symm_contact.auth_atom_id_1 
_pdbx_validate_symm_contact.auth_asym_id_1 
_pdbx_validate_symm_contact.auth_comp_id_1 
_pdbx_validate_symm_contact.auth_seq_id_1 
_pdbx_validate_symm_contact.PDB_ins_code_1 
_pdbx_validate_symm_contact.label_alt_id_1 
_pdbx_validate_symm_contact.site_symmetry_1 
_pdbx_validate_symm_contact.auth_atom_id_2 
_pdbx_validate_symm_contact.auth_asym_id_2 
_pdbx_validate_symm_contact.auth_comp_id_2 
_pdbx_validate_symm_contact.auth_seq_id_2 
_pdbx_validate_symm_contact.PDB_ins_code_2 
_pdbx_validate_symm_contact.label_alt_id_2 
_pdbx_validate_symm_contact.site_symmetry_2 
_pdbx_validate_symm_contact.dist 
1 1 NZ A LYS 52 ? A 1_555 O A HOH 244 ? ? 4_445 2.07 
2 1 NZ A LYS 52 ? B 1_555 O A HOH 244 ? ? 4_445 2.11 
# 
loop_
_pdbx_validate_rmsd_bond.id 
_pdbx_validate_rmsd_bond.PDB_model_num 
_pdbx_validate_rmsd_bond.auth_atom_id_1 
_pdbx_validate_rmsd_bond.auth_asym_id_1 
_pdbx_validate_rmsd_bond.auth_comp_id_1 
_pdbx_validate_rmsd_bond.auth_seq_id_1 
_pdbx_validate_rmsd_bond.PDB_ins_code_1 
_pdbx_validate_rmsd_bond.label_alt_id_1 
_pdbx_validate_rmsd_bond.auth_atom_id_2 
_pdbx_validate_rmsd_bond.auth_asym_id_2 
_pdbx_validate_rmsd_bond.auth_comp_id_2 
_pdbx_validate_rmsd_bond.auth_seq_id_2 
_pdbx_validate_rmsd_bond.PDB_ins_code_2 
_pdbx_validate_rmsd_bond.label_alt_id_2 
_pdbx_validate_rmsd_bond.bond_value 
_pdbx_validate_rmsd_bond.bond_target_value 
_pdbx_validate_rmsd_bond.bond_deviation 
_pdbx_validate_rmsd_bond.bond_standard_deviation 
_pdbx_validate_rmsd_bond.linker_flag 
1 1 CB  A SER 25 ? ? OG  A SER 25 ? ? 1.338 1.418 -0.080 0.013 N 
2 1 CE2 A TRP 53 ? ? CD2 A TRP 53 ? ? 1.487 1.409 0.078  0.012 N 
3 1 NE2 A HIS 60 ? ? CD2 A HIS 60 ? ? 1.305 1.373 -0.068 0.011 N 
# 
loop_
_pdbx_validate_rmsd_angle.id 
_pdbx_validate_rmsd_angle.PDB_model_num 
_pdbx_validate_rmsd_angle.auth_atom_id_1 
_pdbx_validate_rmsd_angle.auth_asym_id_1 
_pdbx_validate_rmsd_angle.auth_comp_id_1 
_pdbx_validate_rmsd_angle.auth_seq_id_1 
_pdbx_validate_rmsd_angle.PDB_ins_code_1 
_pdbx_validate_rmsd_angle.label_alt_id_1 
_pdbx_validate_rmsd_angle.auth_atom_id_2 
_pdbx_validate_rmsd_angle.auth_asym_id_2 
_pdbx_validate_rmsd_angle.auth_comp_id_2 
_pdbx_validate_rmsd_angle.auth_seq_id_2 
_pdbx_validate_rmsd_angle.PDB_ins_code_2 
_pdbx_validate_rmsd_angle.label_alt_id_2 
_pdbx_validate_rmsd_angle.auth_atom_id_3 
_pdbx_validate_rmsd_angle.auth_asym_id_3 
_pdbx_validate_rmsd_angle.auth_comp_id_3 
_pdbx_validate_rmsd_angle.auth_seq_id_3 
_pdbx_validate_rmsd_angle.PDB_ins_code_3 
_pdbx_validate_rmsd_angle.label_alt_id_3 
_pdbx_validate_rmsd_angle.angle_value 
_pdbx_validate_rmsd_angle.angle_target_value 
_pdbx_validate_rmsd_angle.angle_deviation 
_pdbx_validate_rmsd_angle.angle_standard_deviation 
_pdbx_validate_rmsd_angle.linker_flag 
1 1 CG A MET 1  ? ? SD A MET 1  ? ? CE  A MET 1  ? ? 90.06  100.20 -10.14 1.60 N 
2 1 CB A ASP 13 ? ? CG A ASP 13 ? ? OD1 A ASP 13 ? ? 124.26 118.30 5.96   0.90 N 
# 
loop_
_pdbx_unobs_or_zero_occ_residues.id 
_pdbx_unobs_or_zero_occ_residues.PDB_model_num 
_pdbx_unobs_or_zero_occ_residues.polymer_flag 
_pdbx_unobs_or_zero_occ_residues.occupancy_flag 
_pdbx_unobs_or_zero_occ_residues.auth_asym_id 
_pdbx_unobs_or_zero_occ_residues.auth_comp_id 
_pdbx_unobs_or_zero_occ_residues.auth_seq_id 
_pdbx_unobs_or_zero_occ_residues.PDB_ins_code 
_pdbx_unobs_or_zero_occ_residues.label_asym_id 
_pdbx_unobs_or_zero_occ_residues.label_comp_id 
_pdbx_unobs_or_zero_occ_residues.label_seq_id 
1 1 Y 1 A SER 92 ? A SER 92 
2 1 Y 1 A SER 93 ? A SER 93 
# 
loop_
_chem_comp_atom.comp_id 
_chem_comp_atom.atom_id 
_chem_comp_atom.type_symbol 
_chem_comp_atom.pdbx_aromatic_flag 
_chem_comp_atom.pdbx_stereo_config 
_chem_comp_atom.pdbx_ordinal 
ALA N    N N N 1   
ALA CA   C N S 2   
ALA C    C N N 3   
ALA O    O N N 4   
ALA CB   C N N 5   
ALA OXT  O N N 6   
ALA H    H N N 7   
ALA H2   H N N 8   
ALA HA   H N N 9   
ALA HB1  H N N 10  
ALA HB2  H N N 11  
ALA HB3  H N N 12  
ALA HXT  H N N 13  
ARG N    N N N 14  
ARG CA   C N S 15  
ARG C    C N N 16  
ARG O    O N N 17  
ARG CB   C N N 18  
ARG CG   C N N 19  
ARG CD   C N N 20  
ARG NE   N N N 21  
ARG CZ   C N N 22  
ARG NH1  N N N 23  
ARG NH2  N N N 24  
ARG OXT  O N N 25  
ARG H    H N N 26  
ARG H2   H N N 27  
ARG HA   H N N 28  
ARG HB2  H N N 29  
ARG HB3  H N N 30  
ARG HG2  H N N 31  
ARG HG3  H N N 32  
ARG HD2  H N N 33  
ARG HD3  H N N 34  
ARG HE   H N N 35  
ARG HH11 H N N 36  
ARG HH12 H N N 37  
ARG HH21 H N N 38  
ARG HH22 H N N 39  
ARG HXT  H N N 40  
ASN N    N N N 41  
ASN CA   C N S 42  
ASN C    C N N 43  
ASN O    O N N 44  
ASN CB   C N N 45  
ASN CG   C N N 46  
ASN OD1  O N N 47  
ASN ND2  N N N 48  
ASN OXT  O N N 49  
ASN H    H N N 50  
ASN H2   H N N 51  
ASN HA   H N N 52  
ASN HB2  H N N 53  
ASN HB3  H N N 54  
ASN HD21 H N N 55  
ASN HD22 H N N 56  
ASN HXT  H N N 57  
ASP N    N N N 58  
ASP CA   C N S 59  
ASP C    C N N 60  
ASP O    O N N 61  
ASP CB   C N N 62  
ASP CG   C N N 63  
ASP OD1  O N N 64  
ASP OD2  O N N 65  
ASP OXT  O N N 66  
ASP H    H N N 67  
ASP H2   H N N 68  
ASP HA   H N N 69  
ASP HB2  H N N 70  
ASP HB3  H N N 71  
ASP HD2  H N N 72  
ASP HXT  H N N 73  
CYS N    N N N 74  
CYS CA   C N R 75  
CYS C    C N N 76  
CYS O    O N N 77  
CYS CB   C N N 78  
CYS SG   S N N 79  
CYS OXT  O N N 80  
CYS H    H N N 81  
CYS H2   H N N 82  
CYS HA   H N N 83  
CYS HB2  H N N 84  
CYS HB3  H N N 85  
CYS HG   H N N 86  
CYS HXT  H N N 87  
GLN N    N N N 88  
GLN CA   C N S 89  
GLN C    C N N 90  
GLN O    O N N 91  
GLN CB   C N N 92  
GLN CG   C N N 93  
GLN CD   C N N 94  
GLN OE1  O N N 95  
GLN NE2  N N N 96  
GLN OXT  O N N 97  
GLN H    H N N 98  
GLN H2   H N N 99  
GLN HA   H N N 100 
GLN HB2  H N N 101 
GLN HB3  H N N 102 
GLN HG2  H N N 103 
GLN HG3  H N N 104 
GLN HE21 H N N 105 
GLN HE22 H N N 106 
GLN HXT  H N N 107 
GLU N    N N N 108 
GLU CA   C N S 109 
GLU C    C N N 110 
GLU O    O N N 111 
GLU CB   C N N 112 
GLU CG   C N N 113 
GLU CD   C N N 114 
GLU OE1  O N N 115 
GLU OE2  O N N 116 
GLU OXT  O N N 117 
GLU H    H N N 118 
GLU H2   H N N 119 
GLU HA   H N N 120 
GLU HB2  H N N 121 
GLU HB3  H N N 122 
GLU HG2  H N N 123 
GLU HG3  H N N 124 
GLU HE2  H N N 125 
GLU HXT  H N N 126 
GLY N    N N N 127 
GLY CA   C N N 128 
GLY C    C N N 129 
GLY O    O N N 130 
GLY OXT  O N N 131 
GLY H    H N N 132 
GLY H2   H N N 133 
GLY HA2  H N N 134 
GLY HA3  H N N 135 
GLY HXT  H N N 136 
HIS N    N N N 137 
HIS CA   C N S 138 
HIS C    C N N 139 
HIS O    O N N 140 
HIS CB   C N N 141 
HIS CG   C Y N 142 
HIS ND1  N Y N 143 
HIS CD2  C Y N 144 
HIS CE1  C Y N 145 
HIS NE2  N Y N 146 
HIS OXT  O N N 147 
HIS H    H N N 148 
HIS H2   H N N 149 
HIS HA   H N N 150 
HIS HB2  H N N 151 
HIS HB3  H N N 152 
HIS HD1  H N N 153 
HIS HD2  H N N 154 
HIS HE1  H N N 155 
HIS HE2  H N N 156 
HIS HXT  H N N 157 
HOH O    O N N 158 
HOH H1   H N N 159 
HOH H2   H N N 160 
ILE N    N N N 161 
ILE CA   C N S 162 
ILE C    C N N 163 
ILE O    O N N 164 
ILE CB   C N S 165 
ILE CG1  C N N 166 
ILE CG2  C N N 167 
ILE CD1  C N N 168 
ILE OXT  O N N 169 
ILE H    H N N 170 
ILE H2   H N N 171 
ILE HA   H N N 172 
ILE HB   H N N 173 
ILE HG12 H N N 174 
ILE HG13 H N N 175 
ILE HG21 H N N 176 
ILE HG22 H N N 177 
ILE HG23 H N N 178 
ILE HD11 H N N 179 
ILE HD12 H N N 180 
ILE HD13 H N N 181 
ILE HXT  H N N 182 
LEU N    N N N 183 
LEU CA   C N S 184 
LEU C    C N N 185 
LEU O    O N N 186 
LEU CB   C N N 187 
LEU CG   C N N 188 
LEU CD1  C N N 189 
LEU CD2  C N N 190 
LEU OXT  O N N 191 
LEU H    H N N 192 
LEU H2   H N N 193 
LEU HA   H N N 194 
LEU HB2  H N N 195 
LEU HB3  H N N 196 
LEU HG   H N N 197 
LEU HD11 H N N 198 
LEU HD12 H N N 199 
LEU HD13 H N N 200 
LEU HD21 H N N 201 
LEU HD22 H N N 202 
LEU HD23 H N N 203 
LEU HXT  H N N 204 
LYS N    N N N 205 
LYS CA   C N S 206 
LYS C    C N N 207 
LYS O    O N N 208 
LYS CB   C N N 209 
LYS CG   C N N 210 
LYS CD   C N N 211 
LYS CE   C N N 212 
LYS NZ   N N N 213 
LYS OXT  O N N 214 
LYS H    H N N 215 
LYS H2   H N N 216 
LYS HA   H N N 217 
LYS HB2  H N N 218 
LYS HB3  H N N 219 
LYS HG2  H N N 220 
LYS HG3  H N N 221 
LYS HD2  H N N 222 
LYS HD3  H N N 223 
LYS HE2  H N N 224 
LYS HE3  H N N 225 
LYS HZ1  H N N 226 
LYS HZ2  H N N 227 
LYS HZ3  H N N 228 
LYS HXT  H N N 229 
MET N    N N N 230 
MET CA   C N S 231 
MET C    C N N 232 
MET O    O N N 233 
MET CB   C N N 234 
MET CG   C N N 235 
MET SD   S N N 236 
MET CE   C N N 237 
MET OXT  O N N 238 
MET H    H N N 239 
MET H2   H N N 240 
MET HA   H N N 241 
MET HB2  H N N 242 
MET HB3  H N N 243 
MET HG2  H N N 244 
MET HG3  H N N 245 
MET HE1  H N N 246 
MET HE2  H N N 247 
MET HE3  H N N 248 
MET HXT  H N N 249 
PHE N    N N N 250 
PHE CA   C N S 251 
PHE C    C N N 252 
PHE O    O N N 253 
PHE CB   C N N 254 
PHE CG   C Y N 255 
PHE CD1  C Y N 256 
PHE CD2  C Y N 257 
PHE CE1  C Y N 258 
PHE CE2  C Y N 259 
PHE CZ   C Y N 260 
PHE OXT  O N N 261 
PHE H    H N N 262 
PHE H2   H N N 263 
PHE HA   H N N 264 
PHE HB2  H N N 265 
PHE HB3  H N N 266 
PHE HD1  H N N 267 
PHE HD2  H N N 268 
PHE HE1  H N N 269 
PHE HE2  H N N 270 
PHE HZ   H N N 271 
PHE HXT  H N N 272 
PRO N    N N N 273 
PRO CA   C N S 274 
PRO C    C N N 275 
PRO O    O N N 276 
PRO CB   C N N 277 
PRO CG   C N N 278 
PRO CD   C N N 279 
PRO OXT  O N N 280 
PRO H    H N N 281 
PRO HA   H N N 282 
PRO HB2  H N N 283 
PRO HB3  H N N 284 
PRO HG2  H N N 285 
PRO HG3  H N N 286 
PRO HD2  H N N 287 
PRO HD3  H N N 288 
PRO HXT  H N N 289 
SER N    N N N 290 
SER CA   C N S 291 
SER C    C N N 292 
SER O    O N N 293 
SER CB   C N N 294 
SER OG   O N N 295 
SER OXT  O N N 296 
SER H    H N N 297 
SER H2   H N N 298 
SER HA   H N N 299 
SER HB2  H N N 300 
SER HB3  H N N 301 
SER HG   H N N 302 
SER HXT  H N N 303 
THR N    N N N 304 
THR CA   C N S 305 
THR C    C N N 306 
THR O    O N N 307 
THR CB   C N R 308 
THR OG1  O N N 309 
THR CG2  C N N 310 
THR OXT  O N N 311 
THR H    H N N 312 
THR H2   H N N 313 
THR HA   H N N 314 
THR HB   H N N 315 
THR HG1  H N N 316 
THR HG21 H N N 317 
THR HG22 H N N 318 
THR HG23 H N N 319 
THR HXT  H N N 320 
TRP N    N N N 321 
TRP CA   C N S 322 
TRP C    C N N 323 
TRP O    O N N 324 
TRP CB   C N N 325 
TRP CG   C Y N 326 
TRP CD1  C Y N 327 
TRP CD2  C Y N 328 
TRP NE1  N Y N 329 
TRP CE2  C Y N 330 
TRP CE3  C Y N 331 
TRP CZ2  C Y N 332 
TRP CZ3  C Y N 333 
TRP CH2  C Y N 334 
TRP OXT  O N N 335 
TRP H    H N N 336 
TRP H2   H N N 337 
TRP HA   H N N 338 
TRP HB2  H N N 339 
TRP HB3  H N N 340 
TRP HD1  H N N 341 
TRP HE1  H N N 342 
TRP HE3  H N N 343 
TRP HZ2  H N N 344 
TRP HZ3  H N N 345 
TRP HH2  H N N 346 
TRP HXT  H N N 347 
TYR N    N N N 348 
TYR CA   C N S 349 
TYR C    C N N 350 
TYR O    O N N 351 
TYR CB   C N N 352 
TYR CG   C Y N 353 
TYR CD1  C Y N 354 
TYR CD2  C Y N 355 
TYR CE1  C Y N 356 
TYR CE2  C Y N 357 
TYR CZ   C Y N 358 
TYR OH   O N N 359 
TYR OXT  O N N 360 
TYR H    H N N 361 
TYR H2   H N N 362 
TYR HA   H N N 363 
TYR HB2  H N N 364 
TYR HB3  H N N 365 
TYR HD1  H N N 366 
TYR HD2  H N N 367 
TYR HE1  H N N 368 
TYR HE2  H N N 369 
TYR HH   H N N 370 
TYR HXT  H N N 371 
VAL N    N N N 372 
VAL CA   C N S 373 
VAL C    C N N 374 
VAL O    O N N 375 
VAL CB   C N N 376 
VAL CG1  C N N 377 
VAL CG2  C N N 378 
VAL OXT  O N N 379 
VAL H    H N N 380 
VAL H2   H N N 381 
VAL HA   H N N 382 
VAL HB   H N N 383 
VAL HG11 H N N 384 
VAL HG12 H N N 385 
VAL HG13 H N N 386 
VAL HG21 H N N 387 
VAL HG22 H N N 388 
VAL HG23 H N N 389 
VAL HXT  H N N 390 
# 
loop_
_chem_comp_bond.comp_id 
_chem_comp_bond.atom_id_1 
_chem_comp_bond.atom_id_2 
_chem_comp_bond.value_order 
_chem_comp_bond.pdbx_aromatic_flag 
_chem_comp_bond.pdbx_stereo_config 
_chem_comp_bond.pdbx_ordinal 
ALA N   CA   sing N N 1   
ALA N   H    sing N N 2   
ALA N   H2   sing N N 3   
ALA CA  C    sing N N 4   
ALA CA  CB   sing N N 5   
ALA CA  HA   sing N N 6   
ALA C   O    doub N N 7   
ALA C   OXT  sing N N 8   
ALA CB  HB1  sing N N 9   
ALA CB  HB2  sing N N 10  
ALA CB  HB3  sing N N 11  
ALA OXT HXT  sing N N 12  
ARG N   CA   sing N N 13  
ARG N   H    sing N N 14  
ARG N   H2   sing N N 15  
ARG CA  C    sing N N 16  
ARG CA  CB   sing N N 17  
ARG CA  HA   sing N N 18  
ARG C   O    doub N N 19  
ARG C   OXT  sing N N 20  
ARG CB  CG   sing N N 21  
ARG CB  HB2  sing N N 22  
ARG CB  HB3  sing N N 23  
ARG CG  CD   sing N N 24  
ARG CG  HG2  sing N N 25  
ARG CG  HG3  sing N N 26  
ARG CD  NE   sing N N 27  
ARG CD  HD2  sing N N 28  
ARG CD  HD3  sing N N 29  
ARG NE  CZ   sing N N 30  
ARG NE  HE   sing N N 31  
ARG CZ  NH1  sing N N 32  
ARG CZ  NH2  doub N N 33  
ARG NH1 HH11 sing N N 34  
ARG NH1 HH12 sing N N 35  
ARG NH2 HH21 sing N N 36  
ARG NH2 HH22 sing N N 37  
ARG OXT HXT  sing N N 38  
ASN N   CA   sing N N 39  
ASN N   H    sing N N 40  
ASN N   H2   sing N N 41  
ASN CA  C    sing N N 42  
ASN CA  CB   sing N N 43  
ASN CA  HA   sing N N 44  
ASN C   O    doub N N 45  
ASN C   OXT  sing N N 46  
ASN CB  CG   sing N N 47  
ASN CB  HB2  sing N N 48  
ASN CB  HB3  sing N N 49  
ASN CG  OD1  doub N N 50  
ASN CG  ND2  sing N N 51  
ASN ND2 HD21 sing N N 52  
ASN ND2 HD22 sing N N 53  
ASN OXT HXT  sing N N 54  
ASP N   CA   sing N N 55  
ASP N   H    sing N N 56  
ASP N   H2   sing N N 57  
ASP CA  C    sing N N 58  
ASP CA  CB   sing N N 59  
ASP CA  HA   sing N N 60  
ASP C   O    doub N N 61  
ASP C   OXT  sing N N 62  
ASP CB  CG   sing N N 63  
ASP CB  HB2  sing N N 64  
ASP CB  HB3  sing N N 65  
ASP CG  OD1  doub N N 66  
ASP CG  OD2  sing N N 67  
ASP OD2 HD2  sing N N 68  
ASP OXT HXT  sing N N 69  
CYS N   CA   sing N N 70  
CYS N   H    sing N N 71  
CYS N   H2   sing N N 72  
CYS CA  C    sing N N 73  
CYS CA  CB   sing N N 74  
CYS CA  HA   sing N N 75  
CYS C   O    doub N N 76  
CYS C   OXT  sing N N 77  
CYS CB  SG   sing N N 78  
CYS CB  HB2  sing N N 79  
CYS CB  HB3  sing N N 80  
CYS SG  HG   sing N N 81  
CYS OXT HXT  sing N N 82  
GLN N   CA   sing N N 83  
GLN N   H    sing N N 84  
GLN N   H2   sing N N 85  
GLN CA  C    sing N N 86  
GLN CA  CB   sing N N 87  
GLN CA  HA   sing N N 88  
GLN C   O    doub N N 89  
GLN C   OXT  sing N N 90  
GLN CB  CG   sing N N 91  
GLN CB  HB2  sing N N 92  
GLN CB  HB3  sing N N 93  
GLN CG  CD   sing N N 94  
GLN CG  HG2  sing N N 95  
GLN CG  HG3  sing N N 96  
GLN CD  OE1  doub N N 97  
GLN CD  NE2  sing N N 98  
GLN NE2 HE21 sing N N 99  
GLN NE2 HE22 sing N N 100 
GLN OXT HXT  sing N N 101 
GLU N   CA   sing N N 102 
GLU N   H    sing N N 103 
GLU N   H2   sing N N 104 
GLU CA  C    sing N N 105 
GLU CA  CB   sing N N 106 
GLU CA  HA   sing N N 107 
GLU C   O    doub N N 108 
GLU C   OXT  sing N N 109 
GLU CB  CG   sing N N 110 
GLU CB  HB2  sing N N 111 
GLU CB  HB3  sing N N 112 
GLU CG  CD   sing N N 113 
GLU CG  HG2  sing N N 114 
GLU CG  HG3  sing N N 115 
GLU CD  OE1  doub N N 116 
GLU CD  OE2  sing N N 117 
GLU OE2 HE2  sing N N 118 
GLU OXT HXT  sing N N 119 
GLY N   CA   sing N N 120 
GLY N   H    sing N N 121 
GLY N   H2   sing N N 122 
GLY CA  C    sing N N 123 
GLY CA  HA2  sing N N 124 
GLY CA  HA3  sing N N 125 
GLY C   O    doub N N 126 
GLY C   OXT  sing N N 127 
GLY OXT HXT  sing N N 128 
HIS N   CA   sing N N 129 
HIS N   H    sing N N 130 
HIS N   H2   sing N N 131 
HIS CA  C    sing N N 132 
HIS CA  CB   sing N N 133 
HIS CA  HA   sing N N 134 
HIS C   O    doub N N 135 
HIS C   OXT  sing N N 136 
HIS CB  CG   sing N N 137 
HIS CB  HB2  sing N N 138 
HIS CB  HB3  sing N N 139 
HIS CG  ND1  sing Y N 140 
HIS CG  CD2  doub Y N 141 
HIS ND1 CE1  doub Y N 142 
HIS ND1 HD1  sing N N 143 
HIS CD2 NE2  sing Y N 144 
HIS CD2 HD2  sing N N 145 
HIS CE1 NE2  sing Y N 146 
HIS CE1 HE1  sing N N 147 
HIS NE2 HE2  sing N N 148 
HIS OXT HXT  sing N N 149 
HOH O   H1   sing N N 150 
HOH O   H2   sing N N 151 
ILE N   CA   sing N N 152 
ILE N   H    sing N N 153 
ILE N   H2   sing N N 154 
ILE CA  C    sing N N 155 
ILE CA  CB   sing N N 156 
ILE CA  HA   sing N N 157 
ILE C   O    doub N N 158 
ILE C   OXT  sing N N 159 
ILE CB  CG1  sing N N 160 
ILE CB  CG2  sing N N 161 
ILE CB  HB   sing N N 162 
ILE CG1 CD1  sing N N 163 
ILE CG1 HG12 sing N N 164 
ILE CG1 HG13 sing N N 165 
ILE CG2 HG21 sing N N 166 
ILE CG2 HG22 sing N N 167 
ILE CG2 HG23 sing N N 168 
ILE CD1 HD11 sing N N 169 
ILE CD1 HD12 sing N N 170 
ILE CD1 HD13 sing N N 171 
ILE OXT HXT  sing N N 172 
LEU N   CA   sing N N 173 
LEU N   H    sing N N 174 
LEU N   H2   sing N N 175 
LEU CA  C    sing N N 176 
LEU CA  CB   sing N N 177 
LEU CA  HA   sing N N 178 
LEU C   O    doub N N 179 
LEU C   OXT  sing N N 180 
LEU CB  CG   sing N N 181 
LEU CB  HB2  sing N N 182 
LEU CB  HB3  sing N N 183 
LEU CG  CD1  sing N N 184 
LEU CG  CD2  sing N N 185 
LEU CG  HG   sing N N 186 
LEU CD1 HD11 sing N N 187 
LEU CD1 HD12 sing N N 188 
LEU CD1 HD13 sing N N 189 
LEU CD2 HD21 sing N N 190 
LEU CD2 HD22 sing N N 191 
LEU CD2 HD23 sing N N 192 
LEU OXT HXT  sing N N 193 
LYS N   CA   sing N N 194 
LYS N   H    sing N N 195 
LYS N   H2   sing N N 196 
LYS CA  C    sing N N 197 
LYS CA  CB   sing N N 198 
LYS CA  HA   sing N N 199 
LYS C   O    doub N N 200 
LYS C   OXT  sing N N 201 
LYS CB  CG   sing N N 202 
LYS CB  HB2  sing N N 203 
LYS CB  HB3  sing N N 204 
LYS CG  CD   sing N N 205 
LYS CG  HG2  sing N N 206 
LYS CG  HG3  sing N N 207 
LYS CD  CE   sing N N 208 
LYS CD  HD2  sing N N 209 
LYS CD  HD3  sing N N 210 
LYS CE  NZ   sing N N 211 
LYS CE  HE2  sing N N 212 
LYS CE  HE3  sing N N 213 
LYS NZ  HZ1  sing N N 214 
LYS NZ  HZ2  sing N N 215 
LYS NZ  HZ3  sing N N 216 
LYS OXT HXT  sing N N 217 
MET N   CA   sing N N 218 
MET N   H    sing N N 219 
MET N   H2   sing N N 220 
MET CA  C    sing N N 221 
MET CA  CB   sing N N 222 
MET CA  HA   sing N N 223 
MET C   O    doub N N 224 
MET C   OXT  sing N N 225 
MET CB  CG   sing N N 226 
MET CB  HB2  sing N N 227 
MET CB  HB3  sing N N 228 
MET CG  SD   sing N N 229 
MET CG  HG2  sing N N 230 
MET CG  HG3  sing N N 231 
MET SD  CE   sing N N 232 
MET CE  HE1  sing N N 233 
MET CE  HE2  sing N N 234 
MET CE  HE3  sing N N 235 
MET OXT HXT  sing N N 236 
PHE N   CA   sing N N 237 
PHE N   H    sing N N 238 
PHE N   H2   sing N N 239 
PHE CA  C    sing N N 240 
PHE CA  CB   sing N N 241 
PHE CA  HA   sing N N 242 
PHE C   O    doub N N 243 
PHE C   OXT  sing N N 244 
PHE CB  CG   sing N N 245 
PHE CB  HB2  sing N N 246 
PHE CB  HB3  sing N N 247 
PHE CG  CD1  doub Y N 248 
PHE CG  CD2  sing Y N 249 
PHE CD1 CE1  sing Y N 250 
PHE CD1 HD1  sing N N 251 
PHE CD2 CE2  doub Y N 252 
PHE CD2 HD2  sing N N 253 
PHE CE1 CZ   doub Y N 254 
PHE CE1 HE1  sing N N 255 
PHE CE2 CZ   sing Y N 256 
PHE CE2 HE2  sing N N 257 
PHE CZ  HZ   sing N N 258 
PHE OXT HXT  sing N N 259 
PRO N   CA   sing N N 260 
PRO N   CD   sing N N 261 
PRO N   H    sing N N 262 
PRO CA  C    sing N N 263 
PRO CA  CB   sing N N 264 
PRO CA  HA   sing N N 265 
PRO C   O    doub N N 266 
PRO C   OXT  sing N N 267 
PRO CB  CG   sing N N 268 
PRO CB  HB2  sing N N 269 
PRO CB  HB3  sing N N 270 
PRO CG  CD   sing N N 271 
PRO CG  HG2  sing N N 272 
PRO CG  HG3  sing N N 273 
PRO CD  HD2  sing N N 274 
PRO CD  HD3  sing N N 275 
PRO OXT HXT  sing N N 276 
SER N   CA   sing N N 277 
SER N   H    sing N N 278 
SER N   H2   sing N N 279 
SER CA  C    sing N N 280 
SER CA  CB   sing N N 281 
SER CA  HA   sing N N 282 
SER C   O    doub N N 283 
SER C   OXT  sing N N 284 
SER CB  OG   sing N N 285 
SER CB  HB2  sing N N 286 
SER CB  HB3  sing N N 287 
SER OG  HG   sing N N 288 
SER OXT HXT  sing N N 289 
THR N   CA   sing N N 290 
THR N   H    sing N N 291 
THR N   H2   sing N N 292 
THR CA  C    sing N N 293 
THR CA  CB   sing N N 294 
THR CA  HA   sing N N 295 
THR C   O    doub N N 296 
THR C   OXT  sing N N 297 
THR CB  OG1  sing N N 298 
THR CB  CG2  sing N N 299 
THR CB  HB   sing N N 300 
THR OG1 HG1  sing N N 301 
THR CG2 HG21 sing N N 302 
THR CG2 HG22 sing N N 303 
THR CG2 HG23 sing N N 304 
THR OXT HXT  sing N N 305 
TRP N   CA   sing N N 306 
TRP N   H    sing N N 307 
TRP N   H2   sing N N 308 
TRP CA  C    sing N N 309 
TRP CA  CB   sing N N 310 
TRP CA  HA   sing N N 311 
TRP C   O    doub N N 312 
TRP C   OXT  sing N N 313 
TRP CB  CG   sing N N 314 
TRP CB  HB2  sing N N 315 
TRP CB  HB3  sing N N 316 
TRP CG  CD1  doub Y N 317 
TRP CG  CD2  sing Y N 318 
TRP CD1 NE1  sing Y N 319 
TRP CD1 HD1  sing N N 320 
TRP CD2 CE2  doub Y N 321 
TRP CD2 CE3  sing Y N 322 
TRP NE1 CE2  sing Y N 323 
TRP NE1 HE1  sing N N 324 
TRP CE2 CZ2  sing Y N 325 
TRP CE3 CZ3  doub Y N 326 
TRP CE3 HE3  sing N N 327 
TRP CZ2 CH2  doub Y N 328 
TRP CZ2 HZ2  sing N N 329 
TRP CZ3 CH2  sing Y N 330 
TRP CZ3 HZ3  sing N N 331 
TRP CH2 HH2  sing N N 332 
TRP OXT HXT  sing N N 333 
TYR N   CA   sing N N 334 
TYR N   H    sing N N 335 
TYR N   H2   sing N N 336 
TYR CA  C    sing N N 337 
TYR CA  CB   sing N N 338 
TYR CA  HA   sing N N 339 
TYR C   O    doub N N 340 
TYR C   OXT  sing N N 341 
TYR CB  CG   sing N N 342 
TYR CB  HB2  sing N N 343 
TYR CB  HB3  sing N N 344 
TYR CG  CD1  doub Y N 345 
TYR CG  CD2  sing Y N 346 
TYR CD1 CE1  sing Y N 347 
TYR CD1 HD1  sing N N 348 
TYR CD2 CE2  doub Y N 349 
TYR CD2 HD2  sing N N 350 
TYR CE1 CZ   doub Y N 351 
TYR CE1 HE1  sing N N 352 
TYR CE2 CZ   sing Y N 353 
TYR CE2 HE2  sing N N 354 
TYR CZ  OH   sing N N 355 
TYR OH  HH   sing N N 356 
TYR OXT HXT  sing N N 357 
VAL N   CA   sing N N 358 
VAL N   H    sing N N 359 
VAL N   H2   sing N N 360 
VAL CA  C    sing N N 361 
VAL CA  CB   sing N N 362 
VAL CA  HA   sing N N 363 
VAL C   O    doub N N 364 
VAL C   OXT  sing N N 365 
VAL CB  CG1  sing N N 366 
VAL CB  CG2  sing N N 367 
VAL CB  HB   sing N N 368 
VAL CG1 HG11 sing N N 369 
VAL CG1 HG12 sing N N 370 
VAL CG1 HG13 sing N N 371 
VAL CG2 HG21 sing N N 372 
VAL CG2 HG22 sing N N 373 
VAL CG2 HG23 sing N N 374 
VAL OXT HXT  sing N N 375 
# 
_pdbx_entity_nonpoly.entity_id   2 
_pdbx_entity_nonpoly.name        water 
_pdbx_entity_nonpoly.comp_id     HOH 
# 
_pdbx_initial_refinement_model.id               1 
_pdbx_initial_refinement_model.entity_id_list   ? 
_pdbx_initial_refinement_model.type             'experimental model' 
_pdbx_initial_refinement_model.source_name      PDB 
_pdbx_initial_refinement_model.accession_code   4LS4 
_pdbx_initial_refinement_model.details          ? 
# 
